data_4O5H
#
_entry.id   4O5H
#
_cell.length_a   112.620
_cell.length_b   150.070
_cell.length_c   345.910
_cell.angle_alpha   90.000
_cell.angle_beta   90.000
_cell.angle_gamma   90.000
#
_symmetry.space_group_name_H-M   'C 2 2 21'
#
loop_
_entity.id
_entity.type
_entity.pdbx_description
1 polymer 'Phenylacetaldehyde dehydrogenase'
2 non-polymer GLYCEROL
3 non-polymer 1,2-ETHANEDIOL
4 non-polymer 'SODIUM ION'
5 water water
#
_entity_poly.entity_id   1
_entity_poly.type   'polypeptide(L)'
_entity_poly.pdbx_seq_one_letter_code
;AHHHHHHMVNMETNETFALLDATRAFLAKPKQMLIGAEWSDAASGRQLDVVNPADGTVIARVPEADERDVQQAVAAARRA
FDAGPWRTAKTTDRERLMLVLADLIEANARELAEIESLDNGKPVMVAQGLDVAMAAQCFRYMAGWATKIEGSVIDAGMPY
LPDSEIFAYTRKEPVGVVGAIIPWNFPLLMAAWKIAPALATGCTVVLKPAEDTPLSALRLGELIQAAGFPDGVVNIVTGY
GHTAGAALSRDPRIDKIAFTGSTQTGKTIGHAALDNMTRMSLELGGKSPVIVLPDVDLDKAAQGVANAIFFNQGQVCTAG
SRAYIHSKVFDGVIERVAKIAASLKIGPGMDPATQIGPLVSAKQRERVCGYIDSGFGEGARAAAGGRAIDGPGFFVEPTV
LVDTTQAMRVVREEIFGPVLVAMPFDDVDTAVQLANDTPYGLGASIWSNDLSAIHKLVPRIAAGTVWVNCHSLLDNALPF
GGMKQSGFGRELGRAVIDQYTESKSVMMNYA
;
_entity_poly.pdbx_strand_id   A,B,C,D
#
loop_
_chem_comp.id
_chem_comp.type
_chem_comp.name
_chem_comp.formula
EDO non-polymer 1,2-ETHANEDIOL 'C2 H6 O2'
GOL non-polymer GLYCEROL 'C3 H8 O3'
NA non-polymer 'SODIUM ION' 'Na 1'
#
# COMPACT_ATOMS: atom_id res chain seq x y z
N ALA A 1 15.16 9.43 -78.71
CA ALA A 1 13.88 8.96 -78.11
C ALA A 1 13.77 9.50 -76.71
N HIS A 2 12.58 9.41 -76.14
CA HIS A 2 12.37 9.82 -74.79
C HIS A 2 12.32 8.60 -73.89
N HIS A 3 12.87 8.72 -72.70
CA HIS A 3 12.83 7.64 -71.65
CA HIS A 3 12.86 7.62 -71.77
C HIS A 3 11.37 7.37 -71.29
N HIS A 4 10.98 6.10 -71.24
CA HIS A 4 9.67 5.67 -70.79
C HIS A 4 9.87 4.67 -69.66
N HIS A 5 9.25 4.93 -68.51
CA HIS A 5 9.47 4.16 -67.30
C HIS A 5 8.25 3.35 -66.95
N HIS A 6 8.47 2.12 -66.49
CA HIS A 6 7.42 1.25 -66.04
C HIS A 6 7.76 0.73 -64.64
N HIS A 7 7.01 1.16 -63.63
CA HIS A 7 7.14 0.61 -62.28
C HIS A 7 6.56 -0.81 -62.26
N MET A 8 7.40 -1.78 -61.95
CA MET A 8 6.91 -3.17 -61.96
C MET A 8 6.02 -3.48 -60.76
N VAL A 9 4.72 -3.59 -61.01
CA VAL A 9 3.72 -3.91 -60.01
C VAL A 9 2.73 -4.93 -60.61
N ASN A 10 2.59 -6.10 -60.03
CA ASN A 10 1.47 -6.97 -60.44
C ASN A 10 0.60 -7.31 -59.26
N MET A 11 -0.39 -6.44 -59.02
CA MET A 11 -1.46 -6.71 -58.06
C MET A 11 -2.29 -7.93 -58.55
N GLU A 12 -2.30 -8.14 -59.87
CA GLU A 12 -3.12 -9.17 -60.54
C GLU A 12 -2.71 -10.63 -60.20
N THR A 13 -1.40 -10.91 -60.13
CA THR A 13 -0.90 -12.25 -59.79
C THR A 13 -0.63 -12.33 -58.27
N ASN A 14 -0.81 -11.22 -57.54
CA ASN A 14 -0.65 -11.15 -56.08
C ASN A 14 -1.49 -12.19 -55.29
N GLU A 15 -0.84 -12.87 -54.34
CA GLU A 15 -1.46 -13.98 -53.59
C GLU A 15 -2.47 -13.49 -52.57
N THR A 16 -3.48 -14.32 -52.27
CA THR A 16 -4.51 -13.99 -51.30
C THR A 16 -4.54 -15.02 -50.17
N PHE A 17 -5.12 -14.64 -49.05
CA PHE A 17 -5.06 -15.44 -47.82
C PHE A 17 -6.45 -15.59 -47.26
N ALA A 18 -6.78 -16.76 -46.73
CA ALA A 18 -8.16 -17.04 -46.34
C ALA A 18 -8.54 -16.22 -45.13
N LEU A 19 -9.81 -15.90 -45.01
CA LEU A 19 -10.33 -15.19 -43.88
C LEU A 19 -11.42 -16.02 -43.28
N LEU A 20 -11.63 -15.88 -41.97
CA LEU A 20 -12.76 -16.54 -41.35
C LEU A 20 -14.04 -16.01 -41.97
N ASP A 21 -15.05 -16.87 -42.01
CA ASP A 21 -16.39 -16.44 -42.37
C ASP A 21 -16.85 -15.25 -41.52
N ALA A 22 -16.58 -15.28 -40.22
CA ALA A 22 -17.04 -14.21 -39.34
C ALA A 22 -16.42 -12.86 -39.76
N THR A 23 -15.15 -12.89 -40.11
CA THR A 23 -14.39 -11.72 -40.50
C THR A 23 -15.02 -11.15 -41.76
N ARG A 24 -15.31 -12.02 -42.72
CA ARG A 24 -15.94 -11.60 -43.97
CA ARG A 24 -15.94 -11.60 -43.97
C ARG A 24 -17.32 -10.97 -43.70
N ALA A 25 -18.10 -11.59 -42.85
CA ALA A 25 -19.43 -11.06 -42.52
C ALA A 25 -19.33 -9.69 -41.86
N PHE A 26 -18.37 -9.53 -40.95
CA PHE A 26 -18.22 -8.25 -40.30
C PHE A 26 -17.85 -7.19 -41.32
N LEU A 27 -16.92 -7.51 -42.21
CA LEU A 27 -16.54 -6.54 -43.24
C LEU A 27 -17.67 -6.17 -44.20
N ALA A 28 -18.47 -7.14 -44.57
CA ALA A 28 -19.53 -6.90 -45.55
C ALA A 28 -20.68 -6.05 -45.01
N LYS A 29 -20.99 -6.11 -43.73
CA LYS A 29 -22.21 -5.46 -43.25
C LYS A 29 -22.01 -3.97 -42.96
N PRO A 30 -23.09 -3.20 -42.96
CA PRO A 30 -23.01 -1.77 -42.65
C PRO A 30 -22.52 -1.49 -41.24
N LYS A 31 -21.62 -0.53 -41.08
CA LYS A 31 -20.99 -0.22 -39.77
C LYS A 31 -21.66 1.00 -39.21
N GLN A 32 -21.82 0.99 -37.89
CA GLN A 32 -22.39 2.12 -37.17
C GLN A 32 -21.61 2.42 -35.89
N MET A 33 -21.82 3.61 -35.34
CA MET A 33 -21.30 3.98 -34.03
C MET A 33 -22.19 3.41 -32.93
N LEU A 34 -21.65 3.29 -31.72
CA LEU A 34 -22.44 2.89 -30.56
C LEU A 34 -22.68 4.09 -29.67
N ILE A 35 -23.90 4.59 -29.67
CA ILE A 35 -24.23 5.80 -28.94
C ILE A 35 -25.40 5.50 -28.03
N GLY A 36 -25.10 5.38 -26.74
CA GLY A 36 -26.11 4.98 -25.78
C GLY A 36 -26.66 3.59 -26.14
N ALA A 37 -28.00 3.47 -26.14
CA ALA A 37 -28.66 2.22 -26.44
C ALA A 37 -28.76 1.91 -27.94
N GLU A 38 -28.26 2.76 -28.82
CA GLU A 38 -28.40 2.53 -30.26
C GLU A 38 -27.12 2.46 -31.03
N TRP A 39 -27.09 1.59 -32.04
CA TRP A 39 -26.14 1.68 -33.11
C TRP A 39 -26.63 2.73 -34.12
N SER A 40 -25.79 3.70 -34.44
CA SER A 40 -26.22 4.90 -35.13
C SER A 40 -25.27 5.34 -36.22
N ASP A 41 -25.83 5.89 -37.29
CA ASP A 41 -25.02 6.64 -38.23
C ASP A 41 -24.76 8.01 -37.69
N ALA A 42 -23.90 8.77 -38.35
CA ALA A 42 -23.72 10.17 -38.03
C ALA A 42 -24.99 10.93 -38.40
N ALA A 43 -25.29 12.02 -37.67
CA ALA A 43 -26.43 12.86 -38.00
C ALA A 43 -26.37 13.29 -39.46
N SER A 44 -25.16 13.56 -39.96
CA SER A 44 -25.01 14.07 -41.32
C SER A 44 -25.19 12.97 -42.38
N GLY A 45 -25.20 11.71 -41.97
CA GLY A 45 -25.03 10.64 -42.92
C GLY A 45 -23.59 10.43 -43.47
N ARG A 46 -22.62 11.29 -43.18
CA ARG A 46 -21.31 11.16 -43.80
C ARG A 46 -20.56 9.94 -43.30
N GLN A 47 -19.70 9.41 -44.17
CA GLN A 47 -18.89 8.27 -43.83
C GLN A 47 -17.45 8.47 -44.22
N LEU A 48 -16.57 7.74 -43.59
CA LEU A 48 -15.20 7.70 -44.09
C LEU A 48 -14.74 6.31 -44.44
N ASP A 49 -13.85 6.24 -45.42
CA ASP A 49 -13.31 4.98 -45.91
C ASP A 49 -12.33 4.34 -44.96
N VAL A 50 -12.41 3.02 -44.88
CA VAL A 50 -11.42 2.23 -44.22
C VAL A 50 -10.60 1.51 -45.29
N VAL A 51 -9.30 1.69 -45.23
CA VAL A 51 -8.36 1.25 -46.23
C VAL A 51 -7.43 0.15 -45.69
N ASN A 52 -7.25 -0.90 -46.48
CA ASN A 52 -6.29 -1.96 -46.17
C ASN A 52 -4.94 -1.48 -46.63
N PRO A 53 -4.04 -1.21 -45.68
CA PRO A 53 -2.74 -0.64 -46.08
C PRO A 53 -1.81 -1.55 -46.87
N ALA A 54 -2.12 -2.84 -46.95
CA ALA A 54 -1.34 -3.73 -47.78
C ALA A 54 -1.57 -3.49 -49.27
N ASP A 55 -2.75 -3.03 -49.65
CA ASP A 55 -3.02 -2.81 -51.07
C ASP A 55 -3.73 -1.52 -51.41
N GLY A 56 -3.97 -0.69 -50.42
CA GLY A 56 -4.58 0.60 -50.69
C GLY A 56 -6.07 0.57 -51.01
N THR A 57 -6.72 -0.60 -50.90
CA THR A 57 -8.15 -0.70 -51.28
C THR A 57 -9.06 -0.41 -50.11
N VAL A 58 -10.28 0.02 -50.43
CA VAL A 58 -11.27 0.27 -49.42
C VAL A 58 -11.93 -1.05 -48.99
N ILE A 59 -11.94 -1.37 -47.72
CA ILE A 59 -12.53 -2.60 -47.23
C ILE A 59 -13.84 -2.38 -46.46
N ALA A 60 -14.12 -1.15 -46.06
CA ALA A 60 -15.26 -0.83 -45.24
C ALA A 60 -15.45 0.67 -45.25
N ARG A 61 -16.57 1.10 -44.70
CA ARG A 61 -16.84 2.50 -44.42
C ARG A 61 -17.47 2.62 -43.04
N VAL A 62 -17.10 3.67 -42.32
CA VAL A 62 -17.66 3.91 -40.97
C VAL A 62 -18.20 5.34 -40.90
N PRO A 63 -19.07 5.62 -39.90
CA PRO A 63 -19.53 6.98 -39.77
C PRO A 63 -18.43 7.99 -39.52
N GLU A 64 -18.62 9.18 -40.09
CA GLU A 64 -17.79 10.33 -39.84
C GLU A 64 -18.53 11.30 -38.89
N ALA A 65 -18.27 11.16 -37.59
CA ALA A 65 -19.00 11.91 -36.55
C ALA A 65 -18.58 13.35 -36.51
N ASP A 66 -19.51 14.25 -36.25
CA ASP A 66 -19.18 15.63 -35.93
C ASP A 66 -19.48 15.89 -34.45
N GLU A 67 -19.41 17.15 -34.07
CA GLU A 67 -19.63 17.58 -32.71
C GLU A 67 -21.01 17.15 -32.16
N ARG A 68 -22.03 17.13 -33.02
CA ARG A 68 -23.39 16.74 -32.59
C ARG A 68 -23.39 15.31 -32.11
N ASP A 69 -22.74 14.44 -32.88
CA ASP A 69 -22.72 13.02 -32.53
C ASP A 69 -21.92 12.80 -31.23
N VAL A 70 -20.82 13.50 -31.11
CA VAL A 70 -19.96 13.38 -29.91
C VAL A 70 -20.74 13.85 -28.68
N GLN A 71 -21.42 14.99 -28.81
CA GLN A 71 -22.27 15.48 -27.72
C GLN A 71 -23.34 14.48 -27.31
N GLN A 72 -23.95 13.78 -28.27
CA GLN A 72 -24.92 12.71 -27.93
C GLN A 72 -24.29 11.58 -27.15
N ALA A 73 -23.11 11.16 -27.56
CA ALA A 73 -22.38 10.11 -26.86
C ALA A 73 -22.03 10.49 -25.41
N VAL A 74 -21.57 11.73 -25.24
CA VAL A 74 -21.26 12.25 -23.93
C VAL A 74 -22.52 12.31 -23.08
N ALA A 75 -23.64 12.76 -23.67
CA ALA A 75 -24.91 12.79 -22.95
C ALA A 75 -25.30 11.39 -22.46
N ALA A 76 -25.07 10.36 -23.29
CA ALA A 76 -25.39 8.99 -22.91
C ALA A 76 -24.50 8.51 -21.77
N ALA A 77 -23.19 8.79 -21.88
CA ALA A 77 -22.26 8.37 -20.86
C ALA A 77 -22.56 9.05 -19.53
N ARG A 78 -22.90 10.32 -19.58
CA ARG A 78 -23.36 11.05 -18.40
C ARG A 78 -24.55 10.39 -17.77
N ARG A 79 -25.57 10.11 -18.56
CA ARG A 79 -26.82 9.49 -18.05
C ARG A 79 -26.51 8.14 -17.40
N ALA A 80 -25.66 7.36 -18.04
CA ALA A 80 -25.33 6.00 -17.52
C ALA A 80 -24.60 6.09 -16.19
N PHE A 81 -23.83 7.14 -16.01
CA PHE A 81 -23.07 7.31 -14.75
C PHE A 81 -23.92 7.93 -13.67
N ASP A 82 -24.73 8.89 -14.06
CA ASP A 82 -25.52 9.69 -13.11
C ASP A 82 -26.78 9.01 -12.60
N ALA A 83 -27.35 8.14 -13.41
CA ALA A 83 -28.64 7.54 -13.08
C ALA A 83 -28.85 6.08 -13.46
N GLY A 84 -28.16 5.53 -14.42
CA GLY A 84 -28.50 4.14 -14.75
C GLY A 84 -28.20 3.07 -13.68
N PRO A 85 -28.50 1.79 -13.98
CA PRO A 85 -28.00 0.65 -13.18
C PRO A 85 -26.49 0.56 -12.96
N TRP A 86 -25.69 1.12 -13.85
CA TRP A 86 -24.25 1.14 -13.64
C TRP A 86 -23.88 1.90 -12.39
N ARG A 87 -24.66 2.93 -12.06
CA ARG A 87 -24.40 3.70 -10.84
C ARG A 87 -24.50 2.86 -9.58
N THR A 88 -25.43 1.94 -9.52
CA THR A 88 -25.63 1.16 -8.31
C THR A 88 -25.12 -0.28 -8.41
N ALA A 89 -24.44 -0.61 -9.50
CA ALA A 89 -23.87 -1.93 -9.66
C ALA A 89 -22.88 -2.23 -8.49
N LYS A 90 -22.89 -3.48 -8.04
CA LYS A 90 -21.96 -3.91 -7.02
C LYS A 90 -20.56 -4.04 -7.65
N THR A 91 -19.51 -3.89 -6.85
CA THR A 91 -18.17 -4.19 -7.29
C THR A 91 -18.10 -5.56 -7.98
N THR A 92 -18.78 -6.54 -7.41
CA THR A 92 -18.84 -7.88 -7.97
C THR A 92 -19.57 -7.96 -9.31
N ASP A 93 -20.51 -7.06 -9.56
CA ASP A 93 -21.16 -7.00 -10.88
C ASP A 93 -20.17 -6.52 -11.95
N ARG A 94 -19.42 -5.47 -11.63
CA ARG A 94 -18.45 -4.95 -12.57
CA ARG A 94 -18.45 -4.95 -12.57
C ARG A 94 -17.38 -6.02 -12.88
N GLU A 95 -16.93 -6.70 -11.84
CA GLU A 95 -15.96 -7.76 -11.95
C GLU A 95 -16.47 -8.85 -12.89
N ARG A 96 -17.70 -9.29 -12.66
CA ARG A 96 -18.28 -10.39 -13.42
C ARG A 96 -18.35 -10.04 -14.90
N LEU A 97 -18.87 -8.86 -15.18
CA LEU A 97 -19.07 -8.43 -16.57
C LEU A 97 -17.72 -8.32 -17.32
N MET A 98 -16.73 -7.76 -16.65
CA MET A 98 -15.40 -7.62 -17.25
C MET A 98 -14.81 -8.98 -17.54
N LEU A 99 -15.00 -9.96 -16.63
CA LEU A 99 -14.47 -11.30 -16.86
C LEU A 99 -15.10 -12.00 -18.05
N VAL A 100 -16.40 -11.82 -18.20
CA VAL A 100 -17.13 -12.31 -19.36
C VAL A 100 -16.58 -11.68 -20.64
N LEU A 101 -16.32 -10.39 -20.62
CA LEU A 101 -15.78 -9.72 -21.79
C LEU A 101 -14.40 -10.25 -22.16
N ALA A 102 -13.54 -10.48 -21.17
CA ALA A 102 -12.23 -11.06 -21.48
C ALA A 102 -12.35 -12.43 -22.16
N ASP A 103 -13.25 -13.28 -21.67
CA ASP A 103 -13.49 -14.57 -22.34
C ASP A 103 -14.01 -14.42 -23.77
N LEU A 104 -14.93 -13.48 -23.98
CA LEU A 104 -15.47 -13.24 -25.31
C LEU A 104 -14.39 -12.79 -26.29
N ILE A 105 -13.44 -11.98 -25.83
CA ILE A 105 -12.33 -11.54 -26.67
C ILE A 105 -11.48 -12.77 -27.08
N GLU A 106 -11.12 -13.58 -26.09
CA GLU A 106 -10.39 -14.79 -26.33
C GLU A 106 -11.14 -15.76 -27.25
N ALA A 107 -12.46 -15.86 -27.08
CA ALA A 107 -13.25 -16.79 -27.91
C ALA A 107 -13.25 -16.35 -29.37
N ASN A 108 -13.08 -15.05 -29.61
CA ASN A 108 -13.15 -14.51 -30.95
C ASN A 108 -11.81 -13.91 -31.38
N ALA A 109 -10.73 -14.47 -30.87
CA ALA A 109 -9.40 -13.91 -31.04
C ALA A 109 -8.89 -13.92 -32.48
N ARG A 110 -9.12 -14.99 -33.23
CA ARG A 110 -8.63 -15.01 -34.63
C ARG A 110 -9.34 -13.96 -35.50
N GLU A 111 -10.67 -13.85 -35.35
CA GLU A 111 -11.39 -12.84 -36.08
C GLU A 111 -10.90 -11.42 -35.75
N LEU A 112 -10.73 -11.13 -34.48
CA LEU A 112 -10.21 -9.83 -34.07
C LEU A 112 -8.84 -9.57 -34.64
N ALA A 113 -8.00 -10.59 -34.67
CA ALA A 113 -6.66 -10.46 -35.25
C ALA A 113 -6.70 -10.19 -36.74
N GLU A 114 -7.58 -10.87 -37.45
CA GLU A 114 -7.73 -10.64 -38.90
C GLU A 114 -8.23 -9.20 -39.17
N ILE A 115 -9.21 -8.76 -38.40
CA ILE A 115 -9.73 -7.42 -38.58
C ILE A 115 -8.60 -6.45 -38.35
N GLU A 116 -7.85 -6.66 -37.27
CA GLU A 116 -6.78 -5.75 -36.93
C GLU A 116 -5.70 -5.74 -38.00
N SER A 117 -5.35 -6.92 -38.51
CA SER A 117 -4.33 -7.02 -39.55
C SER A 117 -4.79 -6.30 -40.84
N LEU A 118 -6.05 -6.49 -41.21
CA LEU A 118 -6.56 -5.85 -42.42
C LEU A 118 -6.63 -4.32 -42.30
N ASP A 119 -6.98 -3.84 -41.13
CA ASP A 119 -7.27 -2.42 -40.92
C ASP A 119 -5.99 -1.66 -40.63
N ASN A 120 -5.16 -2.22 -39.78
CA ASN A 120 -3.90 -1.58 -39.31
C ASN A 120 -2.69 -1.95 -40.17
N GLY A 121 -2.66 -3.19 -40.64
CA GLY A 121 -1.58 -3.68 -41.50
C GLY A 121 -0.58 -4.65 -40.87
N LYS A 122 -0.55 -4.70 -39.54
CA LYS A 122 0.40 -5.54 -38.84
C LYS A 122 0.19 -7.06 -39.11
N PRO A 123 1.27 -7.84 -38.93
CA PRO A 123 1.13 -9.30 -39.13
C PRO A 123 0.03 -9.90 -38.25
N VAL A 124 -0.85 -10.68 -38.88
CA VAL A 124 -1.96 -11.28 -38.20
C VAL A 124 -1.50 -12.18 -37.03
N MET A 125 -0.37 -12.83 -37.18
CA MET A 125 0.10 -13.71 -36.10
C MET A 125 0.48 -12.90 -34.86
N VAL A 126 1.00 -11.69 -35.06
CA VAL A 126 1.41 -10.86 -33.95
C VAL A 126 0.18 -10.23 -33.34
N ALA A 127 -0.74 -9.75 -34.17
CA ALA A 127 -2.03 -9.24 -33.70
C ALA A 127 -2.73 -10.27 -32.80
N GLN A 128 -2.68 -11.54 -33.18
CA GLN A 128 -3.38 -12.57 -32.42
C GLN A 128 -2.66 -12.90 -31.11
N GLY A 129 -1.33 -13.13 -31.19
CA GLY A 129 -0.58 -13.55 -30.05
C GLY A 129 -0.19 -12.46 -29.07
N LEU A 130 -0.10 -11.23 -29.53
CA LEU A 130 0.19 -10.11 -28.65
C LEU A 130 -1.06 -9.21 -28.43
N ASP A 131 -1.47 -8.46 -29.45
CA ASP A 131 -2.51 -7.47 -29.29
C ASP A 131 -3.79 -8.06 -28.68
N VAL A 132 -4.34 -9.09 -29.33
CA VAL A 132 -5.67 -9.58 -28.90
C VAL A 132 -5.54 -10.29 -27.53
N ALA A 133 -4.51 -11.10 -27.37
CA ALA A 133 -4.29 -11.83 -26.10
C ALA A 133 -4.12 -10.82 -24.95
N MET A 134 -3.35 -9.77 -25.16
CA MET A 134 -3.13 -8.80 -24.10
C MET A 134 -4.30 -7.84 -23.88
N ALA A 135 -5.13 -7.64 -24.90
CA ALA A 135 -6.38 -6.90 -24.72
C ALA A 135 -7.29 -7.66 -23.77
N ALA A 136 -7.45 -8.94 -24.04
CA ALA A 136 -8.23 -9.79 -23.15
C ALA A 136 -7.67 -9.82 -21.73
N GLN A 137 -6.36 -9.99 -21.61
CA GLN A 137 -5.77 -10.04 -20.29
C GLN A 137 -5.91 -8.71 -19.56
N CYS A 138 -5.89 -7.59 -20.28
CA CYS A 138 -6.07 -6.30 -19.64
C CYS A 138 -7.44 -6.22 -18.98
N PHE A 139 -8.51 -6.63 -19.71
CA PHE A 139 -9.82 -6.69 -19.09
C PHE A 139 -9.87 -7.65 -17.90
N ARG A 140 -9.22 -8.80 -18.01
CA ARG A 140 -9.25 -9.78 -16.91
C ARG A 140 -8.50 -9.24 -15.67
N TYR A 141 -7.28 -8.72 -15.91
CA TYR A 141 -6.45 -8.16 -14.82
C TYR A 141 -7.24 -7.05 -14.09
N MET A 142 -7.78 -6.11 -14.86
CA MET A 142 -8.53 -5.00 -14.25
C MET A 142 -9.83 -5.42 -13.58
N ALA A 143 -10.47 -6.45 -14.12
CA ALA A 143 -11.65 -7.03 -13.49
C ALA A 143 -11.37 -7.33 -12.03
N GLY A 144 -10.21 -7.88 -11.77
CA GLY A 144 -9.84 -8.22 -10.41
C GLY A 144 -9.64 -7.01 -9.52
N TRP A 145 -9.32 -5.83 -10.09
CA TRP A 145 -9.25 -4.62 -9.28
C TRP A 145 -10.61 -4.09 -8.88
N ALA A 146 -11.68 -4.48 -9.58
CA ALA A 146 -12.97 -3.92 -9.29
C ALA A 146 -13.40 -4.16 -7.85
N THR A 147 -12.98 -5.28 -7.25
CA THR A 147 -13.37 -5.60 -5.90
C THR A 147 -12.32 -5.23 -4.85
N LYS A 148 -11.22 -4.58 -5.26
CA LYS A 148 -10.06 -4.39 -4.41
C LYS A 148 -9.59 -2.94 -4.37
N ILE A 149 -10.46 -2.01 -4.70
CA ILE A 149 -10.10 -0.58 -4.62
C ILE A 149 -10.33 -0.16 -3.17
N GLU A 150 -9.28 0.29 -2.47
CA GLU A 150 -9.37 0.57 -1.05
C GLU A 150 -8.98 2.00 -0.73
N GLY A 151 -9.79 2.68 0.10
CA GLY A 151 -9.37 3.96 0.70
C GLY A 151 -8.59 3.70 1.98
N SER A 152 -8.28 4.76 2.72
CA SER A 152 -7.52 4.63 3.94
CA SER A 152 -7.51 4.68 3.95
C SER A 152 -8.27 5.19 5.15
N VAL A 153 -8.04 4.59 6.30
CA VAL A 153 -8.48 5.08 7.56
C VAL A 153 -7.29 5.71 8.26
N ILE A 154 -7.47 6.97 8.67
CA ILE A 154 -6.41 7.83 9.14
C ILE A 154 -6.58 8.04 10.63
N ASP A 155 -5.51 7.95 11.40
CA ASP A 155 -5.57 8.30 12.81
C ASP A 155 -5.04 9.73 12.92
N ALA A 156 -5.94 10.72 12.91
CA ALA A 156 -5.51 12.11 12.88
C ALA A 156 -4.97 12.59 14.23
N GLY A 157 -3.75 13.14 14.25
CA GLY A 157 -3.21 13.72 15.47
C GLY A 157 -4.05 14.85 16.07
N MET A 158 -4.55 15.73 15.19
CA MET A 158 -5.24 16.94 15.57
C MET A 158 -4.49 17.65 16.69
N PRO A 159 -3.21 17.98 16.49
CA PRO A 159 -2.40 18.49 17.61
C PRO A 159 -2.87 19.78 18.24
N TYR A 160 -3.54 20.62 17.47
CA TYR A 160 -4.10 21.89 17.97
C TYR A 160 -5.46 21.70 18.68
N LEU A 161 -6.03 20.50 18.70
CA LEU A 161 -7.36 20.27 19.26
C LEU A 161 -7.32 19.25 20.43
N PRO A 162 -7.45 19.73 21.68
CA PRO A 162 -7.36 18.81 22.83
C PRO A 162 -8.49 17.81 22.89
N ASP A 163 -8.20 16.59 23.35
CA ASP A 163 -9.23 15.55 23.49
C ASP A 163 -10.08 15.38 22.23
N SER A 164 -9.43 15.37 21.06
CA SER A 164 -10.14 15.28 19.80
C SER A 164 -10.83 13.93 19.66
N GLU A 165 -12.02 13.94 19.06
CA GLU A 165 -12.75 12.72 18.73
C GLU A 165 -13.14 12.84 17.26
N ILE A 166 -12.18 12.49 16.43
CA ILE A 166 -12.26 12.62 14.98
C ILE A 166 -12.14 11.24 14.34
N PHE A 167 -13.10 10.91 13.48
CA PHE A 167 -13.05 9.72 12.65
C PHE A 167 -12.80 10.20 11.23
N ALA A 168 -11.69 9.78 10.61
CA ALA A 168 -11.25 10.30 9.31
C ALA A 168 -10.76 9.20 8.36
N TYR A 169 -11.17 9.29 7.11
CA TYR A 169 -10.91 8.30 6.09
C TYR A 169 -11.00 8.88 4.71
N THR A 170 -10.51 8.14 3.72
CA THR A 170 -10.61 8.49 2.32
C THR A 170 -11.47 7.45 1.58
N ARG A 171 -12.22 7.92 0.61
CA ARG A 171 -13.00 7.11 -0.32
C ARG A 171 -12.45 7.30 -1.67
N LYS A 172 -12.44 6.25 -2.47
CA LYS A 172 -12.02 6.40 -3.83
C LYS A 172 -13.27 6.30 -4.68
N GLU A 173 -13.62 7.38 -5.37
CA GLU A 173 -14.82 7.39 -6.16
C GLU A 173 -14.40 7.34 -7.61
N PRO A 174 -15.25 6.80 -8.48
CA PRO A 174 -14.89 6.88 -9.92
C PRO A 174 -14.72 8.34 -10.34
N VAL A 175 -13.76 8.60 -11.21
CA VAL A 175 -13.55 10.00 -11.63
C VAL A 175 -14.81 10.50 -12.34
N GLY A 176 -15.52 9.60 -13.02
CA GLY A 176 -16.76 9.94 -13.70
C GLY A 176 -16.84 9.48 -15.15
N VAL A 177 -17.12 10.42 -16.04
CA VAL A 177 -17.18 10.15 -17.46
C VAL A 177 -15.80 10.39 -18.08
N VAL A 178 -15.30 9.40 -18.81
CA VAL A 178 -13.97 9.45 -19.39
C VAL A 178 -14.09 9.54 -20.90
N GLY A 179 -13.47 10.55 -21.47
CA GLY A 179 -13.23 10.60 -22.89
C GLY A 179 -11.87 9.98 -23.22
N ALA A 180 -11.85 9.00 -24.10
CA ALA A 180 -10.63 8.28 -24.45
C ALA A 180 -10.35 8.37 -25.95
N ILE A 181 -9.17 8.86 -26.30
CA ILE A 181 -8.79 9.09 -27.68
C ILE A 181 -7.54 8.28 -27.88
N ILE A 182 -7.57 7.41 -28.87
CA ILE A 182 -6.47 6.52 -29.08
C ILE A 182 -5.91 6.49 -30.49
N PRO A 183 -4.64 6.10 -30.59
CA PRO A 183 -3.95 6.09 -31.87
C PRO A 183 -4.22 4.82 -32.64
N TRP A 184 -3.63 4.74 -33.82
CA TRP A 184 -3.90 3.72 -34.78
C TRP A 184 -2.92 2.57 -34.74
N ASN A 185 -1.89 2.64 -33.90
CA ASN A 185 -0.79 1.66 -34.00
C ASN A 185 -1.06 0.31 -33.29
N PHE A 186 -1.86 0.36 -32.24
CA PHE A 186 -2.38 -0.84 -31.52
C PHE A 186 -3.87 -0.57 -31.21
N PRO A 187 -4.72 -0.60 -32.24
CA PRO A 187 -6.10 -0.12 -32.05
C PRO A 187 -6.89 -0.85 -30.97
N LEU A 188 -6.98 -2.17 -31.02
CA LEU A 188 -7.71 -2.90 -30.00
C LEU A 188 -7.04 -2.82 -28.63
N LEU A 189 -5.74 -3.01 -28.59
CA LEU A 189 -5.04 -3.07 -27.33
C LEU A 189 -5.13 -1.72 -26.57
N MET A 190 -4.97 -0.61 -27.29
CA MET A 190 -5.04 0.71 -26.67
C MET A 190 -6.48 0.99 -26.21
N ALA A 191 -7.48 0.51 -26.94
CA ALA A 191 -8.87 0.64 -26.51
C ALA A 191 -9.05 -0.05 -25.17
N ALA A 192 -8.50 -1.25 -25.07
CA ALA A 192 -8.59 -2.00 -23.82
C ALA A 192 -7.90 -1.27 -22.67
N TRP A 193 -6.70 -0.76 -22.94
CA TRP A 193 -5.99 -0.03 -21.90
C TRP A 193 -6.78 1.15 -21.35
N LYS A 194 -7.56 1.82 -22.16
CA LYS A 194 -8.34 2.98 -21.69
C LYS A 194 -9.66 2.55 -21.09
N ILE A 195 -10.30 1.58 -21.67
CA ILE A 195 -11.66 1.21 -21.24
C ILE A 195 -11.62 0.37 -19.94
N ALA A 196 -10.67 -0.58 -19.86
CA ALA A 196 -10.71 -1.54 -18.76
C ALA A 196 -10.63 -0.89 -17.36
N PRO A 197 -9.72 0.06 -17.16
CA PRO A 197 -9.65 0.66 -15.84
C PRO A 197 -10.87 1.48 -15.52
N ALA A 198 -11.47 2.06 -16.54
CA ALA A 198 -12.73 2.79 -16.39
C ALA A 198 -13.86 1.91 -15.92
N LEU A 199 -14.01 0.75 -16.52
CA LEU A 199 -15.03 -0.17 -16.10
C LEU A 199 -14.81 -0.69 -14.70
N ALA A 200 -13.57 -0.97 -14.37
CA ALA A 200 -13.23 -1.53 -13.05
C ALA A 200 -13.55 -0.56 -11.94
N THR A 201 -13.37 0.75 -12.18
CA THR A 201 -13.61 1.76 -11.18
C THR A 201 -15.04 2.30 -11.16
N GLY A 202 -15.84 1.95 -12.16
CA GLY A 202 -17.23 2.45 -12.19
C GLY A 202 -17.41 3.70 -13.03
N CYS A 203 -16.41 4.06 -13.81
CA CYS A 203 -16.56 5.17 -14.77
C CYS A 203 -17.47 4.75 -15.97
N THR A 204 -17.82 5.71 -16.80
CA THR A 204 -18.37 5.44 -18.12
C THR A 204 -17.47 6.10 -19.13
N VAL A 205 -17.60 5.74 -20.41
CA VAL A 205 -16.57 6.05 -21.39
C VAL A 205 -17.16 6.41 -22.73
N VAL A 206 -16.62 7.46 -23.35
CA VAL A 206 -16.76 7.72 -24.75
C VAL A 206 -15.39 7.46 -25.40
N LEU A 207 -15.34 6.47 -26.28
CA LEU A 207 -14.11 6.12 -26.99
C LEU A 207 -14.11 6.64 -28.42
N LYS A 208 -13.02 7.31 -28.82
CA LYS A 208 -12.83 7.76 -30.19
C LYS A 208 -11.63 7.01 -30.77
N PRO A 209 -11.87 5.94 -31.51
CA PRO A 209 -10.73 5.29 -32.17
C PRO A 209 -10.12 6.17 -33.26
N ALA A 210 -8.89 5.88 -33.63
CA ALA A 210 -8.22 6.64 -34.66
C ALA A 210 -9.03 6.57 -35.96
N GLU A 211 -9.04 7.67 -36.74
CA GLU A 211 -9.70 7.64 -38.07
C GLU A 211 -9.14 6.56 -39.00
N ASP A 212 -7.82 6.27 -38.89
CA ASP A 212 -7.21 5.22 -39.74
C ASP A 212 -7.53 3.74 -39.35
N THR A 213 -8.01 3.50 -38.14
CA THR A 213 -8.24 2.11 -37.64
C THR A 213 -9.47 1.99 -36.72
N PRO A 214 -10.67 2.16 -37.30
CA PRO A 214 -11.89 2.14 -36.48
C PRO A 214 -12.48 0.75 -36.24
N LEU A 215 -12.07 -0.25 -37.00
CA LEU A 215 -12.86 -1.49 -37.06
C LEU A 215 -12.82 -2.35 -35.82
N SER A 216 -11.64 -2.58 -35.23
CA SER A 216 -11.60 -3.50 -34.07
C SER A 216 -12.36 -2.94 -32.87
N ALA A 217 -12.38 -1.61 -32.77
CA ALA A 217 -13.13 -0.95 -31.68
C ALA A 217 -14.64 -1.14 -31.84
N LEU A 218 -15.14 -1.07 -33.08
CA LEU A 218 -16.52 -1.36 -33.34
C LEU A 218 -16.85 -2.81 -33.00
N ARG A 219 -15.98 -3.75 -33.35
CA ARG A 219 -16.27 -5.15 -33.02
C ARG A 219 -16.24 -5.35 -31.52
N LEU A 220 -15.33 -4.68 -30.84
CA LEU A 220 -15.25 -4.72 -29.40
C LEU A 220 -16.54 -4.17 -28.76
N GLY A 221 -17.11 -3.14 -29.35
CA GLY A 221 -18.47 -2.66 -28.96
C GLY A 221 -19.54 -3.73 -28.95
N GLU A 222 -19.54 -4.57 -29.99
CA GLU A 222 -20.45 -5.72 -30.07
C GLU A 222 -20.21 -6.68 -28.90
N LEU A 223 -18.93 -6.94 -28.59
CA LEU A 223 -18.60 -7.88 -27.52
C LEU A 223 -19.00 -7.29 -26.14
N ILE A 224 -18.86 -5.98 -26.00
CA ILE A 224 -19.23 -5.28 -24.78
C ILE A 224 -20.74 -5.41 -24.55
N GLN A 225 -21.55 -5.26 -25.62
CA GLN A 225 -22.98 -5.46 -25.49
C GLN A 225 -23.24 -6.90 -25.15
N ALA A 226 -22.53 -7.81 -25.82
CA ALA A 226 -22.79 -9.24 -25.59
C ALA A 226 -22.44 -9.65 -24.15
N ALA A 227 -21.47 -8.96 -23.56
CA ALA A 227 -21.05 -9.25 -22.19
C ALA A 227 -22.07 -8.77 -21.15
N GLY A 228 -22.94 -7.86 -21.52
CA GLY A 228 -24.05 -7.44 -20.69
C GLY A 228 -23.87 -6.08 -20.04
N PHE A 229 -22.93 -5.26 -20.52
CA PHE A 229 -22.80 -3.91 -19.92
C PHE A 229 -24.03 -3.04 -20.19
N PRO A 230 -24.47 -2.25 -19.20
CA PRO A 230 -25.64 -1.42 -19.43
C PRO A 230 -25.37 -0.41 -20.53
N ASP A 231 -26.43 -0.05 -21.23
CA ASP A 231 -26.31 0.93 -22.30
C ASP A 231 -25.72 2.27 -21.81
N GLY A 232 -24.83 2.82 -22.62
CA GLY A 232 -24.24 4.10 -22.35
C GLY A 232 -22.99 4.04 -21.48
N VAL A 233 -22.68 2.86 -20.94
CA VAL A 233 -21.45 2.70 -20.17
C VAL A 233 -20.21 2.81 -21.07
N VAL A 234 -20.29 2.23 -22.26
CA VAL A 234 -19.31 2.41 -23.31
C VAL A 234 -20.03 2.91 -24.56
N ASN A 235 -19.51 4.01 -25.10
CA ASN A 235 -19.97 4.61 -26.35
C ASN A 235 -18.77 4.76 -27.25
N ILE A 236 -18.97 4.55 -28.55
CA ILE A 236 -17.87 4.51 -29.51
C ILE A 236 -18.20 5.36 -30.71
N VAL A 237 -17.41 6.40 -30.93
CA VAL A 237 -17.66 7.37 -32.00
C VAL A 237 -16.51 7.38 -32.96
N THR A 238 -16.79 7.33 -34.26
CA THR A 238 -15.72 7.22 -35.28
C THR A 238 -15.67 8.53 -36.03
N GLY A 239 -14.49 8.88 -36.53
CA GLY A 239 -14.32 10.13 -37.29
C GLY A 239 -12.94 10.73 -37.20
N TYR A 240 -12.80 11.99 -37.62
CA TYR A 240 -11.51 12.65 -37.64
C TYR A 240 -11.12 13.20 -36.29
N GLY A 241 -9.83 13.15 -36.02
CA GLY A 241 -9.24 13.76 -34.83
C GLY A 241 -9.56 15.24 -34.72
N HIS A 242 -9.46 15.96 -35.83
CA HIS A 242 -9.65 17.42 -35.82
C HIS A 242 -11.10 17.84 -35.61
N THR A 243 -12.05 16.91 -35.75
CA THR A 243 -13.47 17.23 -35.54
CA THR A 243 -13.44 17.23 -35.54
C THR A 243 -14.03 16.45 -34.35
N ALA A 244 -14.20 15.14 -34.51
CA ALA A 244 -14.72 14.30 -33.43
C ALA A 244 -13.82 14.28 -32.16
N GLY A 245 -12.53 14.11 -32.35
CA GLY A 245 -11.58 14.09 -31.23
C GLY A 245 -11.57 15.40 -30.46
N ALA A 246 -11.49 16.49 -31.22
CA ALA A 246 -11.40 17.79 -30.60
C ALA A 246 -12.66 18.07 -29.84
N ALA A 247 -13.80 17.72 -30.42
CA ALA A 247 -15.07 17.97 -29.76
C ALA A 247 -15.19 17.21 -28.44
N LEU A 248 -14.67 15.99 -28.41
CA LEU A 248 -14.70 15.23 -27.18
C LEU A 248 -13.85 15.92 -26.10
N SER A 249 -12.65 16.35 -26.49
CA SER A 249 -11.74 17.02 -25.54
C SER A 249 -12.29 18.29 -24.91
N ARG A 250 -13.12 19.03 -25.64
CA ARG A 250 -13.67 20.30 -25.18
C ARG A 250 -14.98 20.18 -24.41
N ASP A 251 -15.57 18.98 -24.36
CA ASP A 251 -16.88 18.85 -23.77
C ASP A 251 -16.76 19.02 -22.26
N PRO A 252 -17.50 19.99 -21.67
CA PRO A 252 -17.32 20.19 -20.23
C PRO A 252 -17.98 19.11 -19.40
N ARG A 253 -18.72 18.21 -20.03
CA ARG A 253 -19.42 17.15 -19.29
C ARG A 253 -18.63 15.86 -19.13
N ILE A 254 -17.44 15.76 -19.75
CA ILE A 254 -16.51 14.73 -19.36
C ILE A 254 -15.75 15.19 -18.12
N ASP A 255 -15.27 14.23 -17.34
CA ASP A 255 -14.51 14.49 -16.11
C ASP A 255 -13.00 14.21 -16.29
N LYS A 256 -12.68 13.37 -17.25
CA LYS A 256 -11.31 13.04 -17.51
C LYS A 256 -11.09 12.78 -19.00
N ILE A 257 -9.96 13.24 -19.50
CA ILE A 257 -9.55 12.90 -20.88
C ILE A 257 -8.33 12.03 -20.80
N ALA A 258 -8.34 10.94 -21.58
CA ALA A 258 -7.25 10.00 -21.60
C ALA A 258 -6.80 9.87 -23.03
N PHE A 259 -5.57 10.31 -23.31
CA PHE A 259 -5.12 10.52 -24.67
C PHE A 259 -3.75 9.89 -24.88
N THR A 260 -3.61 9.20 -26.01
CA THR A 260 -2.31 8.72 -26.47
C THR A 260 -2.15 9.24 -27.90
N GLY A 261 -0.98 9.79 -28.22
CA GLY A 261 -0.73 10.35 -29.52
C GLY A 261 0.51 11.23 -29.48
N SER A 262 0.62 12.13 -30.43
CA SER A 262 1.80 12.96 -30.51
C SER A 262 1.80 14.01 -29.38
N THR A 263 2.99 14.47 -29.04
CA THR A 263 3.13 15.53 -28.05
C THR A 263 2.38 16.78 -28.51
N GLN A 264 2.46 17.10 -29.79
CA GLN A 264 1.80 18.31 -30.31
C GLN A 264 0.28 18.25 -30.15
N THR A 265 -0.31 17.13 -30.54
CA THR A 265 -1.75 16.98 -30.40
C THR A 265 -2.13 16.89 -28.92
N GLY A 266 -1.28 16.23 -28.12
CA GLY A 266 -1.50 16.12 -26.69
C GLY A 266 -1.62 17.47 -25.99
N LYS A 267 -0.77 18.42 -26.39
CA LYS A 267 -0.85 19.76 -25.82
C LYS A 267 -2.19 20.42 -26.16
N THR A 268 -2.62 20.29 -27.42
CA THR A 268 -3.89 20.83 -27.86
C THR A 268 -5.05 20.29 -27.02
N ILE A 269 -5.04 18.96 -26.86
CA ILE A 269 -6.02 18.25 -26.08
CA ILE A 269 -6.02 18.26 -26.06
C ILE A 269 -6.00 18.76 -24.64
N GLY A 270 -4.82 18.88 -24.08
CA GLY A 270 -4.69 19.31 -22.71
C GLY A 270 -5.15 20.73 -22.47
N HIS A 271 -4.88 21.63 -23.41
CA HIS A 271 -5.35 22.99 -23.26
C HIS A 271 -6.90 23.05 -23.30
N ALA A 272 -7.51 22.23 -24.14
CA ALA A 272 -8.97 22.14 -24.15
C ALA A 272 -9.47 21.59 -22.81
N ALA A 273 -8.84 20.55 -22.31
CA ALA A 273 -9.21 19.96 -21.04
C ALA A 273 -9.11 20.97 -19.89
N LEU A 274 -7.98 21.67 -19.84
CA LEU A 274 -7.74 22.59 -18.76
C LEU A 274 -8.81 23.67 -18.65
N ASP A 275 -9.31 24.12 -19.78
CA ASP A 275 -10.31 25.18 -19.73
C ASP A 275 -11.57 24.77 -19.03
N ASN A 276 -11.83 23.45 -18.95
CA ASN A 276 -12.93 22.91 -18.16
C ASN A 276 -12.49 22.27 -16.85
N MET A 277 -11.22 22.40 -16.49
CA MET A 277 -10.64 21.69 -15.35
C MET A 277 -10.91 20.18 -15.42
N THR A 278 -10.86 19.65 -16.63
CA THR A 278 -10.94 18.21 -16.88
C THR A 278 -9.59 17.55 -16.54
N ARG A 279 -9.60 16.44 -15.82
CA ARG A 279 -8.39 15.76 -15.46
C ARG A 279 -7.82 15.17 -16.71
N MET A 280 -6.52 14.97 -16.75
CA MET A 280 -5.92 14.47 -17.97
C MET A 280 -4.79 13.51 -17.75
N SER A 281 -4.73 12.52 -18.64
CA SER A 281 -3.65 11.56 -18.71
C SER A 281 -3.16 11.61 -20.15
N LEU A 282 -1.85 11.77 -20.34
CA LEU A 282 -1.28 12.01 -21.67
C LEU A 282 -0.05 11.16 -21.91
N GLU A 283 -0.17 10.23 -22.86
CA GLU A 283 0.93 9.36 -23.23
C GLU A 283 1.34 9.79 -24.64
N LEU A 284 2.51 10.41 -24.75
CA LEU A 284 2.81 11.20 -25.92
C LEU A 284 4.01 10.67 -26.69
N GLY A 285 4.81 11.54 -27.29
CA GLY A 285 5.85 11.09 -28.18
C GLY A 285 7.04 10.45 -27.47
N GLY A 286 7.91 9.85 -28.27
CA GLY A 286 9.13 9.24 -27.75
C GLY A 286 10.24 9.22 -28.78
N LYS A 287 11.45 9.11 -28.26
CA LYS A 287 12.63 8.86 -29.06
C LYS A 287 13.57 8.04 -28.16
N SER A 288 13.12 6.84 -27.86
CA SER A 288 13.69 6.04 -26.81
C SER A 288 15.05 5.50 -27.20
N PRO A 289 16.03 5.59 -26.29
CA PRO A 289 17.38 5.10 -26.62
C PRO A 289 17.57 3.67 -26.18
N VAL A 290 18.49 2.98 -26.86
CA VAL A 290 18.88 1.63 -26.57
C VAL A 290 20.39 1.68 -26.33
N ILE A 291 20.81 1.36 -25.13
CA ILE A 291 22.23 1.45 -24.76
C ILE A 291 22.83 0.08 -24.65
N VAL A 292 23.83 -0.20 -25.46
CA VAL A 292 24.49 -1.50 -25.47
C VAL A 292 25.87 -1.41 -24.86
N LEU A 293 26.05 -2.11 -23.75
CA LEU A 293 27.35 -2.13 -23.05
C LEU A 293 28.28 -3.18 -23.65
N PRO A 294 29.62 -3.02 -23.42
CA PRO A 294 30.56 -3.83 -24.18
C PRO A 294 30.65 -5.28 -23.73
N ASP A 295 29.99 -5.66 -22.65
CA ASP A 295 30.03 -7.05 -22.19
C ASP A 295 29.03 -7.98 -22.88
N VAL A 296 28.18 -7.48 -23.78
CA VAL A 296 27.13 -8.31 -24.37
C VAL A 296 27.59 -9.39 -25.32
N ASP A 297 26.76 -10.40 -25.47
CA ASP A 297 26.85 -11.31 -26.60
C ASP A 297 26.41 -10.52 -27.84
N LEU A 298 27.25 -10.50 -28.87
CA LEU A 298 27.01 -9.65 -30.04
C LEU A 298 25.74 -10.01 -30.81
N ASP A 299 25.45 -11.30 -30.94
CA ASP A 299 24.25 -11.71 -31.65
C ASP A 299 22.98 -11.39 -30.88
N LYS A 300 22.97 -11.65 -29.57
CA LYS A 300 21.84 -11.29 -28.72
CA LYS A 300 21.83 -11.31 -28.75
C LYS A 300 21.58 -9.80 -28.76
N ALA A 301 22.64 -9.03 -28.69
CA ALA A 301 22.49 -7.57 -28.68
C ALA A 301 21.95 -7.09 -30.02
N ALA A 302 22.45 -7.64 -31.11
CA ALA A 302 22.01 -7.21 -32.42
C ALA A 302 20.54 -7.57 -32.63
N GLN A 303 20.15 -8.75 -32.20
CA GLN A 303 18.76 -9.17 -32.36
C GLN A 303 17.88 -8.25 -31.50
N GLY A 304 18.36 -7.89 -30.31
CA GLY A 304 17.66 -6.98 -29.42
C GLY A 304 17.48 -5.58 -29.97
N VAL A 305 18.52 -5.04 -30.56
CA VAL A 305 18.49 -3.73 -31.21
C VAL A 305 17.54 -3.75 -32.40
N ALA A 306 17.64 -4.78 -33.26
CA ALA A 306 16.74 -4.89 -34.40
C ALA A 306 15.25 -4.99 -33.97
N ASN A 307 14.97 -5.85 -33.00
CA ASN A 307 13.61 -5.99 -32.51
C ASN A 307 13.06 -4.72 -31.88
N ALA A 308 13.91 -4.01 -31.14
CA ALA A 308 13.52 -2.81 -30.46
C ALA A 308 13.00 -1.72 -31.41
N ILE A 309 13.53 -1.68 -32.63
CA ILE A 309 13.09 -0.70 -33.62
C ILE A 309 12.05 -1.27 -34.59
N PHE A 310 12.19 -2.49 -35.05
CA PHE A 310 11.38 -2.92 -36.16
C PHE A 310 10.06 -3.55 -35.74
N PHE A 311 9.92 -3.90 -34.46
CA PHE A 311 8.64 -4.40 -33.92
C PHE A 311 7.50 -3.45 -34.34
N ASN A 312 6.42 -4.03 -34.84
CA ASN A 312 5.26 -3.28 -35.33
C ASN A 312 5.64 -2.19 -36.33
N GLN A 313 6.59 -2.49 -37.21
CA GLN A 313 7.07 -1.57 -38.24
C GLN A 313 7.57 -0.25 -37.66
N GLY A 314 8.06 -0.28 -36.43
CA GLY A 314 8.54 0.93 -35.75
C GLY A 314 7.43 1.88 -35.32
N GLN A 315 6.16 1.46 -35.48
CA GLN A 315 5.03 2.29 -35.13
C GLN A 315 4.66 2.02 -33.68
N VAL A 316 5.56 2.43 -32.80
CA VAL A 316 5.47 2.15 -31.40
C VAL A 316 6.02 3.38 -30.67
N CYS A 317 5.26 3.88 -29.69
CA CYS A 317 5.64 5.10 -29.01
CA CYS A 317 5.63 5.11 -29.02
C CYS A 317 7.01 4.95 -28.33
N THR A 318 7.28 3.77 -27.77
CA THR A 318 8.60 3.47 -27.18
C THR A 318 9.59 2.76 -28.10
N ALA A 319 9.40 2.83 -29.41
CA ALA A 319 10.36 2.21 -30.32
C ALA A 319 11.78 2.62 -29.97
N GLY A 320 12.69 1.65 -29.99
CA GLY A 320 14.09 1.89 -29.74
C GLY A 320 14.76 2.53 -30.94
N SER A 321 14.52 3.81 -31.11
CA SER A 321 14.84 4.51 -32.32
C SER A 321 16.24 5.11 -32.40
N ARG A 322 16.93 5.19 -31.25
CA ARG A 322 18.33 5.59 -31.19
C ARG A 322 19.14 4.52 -30.51
N ALA A 323 20.13 3.94 -31.21
CA ALA A 323 20.98 2.95 -30.60
C ALA A 323 22.34 3.56 -30.31
N TYR A 324 22.75 3.50 -29.05
CA TYR A 324 24.06 3.93 -28.65
C TYR A 324 24.80 2.68 -28.21
N ILE A 325 25.85 2.34 -28.95
CA ILE A 325 26.55 1.08 -28.75
C ILE A 325 28.02 1.35 -28.46
N HIS A 326 28.53 0.71 -27.41
CA HIS A 326 29.87 0.96 -27.00
C HIS A 326 30.82 0.72 -28.17
N SER A 327 31.81 1.60 -28.30
CA SER A 327 32.74 1.57 -29.43
C SER A 327 33.50 0.24 -29.59
N LYS A 328 33.81 -0.45 -28.50
CA LYS A 328 34.44 -1.78 -28.61
C LYS A 328 33.58 -2.78 -29.40
N VAL A 329 32.25 -2.65 -29.40
CA VAL A 329 31.42 -3.60 -30.12
C VAL A 329 30.50 -2.99 -31.20
N PHE A 330 30.64 -1.70 -31.47
CA PHE A 330 29.74 -1.01 -32.41
C PHE A 330 29.73 -1.64 -33.81
N ASP A 331 30.90 -1.90 -34.39
CA ASP A 331 30.94 -2.41 -35.77
C ASP A 331 30.31 -3.78 -35.88
N GLY A 332 30.62 -4.66 -34.95
CA GLY A 332 30.04 -6.00 -34.95
C GLY A 332 28.53 -6.00 -34.73
N VAL A 333 28.06 -5.19 -33.79
CA VAL A 333 26.61 -5.13 -33.56
C VAL A 333 25.87 -4.55 -34.79
N ILE A 334 26.33 -3.43 -35.31
CA ILE A 334 25.66 -2.79 -36.41
C ILE A 334 25.69 -3.63 -37.70
N GLU A 335 26.82 -4.28 -37.96
CA GLU A 335 26.91 -5.17 -39.10
C GLU A 335 25.80 -6.22 -38.99
N ARG A 336 25.66 -6.80 -37.81
CA ARG A 336 24.63 -7.81 -37.58
C ARG A 336 23.21 -7.24 -37.70
N VAL A 337 22.98 -6.05 -37.15
CA VAL A 337 21.64 -5.41 -37.23
C VAL A 337 21.23 -5.11 -38.68
N ALA A 338 22.16 -4.62 -39.49
CA ALA A 338 21.87 -4.41 -40.92
C ALA A 338 21.51 -5.70 -41.64
N LYS A 339 22.23 -6.80 -41.35
CA LYS A 339 21.92 -8.10 -41.97
C LYS A 339 20.50 -8.52 -41.57
N ILE A 340 20.14 -8.34 -40.29
CA ILE A 340 18.81 -8.68 -39.82
C ILE A 340 17.77 -7.83 -40.56
N ALA A 341 17.99 -6.53 -40.61
CA ALA A 341 17.08 -5.64 -41.29
C ALA A 341 16.79 -6.05 -42.75
N ALA A 342 17.86 -6.33 -43.48
CA ALA A 342 17.75 -6.69 -44.91
C ALA A 342 17.12 -8.05 -45.07
N SER A 343 17.18 -8.89 -44.05
CA SER A 343 16.56 -10.21 -44.15
C SER A 343 15.04 -10.24 -43.83
N LEU A 344 14.50 -9.18 -43.24
CA LEU A 344 13.11 -9.23 -42.79
C LEU A 344 12.15 -9.32 -43.98
N LYS A 345 11.20 -10.26 -43.90
CA LYS A 345 10.23 -10.45 -44.97
C LYS A 345 9.13 -9.36 -44.95
N ILE A 346 9.06 -8.59 -46.04
CA ILE A 346 8.14 -7.50 -46.16
C ILE A 346 6.93 -7.98 -46.95
N GLY A 347 5.72 -7.76 -46.44
CA GLY A 347 4.55 -8.28 -47.14
C GLY A 347 3.24 -7.95 -46.45
N PRO A 348 2.15 -8.45 -47.00
CA PRO A 348 0.85 -8.27 -46.35
C PRO A 348 0.76 -9.00 -45.01
N GLY A 349 0.08 -8.35 -44.07
CA GLY A 349 0.00 -8.87 -42.71
C GLY A 349 -0.69 -10.20 -42.59
N MET A 350 -1.57 -10.49 -43.53
CA MET A 350 -2.26 -11.76 -43.49
C MET A 350 -1.41 -12.96 -43.93
N ASP A 351 -0.22 -12.72 -44.49
CA ASP A 351 0.70 -13.81 -44.87
C ASP A 351 1.51 -14.19 -43.65
N PRO A 352 1.49 -15.48 -43.26
CA PRO A 352 2.17 -15.88 -42.05
C PRO A 352 3.68 -15.71 -42.18
N ALA A 353 4.21 -15.61 -43.39
CA ALA A 353 5.63 -15.35 -43.56
C ALA A 353 6.03 -13.90 -43.28
N THR A 354 5.07 -12.99 -43.19
CA THR A 354 5.40 -11.57 -43.15
C THR A 354 5.97 -11.22 -41.80
N GLN A 355 7.10 -10.54 -41.80
CA GLN A 355 7.66 -9.98 -40.58
C GLN A 355 7.50 -8.49 -40.47
N ILE A 356 7.47 -7.80 -41.61
CA ILE A 356 7.28 -6.36 -41.67
C ILE A 356 6.08 -6.09 -42.59
N GLY A 357 5.00 -5.56 -42.00
CA GLY A 357 3.86 -5.11 -42.78
C GLY A 357 4.08 -3.72 -43.36
N PRO A 358 3.07 -3.17 -44.04
CA PRO A 358 3.12 -1.78 -44.54
C PRO A 358 2.90 -0.83 -43.38
N LEU A 359 3.16 0.44 -43.60
CA LEU A 359 2.76 1.46 -42.69
C LEU A 359 1.26 1.69 -42.84
N VAL A 360 0.67 2.42 -41.91
CA VAL A 360 -0.79 2.48 -41.81
C VAL A 360 -1.46 3.27 -42.94
N SER A 361 -0.76 4.23 -43.51
CA SER A 361 -1.38 5.12 -44.49
C SER A 361 -0.35 5.72 -45.43
N ALA A 362 -0.84 6.30 -46.51
CA ALA A 362 0.05 7.03 -47.40
C ALA A 362 0.70 8.19 -46.69
N LYS A 363 -0.04 8.89 -45.84
CA LYS A 363 0.50 10.04 -45.12
C LYS A 363 1.66 9.61 -44.25
N GLN A 364 1.55 8.44 -43.64
CA GLN A 364 2.63 7.94 -42.80
C GLN A 364 3.83 7.57 -43.63
N ARG A 365 3.63 6.96 -44.79
CA ARG A 365 4.76 6.69 -45.66
C ARG A 365 5.44 8.00 -46.11
N GLU A 366 4.65 9.03 -46.44
CA GLU A 366 5.18 10.31 -46.83
C GLU A 366 6.05 10.92 -45.72
N ARG A 367 5.55 10.89 -44.49
CA ARG A 367 6.31 11.38 -43.34
C ARG A 367 7.61 10.62 -43.10
N VAL A 368 7.51 9.30 -43.08
CA VAL A 368 8.65 8.48 -42.78
C VAL A 368 9.73 8.62 -43.84
N CYS A 369 9.35 8.54 -45.12
CA CYS A 369 10.32 8.72 -46.21
C CYS A 369 10.92 10.12 -46.21
N GLY A 370 10.13 11.12 -45.82
CA GLY A 370 10.60 12.50 -45.70
C GLY A 370 11.69 12.62 -44.63
N TYR A 371 11.51 11.89 -43.52
CA TYR A 371 12.55 11.85 -42.51
C TYR A 371 13.84 11.16 -43.00
N ILE A 372 13.68 10.03 -43.66
CA ILE A 372 14.85 9.32 -44.21
C ILE A 372 15.62 10.22 -45.20
N ASP A 373 14.89 10.87 -46.10
CA ASP A 373 15.48 11.80 -47.09
C ASP A 373 16.21 12.94 -46.38
N SER A 374 15.60 13.46 -45.34
CA SER A 374 16.21 14.48 -44.52
C SER A 374 17.58 14.02 -43.93
N GLY A 375 17.65 12.79 -43.44
CA GLY A 375 18.87 12.20 -42.92
C GLY A 375 19.97 12.16 -43.97
N PHE A 376 19.62 11.67 -45.17
CA PHE A 376 20.56 11.65 -46.28
C PHE A 376 21.05 13.06 -46.59
N GLY A 377 20.12 13.99 -46.67
CA GLY A 377 20.45 15.38 -46.89
C GLY A 377 21.43 15.97 -45.87
N GLU A 378 21.41 15.47 -44.64
CA GLU A 378 22.31 16.00 -43.60
C GLU A 378 23.60 15.19 -43.46
N GLY A 379 23.76 14.14 -44.24
CA GLY A 379 25.05 13.41 -44.27
C GLY A 379 24.99 12.00 -43.70
N ALA A 380 23.83 11.56 -43.25
CA ALA A 380 23.68 10.20 -42.74
C ALA A 380 23.72 9.24 -43.90
N ARG A 381 24.10 8.01 -43.64
CA ARG A 381 24.04 7.00 -44.66
C ARG A 381 23.35 5.74 -44.19
N ALA A 382 22.76 5.05 -45.16
CA ALA A 382 22.00 3.84 -44.86
C ALA A 382 22.88 2.60 -44.87
N ALA A 383 23.00 1.96 -43.72
CA ALA A 383 23.65 0.66 -43.64
C ALA A 383 22.69 -0.41 -44.11
N ALA A 384 21.40 -0.10 -44.06
CA ALA A 384 20.39 -0.98 -44.61
C ALA A 384 19.18 -0.16 -45.00
N GLY A 385 18.46 -0.60 -46.03
CA GLY A 385 17.19 0.00 -46.40
C GLY A 385 17.30 1.37 -47.06
N GLY A 386 16.35 2.24 -46.78
CA GLY A 386 16.34 3.59 -47.32
C GLY A 386 15.19 4.03 -48.28
N ARG A 387 14.54 3.12 -48.98
CA ARG A 387 13.37 3.59 -49.73
C ARG A 387 11.93 3.07 -49.43
N ALA A 388 11.05 3.82 -50.08
CA ALA A 388 9.73 3.36 -50.47
C ALA A 388 9.91 2.22 -51.54
N ILE A 389 8.95 1.33 -51.51
CA ILE A 389 8.80 0.17 -52.35
C ILE A 389 7.62 0.48 -53.23
N ASP A 390 7.71 0.18 -54.52
CA ASP A 390 6.60 0.35 -55.45
C ASP A 390 5.38 -0.51 -55.13
N GLY A 391 4.24 -0.08 -55.61
CA GLY A 391 2.99 -0.80 -55.48
C GLY A 391 2.01 0.02 -54.68
N PRO A 392 0.78 -0.46 -54.56
CA PRO A 392 -0.28 0.35 -53.97
C PRO A 392 -0.39 0.30 -52.45
N GLY A 393 0.30 -0.65 -51.77
CA GLY A 393 0.36 -0.68 -50.31
C GLY A 393 1.32 0.39 -49.83
N PHE A 394 1.39 0.60 -48.52
CA PHE A 394 2.20 1.70 -47.98
C PHE A 394 3.49 1.18 -47.34
N PHE A 395 4.27 0.45 -48.13
CA PHE A 395 5.43 -0.26 -47.64
C PHE A 395 6.69 0.61 -47.66
N VAL A 396 7.51 0.42 -46.63
CA VAL A 396 8.80 1.06 -46.49
C VAL A 396 9.81 0.05 -45.96
N GLU A 397 11.03 0.08 -46.50
CA GLU A 397 12.11 -0.83 -46.06
C GLU A 397 12.59 -0.55 -44.66
N PRO A 398 12.81 -1.59 -43.85
CA PRO A 398 13.50 -1.42 -42.59
C PRO A 398 14.81 -0.73 -42.90
N THR A 399 15.08 0.36 -42.19
CA THR A 399 16.15 1.25 -42.50
C THR A 399 17.05 1.51 -41.30
N VAL A 400 18.37 1.36 -41.50
CA VAL A 400 19.35 1.64 -40.46
C VAL A 400 20.29 2.72 -40.96
N LEU A 401 20.34 3.83 -40.24
CA LEU A 401 21.16 4.97 -40.57
C LEU A 401 22.33 5.08 -39.62
N VAL A 402 23.53 5.26 -40.20
CA VAL A 402 24.76 5.50 -39.45
C VAL A 402 25.40 6.81 -39.91
N ASP A 403 26.46 7.21 -39.22
CA ASP A 403 27.14 8.48 -39.45
C ASP A 403 26.20 9.61 -39.12
N THR A 404 25.33 9.36 -38.16
CA THR A 404 24.40 10.39 -37.70
C THR A 404 25.02 11.17 -36.55
N THR A 405 24.48 12.35 -36.27
CA THR A 405 24.90 13.16 -35.12
C THR A 405 23.66 13.65 -34.36
N GLN A 406 23.86 14.10 -33.13
CA GLN A 406 22.74 14.54 -32.29
C GLN A 406 22.02 15.76 -32.87
N ALA A 407 22.67 16.50 -33.76
CA ALA A 407 22.02 17.66 -34.36
C ALA A 407 21.04 17.32 -35.47
N MET A 408 21.07 16.12 -36.01
CA MET A 408 20.26 15.84 -37.19
C MET A 408 18.81 15.62 -36.85
N ARG A 409 17.92 15.99 -37.77
CA ARG A 409 16.45 15.82 -37.54
C ARG A 409 16.06 14.37 -37.26
N VAL A 410 16.66 13.43 -37.97
CA VAL A 410 16.38 12.00 -37.73
C VAL A 410 16.75 11.52 -36.35
N VAL A 411 17.72 12.16 -35.72
CA VAL A 411 18.05 11.83 -34.35
C VAL A 411 17.15 12.56 -33.35
N ARG A 412 16.81 13.82 -33.63
CA ARG A 412 16.07 14.63 -32.66
CA ARG A 412 16.08 14.65 -32.66
C ARG A 412 14.58 14.36 -32.66
N GLU A 413 14.01 14.06 -33.82
CA GLU A 413 12.56 13.99 -33.98
C GLU A 413 12.04 12.55 -34.10
N GLU A 414 10.85 12.33 -33.57
CA GLU A 414 10.14 11.05 -33.66
C GLU A 414 9.71 10.81 -35.11
N ILE A 415 10.13 9.67 -35.65
CA ILE A 415 9.85 9.27 -37.03
C ILE A 415 8.63 8.38 -37.11
N PHE A 416 8.47 7.49 -36.13
CA PHE A 416 7.30 6.62 -36.03
C PHE A 416 7.19 5.68 -37.23
N GLY A 417 8.34 5.10 -37.59
CA GLY A 417 8.46 4.10 -38.62
C GLY A 417 9.73 3.29 -38.42
N PRO A 418 10.04 2.38 -39.37
CA PRO A 418 11.08 1.41 -39.12
C PRO A 418 12.45 1.98 -39.50
N VAL A 419 12.85 3.00 -38.75
CA VAL A 419 14.06 3.72 -39.03
C VAL A 419 14.86 3.85 -37.73
N LEU A 420 16.05 3.27 -37.76
CA LEU A 420 17.00 3.34 -36.65
C LEU A 420 18.13 4.32 -36.96
N VAL A 421 18.57 5.07 -35.94
CA VAL A 421 19.83 5.80 -36.03
C VAL A 421 20.76 5.14 -35.00
N ALA A 422 22.02 4.90 -35.39
CA ALA A 422 22.93 4.19 -34.50
C ALA A 422 24.29 4.88 -34.44
N MET A 423 24.78 5.07 -33.22
CA MET A 423 26.04 5.79 -32.94
C MET A 423 26.84 5.13 -31.84
N PRO A 424 28.18 5.31 -31.86
CA PRO A 424 29.05 4.78 -30.84
C PRO A 424 29.18 5.68 -29.63
N PHE A 425 29.63 5.12 -28.51
CA PHE A 425 30.08 5.88 -27.37
C PHE A 425 31.25 5.18 -26.73
N ASP A 426 32.10 5.97 -26.05
CA ASP A 426 33.32 5.43 -25.42
C ASP A 426 33.18 5.19 -23.95
N ASP A 427 32.26 5.86 -23.27
CA ASP A 427 32.06 5.57 -21.86
C ASP A 427 30.62 5.84 -21.41
N VAL A 428 30.28 5.27 -20.27
CA VAL A 428 28.93 5.31 -19.80
CA VAL A 428 28.92 5.32 -19.79
C VAL A 428 28.43 6.73 -19.51
N ASP A 429 29.28 7.61 -18.98
CA ASP A 429 28.82 8.98 -18.77
C ASP A 429 28.33 9.59 -20.08
N THR A 430 29.05 9.34 -21.16
CA THR A 430 28.66 9.86 -22.45
C THR A 430 27.38 9.24 -22.95
N ALA A 431 27.22 7.94 -22.72
CA ALA A 431 26.01 7.24 -23.12
C ALA A 431 24.80 7.84 -22.41
N VAL A 432 24.96 8.18 -21.13
CA VAL A 432 23.91 8.83 -20.36
C VAL A 432 23.57 10.20 -20.94
N GLN A 433 24.60 11.02 -21.21
CA GLN A 433 24.36 12.33 -21.81
C GLN A 433 23.59 12.20 -23.15
N LEU A 434 24.02 11.27 -24.01
CA LEU A 434 23.38 11.10 -25.30
C LEU A 434 21.94 10.61 -25.14
N ALA A 435 21.74 9.66 -24.23
CA ALA A 435 20.45 9.05 -24.08
C ALA A 435 19.40 10.07 -23.56
N ASN A 436 19.81 10.92 -22.63
CA ASN A 436 18.95 11.96 -22.10
C ASN A 436 18.86 13.21 -22.97
N ASP A 437 19.61 13.28 -24.05
CA ASP A 437 19.61 14.44 -24.96
C ASP A 437 18.42 14.37 -25.94
N THR A 438 17.23 14.62 -25.38
CA THR A 438 15.94 14.50 -26.07
C THR A 438 14.94 15.25 -25.22
N PRO A 439 13.91 15.84 -25.85
CA PRO A 439 12.82 16.37 -25.06
C PRO A 439 11.95 15.26 -24.46
N TYR A 440 12.11 14.01 -24.94
CA TYR A 440 11.21 12.92 -24.58
C TYR A 440 11.71 12.14 -23.37
N GLY A 441 10.88 11.19 -22.91
CA GLY A 441 11.26 10.38 -21.77
C GLY A 441 10.32 9.24 -21.55
N LEU A 442 10.00 8.49 -22.62
CA LEU A 442 8.99 7.46 -22.52
C LEU A 442 9.59 6.11 -22.15
N GLY A 443 10.64 5.70 -22.88
CA GLY A 443 11.25 4.43 -22.63
C GLY A 443 12.75 4.48 -22.90
N ALA A 444 13.40 3.38 -22.54
CA ALA A 444 14.80 3.19 -22.79
C ALA A 444 15.19 1.76 -22.49
N SER A 445 16.27 1.25 -23.09
CA SER A 445 16.79 -0.03 -22.64
C SER A 445 18.31 -0.05 -22.52
N ILE A 446 18.78 -0.97 -21.70
CA ILE A 446 20.16 -1.24 -21.44
C ILE A 446 20.41 -2.72 -21.72
N TRP A 447 21.47 -3.03 -22.47
CA TRP A 447 21.81 -4.39 -22.84
C TRP A 447 23.15 -4.69 -22.20
N SER A 448 23.16 -5.62 -21.23
CA SER A 448 24.32 -5.97 -20.42
C SER A 448 23.95 -7.08 -19.44
N ASN A 449 24.96 -7.73 -18.89
CA ASN A 449 24.79 -8.70 -17.81
C ASN A 449 25.63 -8.28 -16.59
N ASP A 450 26.08 -7.01 -16.60
CA ASP A 450 26.94 -6.42 -15.58
C ASP A 450 26.03 -5.75 -14.51
N LEU A 451 25.84 -6.41 -13.39
CA LEU A 451 24.96 -5.96 -12.32
C LEU A 451 25.28 -4.55 -11.86
N SER A 452 26.54 -4.28 -11.54
CA SER A 452 26.98 -2.98 -11.08
CA SER A 452 27.01 -2.97 -11.08
C SER A 452 26.69 -1.88 -12.09
N ALA A 453 27.07 -2.11 -13.34
CA ALA A 453 26.83 -1.10 -14.38
C ALA A 453 25.34 -0.84 -14.62
N ILE A 454 24.55 -1.90 -14.60
CA ILE A 454 23.11 -1.78 -14.82
C ILE A 454 22.48 -0.96 -13.70
N HIS A 455 22.83 -1.26 -12.46
CA HIS A 455 22.22 -0.55 -11.34
C HIS A 455 22.71 0.89 -11.16
N LYS A 456 23.88 1.20 -11.67
CA LYS A 456 24.37 2.56 -11.70
CA LYS A 456 24.37 2.57 -11.69
C LYS A 456 23.68 3.36 -12.79
N LEU A 457 23.28 2.69 -13.86
CA LEU A 457 22.72 3.34 -15.03
C LEU A 457 21.22 3.59 -14.93
N VAL A 458 20.48 2.62 -14.41
CA VAL A 458 19.03 2.71 -14.36
C VAL A 458 18.56 4.04 -13.76
N PRO A 459 19.15 4.47 -12.63
CA PRO A 459 18.66 5.74 -12.03
C PRO A 459 18.98 6.98 -12.85
N ARG A 460 19.94 6.89 -13.75
CA ARG A 460 20.42 8.06 -14.50
C ARG A 460 19.67 8.35 -15.79
N ILE A 461 18.90 7.37 -16.28
CA ILE A 461 18.18 7.52 -17.53
CA ILE A 461 18.19 7.52 -17.53
C ILE A 461 16.80 8.08 -17.23
N ALA A 462 16.48 9.24 -17.81
CA ALA A 462 15.15 9.88 -17.52
C ALA A 462 14.10 9.36 -18.46
N ALA A 463 13.59 8.17 -18.15
CA ALA A 463 12.52 7.57 -18.91
C ALA A 463 11.51 6.90 -17.98
N GLY A 464 10.27 6.87 -18.41
CA GLY A 464 9.21 6.27 -17.61
C GLY A 464 9.35 4.78 -17.40
N THR A 465 9.91 4.08 -18.39
CA THR A 465 10.22 2.65 -18.31
C THR A 465 11.65 2.43 -18.80
N VAL A 466 12.46 1.73 -18.01
CA VAL A 466 13.78 1.32 -18.42
C VAL A 466 13.82 -0.24 -18.45
N TRP A 467 13.99 -0.78 -19.64
CA TRP A 467 14.10 -2.23 -19.82
C TRP A 467 15.56 -2.63 -19.77
N VAL A 468 15.82 -3.84 -19.33
CA VAL A 468 17.17 -4.41 -19.41
C VAL A 468 17.10 -5.74 -20.19
N ASN A 469 17.87 -5.84 -21.27
CA ASN A 469 17.87 -7.02 -22.17
C ASN A 469 16.52 -7.35 -22.77
N CYS A 470 15.73 -6.30 -22.96
CA CYS A 470 14.47 -6.38 -23.70
C CYS A 470 14.07 -4.94 -24.06
N HIS A 471 12.95 -4.77 -24.75
CA HIS A 471 12.47 -3.44 -25.11
C HIS A 471 11.02 -3.52 -25.55
N SER A 472 10.25 -2.49 -25.19
CA SER A 472 8.80 -2.44 -25.46
C SER A 472 8.10 -3.73 -25.07
N LEU A 473 8.44 -4.28 -23.91
CA LEU A 473 7.82 -5.44 -23.37
C LEU A 473 6.78 -4.99 -22.30
N LEU A 474 5.54 -5.49 -22.39
CA LEU A 474 4.40 -5.04 -21.59
C LEU A 474 3.94 -6.13 -20.62
N ASP A 475 3.41 -5.72 -19.47
CA ASP A 475 2.62 -6.61 -18.64
C ASP A 475 1.56 -5.76 -17.95
N ASN A 476 0.37 -6.32 -17.81
CA ASN A 476 -0.75 -5.60 -17.21
C ASN A 476 -0.50 -5.12 -15.78
N ALA A 477 0.43 -5.76 -15.06
CA ALA A 477 0.75 -5.38 -13.71
C ALA A 477 1.81 -4.28 -13.60
N LEU A 478 2.42 -3.89 -14.71
CA LEU A 478 3.53 -2.94 -14.67
C LEU A 478 3.14 -1.62 -15.36
N PRO A 479 3.07 -0.53 -14.60
CA PRO A 479 2.63 0.72 -15.19
C PRO A 479 3.58 1.21 -16.29
N PHE A 480 2.99 1.97 -17.20
CA PHE A 480 3.68 2.49 -18.37
C PHE A 480 3.31 3.97 -18.56
N GLY A 481 4.27 4.83 -18.86
CA GLY A 481 3.96 6.20 -19.22
C GLY A 481 5.17 7.06 -19.25
N GLY A 482 4.98 8.34 -19.55
CA GLY A 482 6.07 9.23 -19.85
C GLY A 482 6.57 10.13 -18.73
N MET A 483 7.85 10.49 -18.89
CA MET A 483 8.47 11.65 -18.26
C MET A 483 8.71 12.73 -19.34
N LYS A 484 9.04 13.93 -18.89
CA LYS A 484 9.43 15.05 -19.76
C LYS A 484 8.34 15.32 -20.82
N GLN A 485 8.69 15.52 -22.08
CA GLN A 485 7.65 15.82 -23.08
C GLN A 485 6.86 14.60 -23.58
N SER A 486 7.12 13.44 -22.99
CA SER A 486 6.35 12.24 -23.33
C SER A 486 5.02 12.16 -22.57
N GLY A 487 4.74 13.18 -21.76
CA GLY A 487 3.46 13.31 -21.11
C GLY A 487 3.51 13.09 -19.59
N PHE A 488 2.37 12.76 -19.02
CA PHE A 488 2.28 12.42 -17.61
C PHE A 488 1.08 11.52 -17.38
N GLY A 489 1.07 10.81 -16.27
CA GLY A 489 0.07 9.77 -16.03
C GLY A 489 0.62 8.42 -16.43
N ARG A 490 -0.04 7.38 -15.95
CA ARG A 490 0.39 6.00 -16.18
C ARG A 490 -0.77 5.12 -16.65
N GLU A 491 -0.45 4.22 -17.58
CA GLU A 491 -1.34 3.16 -17.99
C GLU A 491 -0.96 1.91 -17.23
N LEU A 492 -1.93 1.01 -17.05
CA LEU A 492 -1.70 -0.34 -16.49
C LEU A 492 -1.35 -0.35 -15.00
N GLY A 493 -1.39 -1.55 -14.44
CA GLY A 493 -1.04 -1.75 -13.04
C GLY A 493 -2.03 -1.19 -12.06
N ARG A 494 -1.65 -1.24 -10.79
CA ARG A 494 -2.38 -0.56 -9.75
C ARG A 494 -2.43 0.94 -10.01
N ALA A 495 -1.38 1.49 -10.61
CA ALA A 495 -1.33 2.96 -10.83
C ALA A 495 -2.51 3.46 -11.63
N VAL A 496 -2.88 2.77 -12.70
CA VAL A 496 -3.92 3.34 -13.60
C VAL A 496 -5.25 3.35 -12.88
N ILE A 497 -5.48 2.34 -12.07
CA ILE A 497 -6.69 2.27 -11.28
C ILE A 497 -6.86 3.51 -10.42
N ASP A 498 -5.81 3.85 -9.70
CA ASP A 498 -5.87 5.07 -8.88
C ASP A 498 -6.12 6.31 -9.73
N GLN A 499 -5.61 6.33 -10.94
CA GLN A 499 -5.80 7.48 -11.82
C GLN A 499 -7.18 7.58 -12.46
N TYR A 500 -8.01 6.55 -12.32
CA TYR A 500 -9.42 6.63 -12.75
C TYR A 500 -10.35 6.83 -11.55
N THR A 501 -9.78 7.10 -10.37
CA THR A 501 -10.53 7.46 -9.21
C THR A 501 -10.20 8.89 -8.77
N GLU A 502 -11.13 9.47 -8.00
CA GLU A 502 -10.99 10.76 -7.39
C GLU A 502 -11.14 10.52 -5.87
N SER A 503 -10.18 11.01 -5.10
CA SER A 503 -10.14 10.73 -3.68
CA SER A 503 -10.14 10.71 -3.68
C SER A 503 -11.00 11.76 -2.94
N LYS A 504 -11.86 11.29 -2.04
CA LYS A 504 -12.65 12.15 -1.18
C LYS A 504 -12.23 11.88 0.26
N SER A 505 -11.72 12.89 0.94
CA SER A 505 -11.45 12.78 2.36
C SER A 505 -12.75 13.07 3.15
N VAL A 506 -12.97 12.29 4.22
CA VAL A 506 -14.11 12.44 5.09
C VAL A 506 -13.61 12.58 6.52
N MET A 507 -14.10 13.57 7.24
CA MET A 507 -13.63 13.82 8.59
C MET A 507 -14.80 14.17 9.46
N MET A 508 -15.09 13.28 10.40
CA MET A 508 -16.27 13.38 11.25
C MET A 508 -15.86 13.67 12.69
N ASN A 509 -16.39 14.76 13.24
CA ASN A 509 -16.23 15.05 14.64
C ASN A 509 -17.40 14.43 15.38
N TYR A 510 -17.12 13.38 16.13
CA TYR A 510 -18.19 12.65 16.80
C TYR A 510 -18.27 12.94 18.31
N ALA A 511 -17.64 14.02 18.76
CA ALA A 511 -17.55 14.33 20.16
C ALA A 511 -18.96 14.68 20.66
N ALA B 1 36.89 21.44 23.19
CA ALA B 1 37.95 22.20 23.92
C ALA B 1 38.07 21.80 25.39
N HIS B 2 37.01 21.26 26.00
CA HIS B 2 37.05 20.65 27.35
C HIS B 2 36.53 19.21 27.33
N HIS B 3 37.33 18.30 27.86
CA HIS B 3 37.10 16.90 27.65
C HIS B 3 36.87 16.19 28.98
N HIS B 4 35.68 15.57 29.07
CA HIS B 4 35.17 15.06 30.32
C HIS B 4 35.38 13.56 30.44
N HIS B 5 36.65 13.20 30.32
CA HIS B 5 37.14 11.86 30.59
C HIS B 5 38.23 11.93 31.67
N HIS B 6 38.33 10.83 32.40
CA HIS B 6 39.47 10.53 33.30
C HIS B 6 40.20 9.22 32.92
N HIS B 7 41.50 9.21 33.17
CA HIS B 7 42.29 7.98 33.02
C HIS B 7 42.23 7.13 34.30
N MET B 8 42.18 5.82 34.10
CA MET B 8 42.01 4.85 35.17
C MET B 8 42.98 3.71 35.00
N VAL B 9 43.16 2.95 36.08
CA VAL B 9 44.16 1.85 36.12
C VAL B 9 43.44 0.53 35.88
N ASN B 10 43.98 -0.29 34.98
CA ASN B 10 43.57 -1.70 34.87
C ASN B 10 44.28 -2.46 35.96
N MET B 11 43.55 -3.01 36.93
CA MET B 11 44.17 -3.53 38.15
C MET B 11 45.02 -4.75 37.93
N GLU B 12 44.69 -5.52 36.89
CA GLU B 12 45.45 -6.74 36.55
C GLU B 12 46.91 -6.43 36.09
N THR B 13 47.07 -5.35 35.34
CA THR B 13 48.29 -5.04 34.59
C THR B 13 49.06 -3.77 35.03
N ASN B 14 48.38 -2.86 35.76
CA ASN B 14 48.89 -1.49 35.96
C ASN B 14 49.04 -0.67 34.66
N GLU B 15 48.40 -1.12 33.60
CA GLU B 15 48.13 -0.29 32.44
C GLU B 15 47.03 0.73 32.80
N THR B 16 46.89 1.75 31.96
CA THR B 16 45.86 2.76 32.10
C THR B 16 44.94 2.82 30.87
N PHE B 17 43.74 3.37 31.06
CA PHE B 17 42.75 3.55 29.98
C PHE B 17 41.83 4.70 30.41
N ALA B 18 41.18 5.32 29.44
CA ALA B 18 40.17 6.30 29.73
C ALA B 18 38.73 5.95 29.44
N LEU B 19 37.87 6.48 30.30
CA LEU B 19 36.41 6.41 30.16
C LEU B 19 35.81 7.78 30.41
N LEU B 20 34.65 8.08 29.82
CA LEU B 20 33.94 9.29 30.14
C LEU B 20 33.54 9.32 31.60
N ASP B 21 33.53 10.52 32.15
CA ASP B 21 33.07 10.72 33.52
C ASP B 21 31.63 10.19 33.70
N ALA B 22 30.79 10.38 32.69
CA ALA B 22 29.41 9.86 32.78
C ALA B 22 29.37 8.32 32.86
N THR B 23 30.24 7.66 32.07
CA THR B 23 30.35 6.20 32.10
C THR B 23 30.76 5.74 33.51
N ARG B 24 31.77 6.40 34.06
CA ARG B 24 32.28 6.08 35.39
C ARG B 24 31.19 6.26 36.46
N ALA B 25 30.45 7.35 36.39
CA ALA B 25 29.33 7.59 37.33
C ALA B 25 28.25 6.54 37.23
N PHE B 26 27.93 6.14 36.01
CA PHE B 26 26.97 5.07 35.82
C PHE B 26 27.45 3.76 36.43
N LEU B 27 28.70 3.40 36.16
CA LEU B 27 29.23 2.14 36.69
C LEU B 27 29.29 2.14 38.21
N ALA B 28 29.59 3.28 38.80
CA ALA B 28 29.76 3.34 40.23
C ALA B 28 28.45 3.27 41.02
N LYS B 29 27.35 3.73 40.48
CA LYS B 29 26.14 3.80 41.30
C LYS B 29 25.32 2.50 41.31
N PRO B 30 24.49 2.31 42.34
CA PRO B 30 23.70 1.07 42.43
C PRO B 30 22.77 0.93 41.25
N LYS B 31 22.63 -0.28 40.73
CA LYS B 31 21.74 -0.53 39.59
C LYS B 31 20.45 -1.11 40.07
N GLN B 32 19.38 -0.71 39.43
CA GLN B 32 18.05 -1.15 39.76
C GLN B 32 17.23 -1.39 38.50
N MET B 33 16.14 -2.13 38.66
CA MET B 33 15.19 -2.36 37.56
C MET B 33 14.24 -1.21 37.49
N LEU B 34 13.61 -1.05 36.32
CA LEU B 34 12.58 -0.02 36.16
C LEU B 34 11.23 -0.68 36.14
N ILE B 35 10.47 -0.47 37.22
CA ILE B 35 9.16 -1.11 37.36
C ILE B 35 8.12 -0.05 37.64
N GLY B 36 7.33 0.26 36.63
CA GLY B 36 6.36 1.33 36.73
C GLY B 36 7.10 2.62 37.04
N ALA B 37 6.64 3.33 38.08
CA ALA B 37 7.21 4.61 38.43
C ALA B 37 8.46 4.50 39.29
N GLU B 38 8.89 3.30 39.65
CA GLU B 38 10.02 3.15 40.58
C GLU B 38 11.19 2.44 40.00
N TRP B 39 12.37 2.87 40.37
CA TRP B 39 13.55 2.06 40.23
C TRP B 39 13.63 1.14 41.47
N SER B 40 13.80 -0.16 41.25
CA SER B 40 13.57 -1.13 42.31
C SER B 40 14.59 -2.23 42.33
N ASP B 41 14.89 -2.73 43.53
CA ASP B 41 15.60 -3.99 43.65
C ASP B 41 14.61 -5.13 43.48
N ALA B 42 15.14 -6.34 43.37
CA ALA B 42 14.31 -7.52 43.36
C ALA B 42 13.72 -7.71 44.77
N ALA B 43 12.49 -8.21 44.85
CA ALA B 43 11.87 -8.49 46.16
C ALA B 43 12.79 -9.32 47.05
N SER B 44 13.53 -10.24 46.46
CA SER B 44 14.44 -11.12 47.21
C SER B 44 15.74 -10.44 47.65
N GLY B 45 16.05 -9.29 47.07
CA GLY B 45 17.33 -8.68 47.29
C GLY B 45 18.46 -9.34 46.51
N ARG B 46 18.21 -10.41 45.78
CA ARG B 46 19.31 -11.08 45.07
C ARG B 46 19.81 -10.23 43.88
N GLN B 47 21.09 -10.41 43.57
CA GLN B 47 21.71 -9.73 42.48
C GLN B 47 22.57 -10.67 41.67
N LEU B 48 22.82 -10.31 40.43
CA LEU B 48 23.80 -11.05 39.68
C LEU B 48 24.93 -10.16 39.17
N ASP B 49 26.09 -10.78 38.98
CA ASP B 49 27.27 -10.09 38.57
C ASP B 49 27.28 -9.74 37.10
N VAL B 50 27.80 -8.55 36.80
CA VAL B 50 28.09 -8.16 35.43
C VAL B 50 29.60 -8.20 35.26
N VAL B 51 30.02 -8.94 34.24
CA VAL B 51 31.41 -9.25 34.01
C VAL B 51 31.90 -8.58 32.73
N ASN B 52 33.09 -8.01 32.78
CA ASN B 52 33.79 -7.49 31.60
C ASN B 52 34.50 -8.65 30.94
N PRO B 53 34.03 -9.04 29.77
CA PRO B 53 34.64 -10.22 29.12
C PRO B 53 36.10 -10.06 28.67
N ALA B 54 36.62 -8.84 28.63
CA ALA B 54 38.02 -8.63 28.26
C ALA B 54 38.96 -9.10 29.37
N ASP B 55 38.49 -9.09 30.62
CA ASP B 55 39.35 -9.52 31.72
C ASP B 55 38.70 -10.40 32.79
N GLY B 56 37.43 -10.74 32.64
CA GLY B 56 36.76 -11.63 33.58
C GLY B 56 36.36 -11.01 34.90
N THR B 57 36.55 -9.71 35.06
CA THR B 57 36.28 -9.06 36.33
C THR B 57 34.84 -8.55 36.40
N VAL B 58 34.36 -8.43 37.62
CA VAL B 58 33.05 -7.90 37.88
C VAL B 58 33.08 -6.37 37.81
N ILE B 59 32.23 -5.77 36.99
CA ILE B 59 32.16 -4.31 36.87
C ILE B 59 30.89 -3.68 37.45
N ALA B 60 29.89 -4.52 37.73
CA ALA B 60 28.64 -4.05 38.26
C ALA B 60 27.87 -5.24 38.77
N ARG B 61 26.78 -4.94 39.49
CA ARG B 61 25.78 -5.96 39.87
C ARG B 61 24.38 -5.41 39.56
N VAL B 62 23.48 -6.29 39.11
CA VAL B 62 22.10 -5.89 38.82
C VAL B 62 21.11 -6.82 39.49
N PRO B 63 19.85 -6.40 39.62
CA PRO B 63 18.90 -7.26 40.32
C PRO B 63 18.64 -8.56 39.59
N GLU B 64 18.43 -9.62 40.35
CA GLU B 64 18.07 -10.91 39.83
C GLU B 64 16.56 -11.15 40.11
N ALA B 65 15.71 -10.79 39.13
CA ALA B 65 14.27 -10.78 39.30
C ALA B 65 13.73 -12.18 39.30
N ASP B 66 12.70 -12.42 40.10
CA ASP B 66 11.91 -13.65 40.00
C ASP B 66 10.47 -13.29 39.51
N GLU B 67 9.57 -14.25 39.60
CA GLU B 67 8.23 -14.13 39.06
C GLU B 67 7.43 -12.97 39.69
N ARG B 68 7.66 -12.72 40.98
CA ARG B 68 7.02 -11.61 41.67
C ARG B 68 7.37 -10.29 41.00
N ASP B 69 8.64 -10.09 40.71
CA ASP B 69 9.08 -8.81 40.12
C ASP B 69 8.54 -8.66 38.69
N VAL B 70 8.58 -9.74 37.94
CA VAL B 70 8.06 -9.72 36.59
C VAL B 70 6.58 -9.42 36.60
N GLN B 71 5.83 -10.06 37.49
CA GLN B 71 4.40 -9.77 37.62
C GLN B 71 4.14 -8.30 37.93
N GLN B 72 4.95 -7.69 38.78
CA GLN B 72 4.78 -6.26 39.08
CA GLN B 72 4.78 -6.26 39.07
C GLN B 72 5.00 -5.40 37.83
N ALA B 73 6.00 -5.76 37.02
CA ALA B 73 6.30 -5.01 35.79
C ALA B 73 5.19 -5.14 34.75
N VAL B 74 4.65 -6.34 34.61
CA VAL B 74 3.51 -6.59 33.77
C VAL B 74 2.29 -5.82 34.27
N ALA B 75 2.03 -5.82 35.58
CA ALA B 75 0.93 -5.03 36.14
C ALA B 75 1.06 -3.54 35.80
N ALA B 76 2.27 -3.00 35.90
CA ALA B 76 2.50 -1.59 35.55
C ALA B 76 2.23 -1.32 34.07
N ALA B 77 2.72 -2.23 33.20
CA ALA B 77 2.54 -2.05 31.78
C ALA B 77 1.05 -2.12 31.39
N ARG B 78 0.33 -3.04 32.02
CA ARG B 78 -1.12 -3.13 31.88
C ARG B 78 -1.80 -1.82 32.29
N ARG B 79 -1.44 -1.29 33.45
CA ARG B 79 -2.06 -0.05 33.92
C ARG B 79 -1.80 1.09 32.93
N ALA B 80 -0.58 1.17 32.46
CA ALA B 80 -0.20 2.28 31.57
C ALA B 80 -0.95 2.21 30.23
N PHE B 81 -1.27 1.00 29.78
CA PHE B 81 -1.97 0.81 28.52
C PHE B 81 -3.48 1.01 28.75
N ASP B 82 -3.98 0.48 29.84
CA ASP B 82 -5.41 0.42 30.10
C ASP B 82 -5.99 1.73 30.58
N ALA B 83 -5.21 2.52 31.30
CA ALA B 83 -5.76 3.71 31.94
C ALA B 83 -4.88 4.96 31.92
N GLY B 84 -3.57 4.87 31.79
CA GLY B 84 -2.80 6.12 31.90
C GLY B 84 -2.98 7.14 30.75
N PRO B 85 -2.24 8.25 30.81
CA PRO B 85 -2.13 9.18 29.69
C PRO B 85 -1.63 8.59 28.39
N TRP B 86 -0.88 7.51 28.45
CA TRP B 86 -0.43 6.88 27.22
C TRP B 86 -1.59 6.39 26.38
N ARG B 87 -2.66 5.96 27.04
CA ARG B 87 -3.84 5.50 26.33
C ARG B 87 -4.45 6.57 25.47
N THR B 88 -4.48 7.81 25.92
CA THR B 88 -5.15 8.86 25.19
C THR B 88 -4.17 9.81 24.48
N ALA B 89 -2.90 9.46 24.47
CA ALA B 89 -1.93 10.26 23.76
C ALA B 89 -2.30 10.35 22.27
N LYS B 90 -2.06 11.50 21.67
CA LYS B 90 -2.20 11.67 20.23
C LYS B 90 -1.05 10.95 19.50
N THR B 91 -1.29 10.56 18.25
CA THR B 91 -0.20 10.06 17.38
C THR B 91 1.00 11.00 17.38
N THR B 92 0.74 12.30 17.33
CA THR B 92 1.81 13.31 17.37
C THR B 92 2.55 13.40 18.71
N ASP B 93 1.88 13.04 19.81
CA ASP B 93 2.57 12.93 21.11
C ASP B 93 3.59 11.79 21.09
N ARG B 94 3.17 10.63 20.56
CA ARG B 94 4.08 9.48 20.53
C ARG B 94 5.27 9.78 19.64
N GLU B 95 4.99 10.37 18.49
CA GLU B 95 6.01 10.78 17.54
C GLU B 95 7.03 11.68 18.26
N ARG B 96 6.53 12.71 18.94
CA ARG B 96 7.41 13.73 19.54
C ARG B 96 8.32 13.13 20.60
N LEU B 97 7.74 12.32 21.46
CA LEU B 97 8.52 11.66 22.50
C LEU B 97 9.62 10.74 21.92
N MET B 98 9.29 9.97 20.88
CA MET B 98 10.24 9.08 20.27
C MET B 98 11.38 9.84 19.60
N LEU B 99 11.08 10.99 18.99
CA LEU B 99 12.10 11.83 18.39
C LEU B 99 13.08 12.40 19.45
N VAL B 100 12.53 12.83 20.58
CA VAL B 100 13.32 13.31 21.70
C VAL B 100 14.24 12.20 22.19
N LEU B 101 13.73 10.98 22.31
CA LEU B 101 14.53 9.87 22.73
C LEU B 101 15.69 9.57 21.76
N ALA B 102 15.42 9.64 20.46
CA ALA B 102 16.45 9.39 19.47
C ALA B 102 17.57 10.42 19.62
N ASP B 103 17.21 11.66 19.82
CA ASP B 103 18.22 12.70 20.04
C ASP B 103 18.99 12.47 21.34
N LEU B 104 18.30 12.03 22.40
CA LEU B 104 19.02 11.75 23.66
C LEU B 104 20.03 10.63 23.50
N ILE B 105 19.69 9.61 22.71
CA ILE B 105 20.63 8.52 22.48
C ILE B 105 21.86 9.02 21.77
N GLU B 106 21.65 9.81 20.73
CA GLU B 106 22.73 10.45 20.04
C GLU B 106 23.57 11.38 20.90
N ALA B 107 22.94 12.15 21.77
CA ALA B 107 23.64 13.07 22.65
C ALA B 107 24.52 12.32 23.65
N ASN B 108 24.19 11.07 23.95
CA ASN B 108 24.96 10.28 24.91
C ASN B 108 25.59 9.04 24.26
N ALA B 109 25.95 9.17 22.99
CA ALA B 109 26.35 8.03 22.22
C ALA B 109 27.70 7.43 22.67
N ARG B 110 28.66 8.25 23.01
CA ARG B 110 29.95 7.69 23.45
C ARG B 110 29.80 6.91 24.75
N GLU B 111 29.05 7.45 25.71
CA GLU B 111 28.84 6.76 26.96
C GLU B 111 28.16 5.40 26.75
N LEU B 112 27.12 5.38 25.94
CA LEU B 112 26.43 4.15 25.66
C LEU B 112 27.36 3.16 25.01
N ALA B 113 28.17 3.62 24.08
CA ALA B 113 29.16 2.73 23.42
C ALA B 113 30.18 2.15 24.40
N GLU B 114 30.64 2.96 25.35
CA GLU B 114 31.58 2.48 26.38
C GLU B 114 30.91 1.43 27.28
N ILE B 115 29.68 1.69 27.67
CA ILE B 115 28.96 0.74 28.49
C ILE B 115 28.84 -0.57 27.73
N GLU B 116 28.45 -0.47 26.48
CA GLU B 116 28.20 -1.66 25.69
C GLU B 116 29.49 -2.44 25.48
N SER B 117 30.58 -1.73 25.23
CA SER B 117 31.85 -2.40 25.03
C SER B 117 32.31 -3.13 26.31
N LEU B 118 32.14 -2.47 27.45
CA LEU B 118 32.58 -3.04 28.72
C LEU B 118 31.76 -4.28 29.10
N ASP B 119 30.47 -4.25 28.75
CA ASP B 119 29.53 -5.26 29.19
C ASP B 119 29.50 -6.44 28.22
N ASN B 120 29.45 -6.14 26.92
CA ASN B 120 29.33 -7.14 25.87
C ASN B 120 30.69 -7.62 25.34
N GLY B 121 31.65 -6.70 25.28
CA GLY B 121 33.02 -7.00 24.81
C GLY B 121 33.40 -6.48 23.45
N LYS B 122 32.40 -6.11 22.64
CA LYS B 122 32.69 -5.66 21.28
C LYS B 122 33.49 -4.35 21.22
N PRO B 123 34.15 -4.10 20.07
CA PRO B 123 34.96 -2.88 19.96
C PRO B 123 34.09 -1.65 20.16
N VAL B 124 34.56 -0.75 20.99
CA VAL B 124 33.83 0.46 21.32
C VAL B 124 33.55 1.29 20.06
N MET B 125 34.46 1.28 19.09
CA MET B 125 34.26 2.09 17.89
C MET B 125 33.11 1.55 17.03
N VAL B 126 32.93 0.22 17.03
CA VAL B 126 31.84 -0.39 16.32
C VAL B 126 30.52 -0.18 17.09
N ALA B 127 30.57 -0.33 18.41
CA ALA B 127 29.40 -0.06 19.24
C ALA B 127 28.90 1.35 19.00
N GLN B 128 29.81 2.30 18.87
CA GLN B 128 29.40 3.70 18.70
C GLN B 128 28.84 3.97 17.32
N GLY B 129 29.58 3.51 16.30
CA GLY B 129 29.21 3.79 14.91
C GLY B 129 28.10 2.94 14.32
N LEU B 130 27.92 1.73 14.85
CA LEU B 130 26.86 0.90 14.38
C LEU B 130 25.76 0.77 15.42
N ASP B 131 26.03 0.10 16.56
CA ASP B 131 24.97 -0.24 17.49
C ASP B 131 24.24 0.97 17.98
N VAL B 132 24.98 1.93 18.54
CA VAL B 132 24.33 3.10 19.14
C VAL B 132 23.65 3.99 18.07
N ALA B 133 24.34 4.24 16.98
CA ALA B 133 23.78 5.04 15.89
C ALA B 133 22.50 4.42 15.34
N MET B 134 22.49 3.11 15.12
CA MET B 134 21.33 2.45 14.58
C MET B 134 20.22 2.25 15.62
N ALA B 135 20.56 2.23 16.91
CA ALA B 135 19.54 2.25 17.94
C ALA B 135 18.79 3.55 17.89
N ALA B 136 19.53 4.65 17.83
CA ALA B 136 18.91 5.98 17.70
C ALA B 136 18.05 6.09 16.43
N GLN B 137 18.60 5.64 15.32
CA GLN B 137 17.88 5.74 14.06
C GLN B 137 16.64 4.86 14.07
N CYS B 138 16.65 3.74 14.80
CA CYS B 138 15.44 2.90 14.88
C CYS B 138 14.31 3.66 15.57
N PHE B 139 14.61 4.28 16.71
CA PHE B 139 13.63 5.12 17.33
C PHE B 139 13.15 6.26 16.41
N ARG B 140 14.04 6.88 15.65
CA ARG B 140 13.65 7.99 14.78
C ARG B 140 12.78 7.53 13.63
N TYR B 141 13.22 6.46 12.97
CA TYR B 141 12.47 5.89 11.86
C TYR B 141 11.05 5.52 12.32
N MET B 142 10.95 4.81 13.44
CA MET B 142 9.67 4.30 13.92
C MET B 142 8.79 5.47 14.42
N ALA B 143 9.43 6.52 14.96
CA ALA B 143 8.70 7.70 15.36
C ALA B 143 7.86 8.20 14.20
N GLY B 144 8.44 8.18 13.00
CA GLY B 144 7.73 8.65 11.84
C GLY B 144 6.52 7.78 11.47
N TRP B 145 6.55 6.49 11.82
CA TRP B 145 5.36 5.66 11.62
C TRP B 145 4.20 6.00 12.55
N ALA B 146 4.48 6.64 13.69
CA ALA B 146 3.46 6.84 14.66
C ALA B 146 2.24 7.63 14.09
N THR B 147 2.49 8.54 13.14
CA THR B 147 1.44 9.34 12.55
C THR B 147 0.92 8.78 11.23
N LYS B 148 1.41 7.61 10.80
CA LYS B 148 1.16 7.09 9.48
C LYS B 148 0.64 5.67 9.44
N ILE B 149 0.04 5.21 10.54
CA ILE B 149 -0.53 3.83 10.58
C ILE B 149 -1.93 3.96 10.03
N GLU B 150 -2.20 3.26 8.95
CA GLU B 150 -3.46 3.45 8.26
C GLU B 150 -4.24 2.15 8.15
N GLY B 151 -5.56 2.20 8.43
CA GLY B 151 -6.40 1.09 8.07
C GLY B 151 -6.93 1.24 6.63
N SER B 152 -7.87 0.38 6.25
CA SER B 152 -8.43 0.39 4.91
C SER B 152 -9.93 0.65 4.89
N VAL B 153 -10.39 1.30 3.84
CA VAL B 153 -11.77 1.46 3.58
C VAL B 153 -12.13 0.55 2.39
N ILE B 154 -13.10 -0.32 2.62
CA ILE B 154 -13.43 -1.45 1.75
C ILE B 154 -14.77 -1.16 1.07
N ASP B 155 -14.85 -1.41 -0.24
CA ASP B 155 -16.14 -1.29 -0.94
C ASP B 155 -16.67 -2.72 -1.04
N ALA B 156 -17.54 -3.08 -0.10
CA ALA B 156 -17.98 -4.48 -0.05
C ALA B 156 -18.98 -4.77 -1.18
N GLY B 157 -18.72 -5.80 -1.95
CA GLY B 157 -19.73 -6.28 -2.92
C GLY B 157 -21.08 -6.70 -2.33
N MET B 158 -21.06 -7.43 -1.22
CA MET B 158 -22.24 -7.99 -0.59
C MET B 158 -23.12 -8.67 -1.63
N PRO B 159 -22.57 -9.59 -2.41
CA PRO B 159 -23.30 -10.10 -3.57
C PRO B 159 -24.62 -10.80 -3.28
N TYR B 160 -24.73 -11.38 -2.09
CA TYR B 160 -25.97 -12.05 -1.63
C TYR B 160 -26.97 -11.07 -1.01
N LEU B 161 -26.64 -9.79 -0.89
CA LEU B 161 -27.55 -8.80 -0.27
C LEU B 161 -27.95 -7.68 -1.25
N PRO B 162 -29.18 -7.73 -1.80
CA PRO B 162 -29.57 -6.71 -2.77
C PRO B 162 -29.58 -5.29 -2.19
N ASP B 163 -29.23 -4.31 -3.00
CA ASP B 163 -29.32 -2.90 -2.59
C ASP B 163 -28.64 -2.66 -1.25
N SER B 164 -27.46 -3.25 -1.05
CA SER B 164 -26.77 -3.15 0.21
C SER B 164 -26.28 -1.71 0.45
N GLU B 165 -26.38 -1.29 1.69
CA GLU B 165 -25.85 0.00 2.13
C GLU B 165 -24.96 -0.26 3.33
N ILE B 166 -23.73 -0.66 3.02
CA ILE B 166 -22.74 -1.07 3.96
C ILE B 166 -21.52 -0.15 3.91
N PHE B 167 -21.13 0.36 5.06
CA PHE B 167 -19.89 1.11 5.21
C PHE B 167 -18.92 0.23 5.99
N ALA B 168 -17.78 -0.11 5.40
CA ALA B 168 -16.86 -1.08 5.98
C ALA B 168 -15.44 -0.60 5.92
N TYR B 169 -14.69 -0.87 6.98
CA TYR B 169 -13.28 -0.45 7.11
C TYR B 169 -12.53 -1.23 8.17
N THR B 170 -11.20 -1.09 8.18
CA THR B 170 -10.39 -1.69 9.22
C THR B 170 -9.67 -0.61 10.03
N ARG B 171 -9.50 -0.90 11.30
CA ARG B 171 -8.74 -0.09 12.24
C ARG B 171 -7.54 -0.86 12.65
N LYS B 172 -6.42 -0.18 12.83
CA LYS B 172 -5.29 -0.84 13.38
C LYS B 172 -5.16 -0.37 14.83
N GLU B 173 -5.29 -1.29 15.79
CA GLU B 173 -5.19 -0.92 17.18
C GLU B 173 -3.85 -1.46 17.71
N PRO B 174 -3.29 -0.85 18.74
CA PRO B 174 -2.08 -1.44 19.31
C PRO B 174 -2.39 -2.85 19.82
N VAL B 175 -1.45 -3.78 19.66
CA VAL B 175 -1.68 -5.15 20.11
C VAL B 175 -1.84 -5.21 21.62
N GLY B 176 -1.20 -4.28 22.33
CA GLY B 176 -1.40 -4.09 23.76
C GLY B 176 -0.12 -4.10 24.54
N VAL B 177 -0.02 -4.99 25.51
CA VAL B 177 1.18 -5.07 26.34
C VAL B 177 2.14 -6.10 25.72
N VAL B 178 3.37 -5.68 25.51
CA VAL B 178 4.35 -6.51 24.82
C VAL B 178 5.44 -6.94 25.80
N GLY B 179 5.67 -8.25 25.88
CA GLY B 179 6.84 -8.76 26.55
C GLY B 179 7.94 -8.94 25.53
N ALA B 180 9.14 -8.42 25.81
CA ALA B 180 10.25 -8.47 24.90
C ALA B 180 11.47 -9.06 25.59
N ILE B 181 12.02 -10.11 25.00
CA ILE B 181 13.15 -10.83 25.55
C ILE B 181 14.23 -10.82 24.50
N ILE B 182 15.43 -10.39 24.89
CA ILE B 182 16.48 -10.19 23.94
C ILE B 182 17.83 -10.80 24.34
N PRO B 183 18.66 -11.10 23.33
CA PRO B 183 19.92 -11.76 23.54
C PRO B 183 21.00 -10.76 23.87
N TRP B 184 22.19 -11.28 24.04
CA TRP B 184 23.33 -10.52 24.55
C TRP B 184 24.29 -9.99 23.46
N ASN B 185 24.02 -10.31 22.19
CA ASN B 185 25.02 -10.00 21.14
C ASN B 185 24.98 -8.57 20.58
N PHE B 186 23.80 -7.95 20.60
CA PHE B 186 23.61 -6.53 20.29
C PHE B 186 22.63 -5.94 21.34
N PRO B 187 23.11 -5.76 22.59
CA PRO B 187 22.12 -5.50 23.65
C PRO B 187 21.27 -4.25 23.42
N LEU B 188 21.90 -3.09 23.19
CA LEU B 188 21.15 -1.85 23.06
C LEU B 188 20.32 -1.85 21.77
N LEU B 189 20.93 -2.31 20.70
CA LEU B 189 20.27 -2.28 19.37
C LEU B 189 19.02 -3.17 19.37
N MET B 190 19.12 -4.36 19.95
CA MET B 190 17.95 -5.26 20.00
CA MET B 190 17.97 -5.28 20.00
C MET B 190 16.85 -4.72 20.90
N ALA B 191 17.23 -4.03 21.98
CA ALA B 191 16.26 -3.38 22.83
C ALA B 191 15.47 -2.36 22.01
N ALA B 192 16.20 -1.57 21.23
CA ALA B 192 15.56 -0.57 20.36
C ALA B 192 14.65 -1.23 19.36
N TRP B 193 15.10 -2.32 18.74
CA TRP B 193 14.23 -3.01 17.79
C TRP B 193 12.88 -3.48 18.37
N LYS B 194 12.85 -3.87 19.64
CA LYS B 194 11.64 -4.37 20.24
C LYS B 194 10.82 -3.23 20.78
N ILE B 195 11.48 -2.24 21.36
CA ILE B 195 10.76 -1.16 22.03
C ILE B 195 10.18 -0.16 21.03
N ALA B 196 10.95 0.21 20.01
CA ALA B 196 10.53 1.33 19.16
C ALA B 196 9.18 1.09 18.45
N PRO B 197 8.98 -0.10 17.85
CA PRO B 197 7.70 -0.28 17.15
C PRO B 197 6.53 -0.31 18.12
N ALA B 198 6.79 -0.77 19.35
CA ALA B 198 5.76 -0.75 20.39
C ALA B 198 5.35 0.66 20.74
N LEU B 199 6.30 1.54 20.93
CA LEU B 199 5.98 2.90 21.25
C LEU B 199 5.25 3.58 20.10
N ALA B 200 5.68 3.31 18.88
CA ALA B 200 5.07 3.95 17.71
C ALA B 200 3.61 3.60 17.55
N THR B 201 3.24 2.38 17.90
CA THR B 201 1.87 1.91 17.74
C THR B 201 1.00 2.13 18.99
N GLY B 202 1.59 2.53 20.10
CA GLY B 202 0.83 2.79 21.32
C GLY B 202 0.78 1.60 22.27
N CYS B 203 1.63 0.60 22.04
CA CYS B 203 1.76 -0.49 22.99
C CYS B 203 2.51 -0.01 24.25
N THR B 204 2.51 -0.85 25.27
CA THR B 204 3.45 -0.72 26.42
C THR B 204 4.33 -1.98 26.47
N VAL B 205 5.41 -1.94 27.24
CA VAL B 205 6.48 -2.95 27.08
C VAL B 205 7.07 -3.32 28.43
N VAL B 206 7.27 -4.63 28.62
CA VAL B 206 8.18 -5.13 29.65
C VAL B 206 9.36 -5.76 28.92
N LEU B 207 10.52 -5.18 29.10
CA LEU B 207 11.76 -5.67 28.49
C LEU B 207 12.62 -6.49 29.47
N LYS B 208 13.09 -7.64 29.01
CA LYS B 208 14.01 -8.48 29.78
C LYS B 208 15.33 -8.59 29.02
N PRO B 209 16.32 -7.78 29.37
CA PRO B 209 17.63 -7.93 28.71
C PRO B 209 18.33 -9.22 29.08
N ALA B 210 19.33 -9.62 28.28
CA ALA B 210 20.02 -10.87 28.51
C ALA B 210 20.73 -10.79 29.87
N GLU B 211 20.78 -11.90 30.59
CA GLU B 211 21.50 -11.93 31.87
C GLU B 211 22.96 -11.53 31.71
N ASP B 212 23.58 -11.86 30.58
CA ASP B 212 25.00 -11.47 30.37
C ASP B 212 25.28 -9.97 30.05
N THR B 213 24.26 -9.22 29.62
CA THR B 213 24.44 -7.83 29.15
C THR B 213 23.25 -6.92 29.54
N PRO B 214 23.11 -6.61 30.82
CA PRO B 214 21.97 -5.82 31.27
C PRO B 214 22.18 -4.30 31.23
N LEU B 215 23.43 -3.83 31.13
CA LEU B 215 23.73 -2.44 31.47
C LEU B 215 23.23 -1.38 30.51
N SER B 216 23.40 -1.59 29.21
CA SER B 216 22.93 -0.53 28.27
C SER B 216 21.39 -0.36 28.31
N ALA B 217 20.69 -1.44 28.56
CA ALA B 217 19.21 -1.38 28.66
C ALA B 217 18.82 -0.54 29.87
N LEU B 218 19.53 -0.70 30.99
CA LEU B 218 19.24 0.11 32.15
C LEU B 218 19.51 1.58 31.88
N ARG B 219 20.60 1.89 31.20
CA ARG B 219 20.86 3.31 30.85
C ARG B 219 19.80 3.85 29.89
N LEU B 220 19.35 3.02 28.95
CA LEU B 220 18.28 3.42 28.04
C LEU B 220 17.03 3.75 28.83
N GLY B 221 16.75 2.97 29.87
CA GLY B 221 15.63 3.29 30.78
C GLY B 221 15.67 4.70 31.31
N GLU B 222 16.85 5.15 31.69
CA GLU B 222 17.03 6.52 32.18
C GLU B 222 16.69 7.53 31.08
N LEU B 223 17.11 7.25 29.84
CA LEU B 223 16.88 8.16 28.71
C LEU B 223 15.39 8.21 28.36
N ILE B 224 14.73 7.05 28.49
CA ILE B 224 13.31 6.97 28.27
C ILE B 224 12.57 7.87 29.28
N GLN B 225 12.95 7.81 30.55
CA GLN B 225 12.35 8.69 31.53
C GLN B 225 12.65 10.15 31.18
N ALA B 226 13.89 10.42 30.80
CA ALA B 226 14.29 11.81 30.50
C ALA B 226 13.56 12.35 29.29
N ALA B 227 13.19 11.47 28.36
CA ALA B 227 12.44 11.87 27.17
C ALA B 227 10.99 12.24 27.52
N GLY B 228 10.49 11.76 28.65
CA GLY B 228 9.16 12.10 29.11
C GLY B 228 8.10 11.03 28.91
N PHE B 229 8.46 9.78 28.64
CA PHE B 229 7.40 8.77 28.51
C PHE B 229 6.68 8.57 29.85
N PRO B 230 5.34 8.47 29.84
CA PRO B 230 4.64 8.18 31.08
C PRO B 230 5.12 6.90 31.77
N ASP B 231 5.02 6.88 33.09
CA ASP B 231 5.45 5.74 33.88
C ASP B 231 4.72 4.48 33.48
N GLY B 232 5.48 3.39 33.35
CA GLY B 232 4.92 2.08 33.05
C GLY B 232 4.81 1.77 31.58
N VAL B 233 5.06 2.75 30.72
CA VAL B 233 5.03 2.49 29.29
C VAL B 233 6.18 1.58 28.90
N VAL B 234 7.35 1.79 29.51
CA VAL B 234 8.49 0.90 29.39
C VAL B 234 8.97 0.50 30.79
N ASN B 235 9.07 -0.81 30.98
CA ASN B 235 9.54 -1.44 32.22
C ASN B 235 10.69 -2.38 31.86
N ILE B 236 11.69 -2.47 32.73
CA ILE B 236 12.93 -3.22 32.44
C ILE B 236 13.31 -4.11 33.64
N VAL B 237 13.30 -5.41 33.43
CA VAL B 237 13.53 -6.39 34.49
CA VAL B 237 13.52 -6.40 34.48
C VAL B 237 14.75 -7.20 34.12
N THR B 238 15.70 -7.34 35.07
CA THR B 238 16.94 -8.06 34.83
C THR B 238 16.90 -9.39 35.55
N GLY B 239 17.64 -10.38 35.05
CA GLY B 239 17.70 -11.68 35.67
C GLY B 239 17.92 -12.79 34.68
N TYR B 240 17.69 -14.03 35.13
CA TYR B 240 17.95 -15.21 34.29
C TYR B 240 16.78 -15.49 33.35
N GLY B 241 17.13 -15.97 32.17
CA GLY B 241 16.17 -16.43 31.18
C GLY B 241 15.25 -17.48 31.77
N HIS B 242 15.80 -18.44 32.51
CA HIS B 242 15.01 -19.56 33.01
C HIS B 242 14.03 -19.18 34.10
N THR B 243 14.18 -18.00 34.67
CA THR B 243 13.30 -17.57 35.71
C THR B 243 12.50 -16.33 35.30
N ALA B 244 13.19 -15.19 35.14
CA ALA B 244 12.52 -13.94 34.75
C ALA B 244 11.93 -14.02 33.35
N GLY B 245 12.71 -14.54 32.40
CA GLY B 245 12.24 -14.67 31.02
C GLY B 245 11.04 -15.56 30.89
N ALA B 246 11.13 -16.72 31.53
CA ALA B 246 10.07 -17.70 31.48
C ALA B 246 8.82 -17.11 32.10
N ALA B 247 8.96 -16.42 33.23
CA ALA B 247 7.78 -15.85 33.90
C ALA B 247 7.08 -14.82 33.03
N LEU B 248 7.85 -14.01 32.30
CA LEU B 248 7.29 -13.04 31.38
C LEU B 248 6.49 -13.73 30.31
N SER B 249 7.06 -14.78 29.72
CA SER B 249 6.37 -15.52 28.65
C SER B 249 5.03 -16.14 29.05
N ARG B 250 4.90 -16.55 30.32
CA ARG B 250 3.71 -17.25 30.81
CA ARG B 250 3.71 -17.25 30.82
C ARG B 250 2.64 -16.31 31.34
N ASP B 251 2.94 -15.02 31.44
CA ASP B 251 1.98 -14.14 32.08
C ASP B 251 0.79 -13.92 31.16
N PRO B 252 -0.43 -14.22 31.64
CA PRO B 252 -1.56 -14.08 30.72
C PRO B 252 -1.99 -12.64 30.48
N ARG B 253 -1.39 -11.69 31.16
CA ARG B 253 -1.74 -10.31 30.98
C ARG B 253 -0.90 -9.59 29.93
N ILE B 254 0.13 -10.23 29.35
CA ILE B 254 0.71 -9.70 28.13
C ILE B 254 -0.17 -10.10 26.94
N ASP B 255 -0.10 -9.32 25.87
CA ASP B 255 -0.81 -9.59 24.62
C ASP B 255 0.08 -10.15 23.51
N LYS B 256 1.38 -9.86 23.61
CA LYS B 256 2.33 -10.32 22.62
CA LYS B 256 2.33 -10.33 22.62
C LYS B 256 3.68 -10.58 23.24
N ILE B 257 4.34 -11.64 22.79
CA ILE B 257 5.72 -11.91 23.18
C ILE B 257 6.60 -11.72 21.95
N ALA B 258 7.71 -11.01 22.12
CA ALA B 258 8.64 -10.75 21.05
C ALA B 258 10.02 -11.24 21.53
N PHE B 259 10.53 -12.29 20.89
CA PHE B 259 11.67 -13.02 21.39
C PHE B 259 12.72 -13.21 20.30
N THR B 260 13.99 -12.99 20.68
CA THR B 260 15.12 -13.30 19.84
C THR B 260 16.08 -14.15 20.67
N GLY B 261 16.53 -15.25 20.10
CA GLY B 261 17.35 -16.20 20.82
C GLY B 261 17.44 -17.54 20.08
N SER B 262 17.74 -18.59 20.80
CA SER B 262 17.89 -19.88 20.16
C SER B 262 16.53 -20.48 19.75
N THR B 263 16.55 -21.35 18.74
CA THR B 263 15.37 -22.05 18.31
C THR B 263 14.80 -22.87 19.49
N GLN B 264 15.66 -23.49 20.27
CA GLN B 264 15.18 -24.33 21.39
C GLN B 264 14.41 -23.51 22.43
N THR B 265 15.00 -22.40 22.84
CA THR B 265 14.36 -21.53 23.83
C THR B 265 13.12 -20.86 23.24
N GLY B 266 13.19 -20.51 21.96
CA GLY B 266 12.05 -19.96 21.24
C GLY B 266 10.84 -20.86 21.28
N LYS B 267 11.04 -22.17 21.14
CA LYS B 267 9.92 -23.10 21.23
C LYS B 267 9.29 -23.11 22.62
N THR B 268 10.13 -23.11 23.64
CA THR B 268 9.68 -23.08 25.01
C THR B 268 8.85 -21.83 25.27
N ILE B 269 9.36 -20.68 24.81
CA ILE B 269 8.67 -19.43 24.94
C ILE B 269 7.31 -19.47 24.22
N GLY B 270 7.33 -19.98 23.00
CA GLY B 270 6.12 -20.04 22.20
C GLY B 270 5.07 -20.93 22.84
N HIS B 271 5.48 -22.05 23.40
CA HIS B 271 4.50 -22.93 24.02
C HIS B 271 3.83 -22.20 25.18
N ALA B 272 4.63 -21.45 25.95
CA ALA B 272 4.07 -20.71 27.09
C ALA B 272 3.09 -19.64 26.59
N ALA B 273 3.48 -18.97 25.52
CA ALA B 273 2.61 -17.98 24.89
C ALA B 273 1.30 -18.57 24.41
N LEU B 274 1.40 -19.67 23.70
CA LEU B 274 0.21 -20.30 23.13
C LEU B 274 -0.85 -20.66 24.16
N ASP B 275 -0.42 -21.10 25.32
CA ASP B 275 -1.35 -21.47 26.35
C ASP B 275 -2.24 -20.32 26.76
N ASN B 276 -1.80 -19.09 26.54
CA ASN B 276 -2.62 -17.89 26.78
C ASN B 276 -3.10 -17.23 25.51
N MET B 277 -2.90 -17.89 24.37
CA MET B 277 -3.19 -17.31 23.05
C MET B 277 -2.54 -15.93 22.90
N THR B 278 -1.35 -15.80 23.44
CA THR B 278 -0.51 -14.65 23.28
C THR B 278 0.07 -14.66 21.87
N ARG B 279 0.05 -13.52 21.18
CA ARG B 279 0.63 -13.44 19.85
C ARG B 279 2.15 -13.53 19.98
N MET B 280 2.83 -14.00 18.95
CA MET B 280 4.26 -14.18 19.08
C MET B 280 5.04 -13.82 17.80
N SER B 281 6.23 -13.26 18.03
CA SER B 281 7.23 -13.05 16.99
C SER B 281 8.52 -13.67 17.49
N LEU B 282 9.17 -14.49 16.65
CA LEU B 282 10.30 -15.30 17.05
C LEU B 282 11.42 -15.23 16.03
N GLU B 283 12.56 -14.69 16.45
CA GLU B 283 13.75 -14.59 15.60
C GLU B 283 14.76 -15.49 16.24
N LEU B 284 15.04 -16.60 15.58
CA LEU B 284 15.70 -17.70 16.25
C LEU B 284 17.07 -18.01 15.65
N GLY B 285 17.45 -19.28 15.62
CA GLY B 285 18.83 -19.64 15.21
C GLY B 285 19.11 -19.46 13.70
N GLY B 286 20.40 -19.53 13.35
CA GLY B 286 20.79 -19.49 11.95
C GLY B 286 22.07 -20.24 11.68
N LYS B 287 22.24 -20.63 10.42
CA LYS B 287 23.52 -21.19 9.91
C LYS B 287 23.66 -20.72 8.45
N SER B 288 23.82 -19.41 8.30
CA SER B 288 23.60 -18.73 7.02
C SER B 288 24.71 -19.02 6.03
N PRO B 289 24.36 -19.37 4.79
CA PRO B 289 25.41 -19.69 3.81
C PRO B 289 25.82 -18.47 3.01
N VAL B 290 27.05 -18.54 2.53
CA VAL B 290 27.66 -17.50 1.71
C VAL B 290 28.09 -18.22 0.43
N ILE B 291 27.51 -17.84 -0.70
CA ILE B 291 27.75 -18.50 -1.96
C ILE B 291 28.56 -17.58 -2.85
N VAL B 292 29.76 -18.03 -3.21
CA VAL B 292 30.64 -17.23 -4.05
C VAL B 292 30.70 -17.84 -5.46
N LEU B 293 30.24 -17.06 -6.45
CA LEU B 293 30.27 -17.49 -7.85
C LEU B 293 31.67 -17.21 -8.50
N PRO B 294 31.97 -17.88 -9.62
CA PRO B 294 33.34 -17.86 -10.13
C PRO B 294 33.73 -16.57 -10.84
N ASP B 295 32.78 -15.66 -11.03
CA ASP B 295 33.08 -14.39 -11.72
C ASP B 295 33.57 -13.32 -10.81
N VAL B 296 33.71 -13.59 -9.51
CA VAL B 296 34.08 -12.54 -8.57
C VAL B 296 35.51 -12.04 -8.69
N ASP B 297 35.73 -10.82 -8.20
CA ASP B 297 37.05 -10.35 -7.82
C ASP B 297 37.47 -11.10 -6.57
N LEU B 298 38.64 -11.74 -6.61
CA LEU B 298 39.03 -12.65 -5.52
C LEU B 298 39.23 -11.93 -4.18
N ASP B 299 39.80 -10.73 -4.24
CA ASP B 299 40.03 -10.00 -3.01
C ASP B 299 38.75 -9.46 -2.41
N LYS B 300 37.85 -8.92 -3.23
CA LYS B 300 36.52 -8.46 -2.74
C LYS B 300 35.75 -9.62 -2.13
N ALA B 301 35.78 -10.78 -2.79
CA ALA B 301 35.08 -11.95 -2.28
C ALA B 301 35.67 -12.41 -0.94
N ALA B 302 36.99 -12.42 -0.84
CA ALA B 302 37.61 -12.90 0.37
C ALA B 302 37.33 -11.96 1.52
N GLN B 303 37.40 -10.68 1.26
CA GLN B 303 37.13 -9.70 2.28
C GLN B 303 35.66 -9.81 2.71
N GLY B 304 34.79 -10.06 1.76
CA GLY B 304 33.37 -10.27 2.07
C GLY B 304 33.10 -11.51 2.90
N VAL B 305 33.73 -12.62 2.55
CA VAL B 305 33.57 -13.87 3.29
C VAL B 305 34.09 -13.66 4.72
N ALA B 306 35.26 -13.06 4.88
CA ALA B 306 35.85 -12.84 6.20
C ALA B 306 34.95 -11.96 7.07
N ASN B 307 34.49 -10.86 6.50
CA ASN B 307 33.61 -9.96 7.23
C ASN B 307 32.30 -10.65 7.63
N ALA B 308 31.76 -11.45 6.72
CA ALA B 308 30.49 -12.12 6.97
C ALA B 308 30.49 -12.99 8.21
N ILE B 309 31.64 -13.60 8.49
CA ILE B 309 31.75 -14.47 9.64
C ILE B 309 32.36 -13.77 10.84
N PHE B 310 33.34 -12.90 10.67
CA PHE B 310 34.07 -12.39 11.85
C PHE B 310 33.47 -11.11 12.46
N PHE B 311 32.57 -10.46 11.76
CA PHE B 311 31.82 -9.32 12.31
C PHE B 311 31.26 -9.68 13.68
N ASN B 312 31.45 -8.79 14.65
CA ASN B 312 30.99 -9.00 16.01
C ASN B 312 31.41 -10.33 16.61
N GLN B 313 32.65 -10.73 16.30
CA GLN B 313 33.20 -11.99 16.74
C GLN B 313 32.39 -13.21 16.36
N GLY B 314 31.65 -13.13 15.25
CA GLY B 314 30.74 -14.20 14.84
C GLY B 314 29.49 -14.36 15.67
N GLN B 315 29.26 -13.45 16.61
CA GLN B 315 28.11 -13.52 17.52
C GLN B 315 26.96 -12.77 16.90
N VAL B 316 26.47 -13.33 15.81
CA VAL B 316 25.45 -12.70 14.96
C VAL B 316 24.55 -13.81 14.45
N CYS B 317 23.25 -13.64 14.61
CA CYS B 317 22.30 -14.67 14.25
CA CYS B 317 22.33 -14.69 14.26
C CYS B 317 22.45 -15.04 12.76
N THR B 318 22.70 -14.03 11.92
CA THR B 318 22.91 -14.24 10.49
C THR B 318 24.37 -14.35 10.07
N ALA B 319 25.27 -14.66 10.98
CA ALA B 319 26.67 -14.82 10.61
C ALA B 319 26.81 -15.76 9.41
N GLY B 320 27.69 -15.38 8.50
CA GLY B 320 27.94 -16.19 7.31
C GLY B 320 28.85 -17.33 7.68
N SER B 321 28.25 -18.33 8.32
CA SER B 321 29.02 -19.40 8.94
C SER B 321 29.37 -20.58 8.04
N ARG B 322 28.73 -20.68 6.89
CA ARG B 322 29.08 -21.68 5.88
C ARG B 322 29.41 -21.02 4.56
N ALA B 323 30.64 -21.17 4.06
CA ALA B 323 31.00 -20.60 2.77
C ALA B 323 31.06 -21.70 1.71
N TYR B 324 30.29 -21.55 0.63
CA TYR B 324 30.33 -22.44 -0.50
C TYR B 324 30.89 -21.65 -1.67
N ILE B 325 32.11 -22.02 -2.10
CA ILE B 325 32.85 -21.22 -3.07
C ILE B 325 33.12 -22.07 -4.29
N HIS B 326 32.83 -21.52 -5.46
CA HIS B 326 32.98 -22.28 -6.68
C HIS B 326 34.41 -22.81 -6.81
N SER B 327 34.52 -24.05 -7.28
CA SER B 327 35.79 -24.75 -7.30
C SER B 327 36.88 -24.04 -8.11
N LYS B 328 36.52 -23.36 -9.19
CA LYS B 328 37.52 -22.56 -9.94
C LYS B 328 38.21 -21.52 -9.08
N VAL B 329 37.57 -21.00 -8.04
CA VAL B 329 38.20 -19.95 -7.23
C VAL B 329 38.37 -20.27 -5.73
N PHE B 330 38.03 -21.49 -5.34
CA PHE B 330 38.05 -21.87 -3.92
C PHE B 330 39.43 -21.66 -3.25
N ASP B 331 40.50 -22.14 -3.89
CA ASP B 331 41.83 -22.06 -3.27
C ASP B 331 42.29 -20.61 -3.09
N GLY B 332 42.11 -19.79 -4.12
CA GLY B 332 42.48 -18.38 -4.04
C GLY B 332 41.67 -17.61 -3.00
N VAL B 333 40.37 -17.87 -2.94
CA VAL B 333 39.55 -17.18 -1.96
C VAL B 333 39.96 -17.59 -0.52
N ILE B 334 40.06 -18.89 -0.28
CA ILE B 334 40.33 -19.36 1.06
C ILE B 334 41.72 -18.96 1.54
N GLU B 335 42.70 -18.99 0.64
CA GLU B 335 44.04 -18.50 0.95
C GLU B 335 43.89 -17.11 1.52
N ARG B 336 43.15 -16.28 0.79
CA ARG B 336 43.00 -14.88 1.18
C ARG B 336 42.24 -14.69 2.47
N VAL B 337 41.17 -15.48 2.65
CA VAL B 337 40.38 -15.41 3.88
C VAL B 337 41.23 -15.78 5.10
N ALA B 338 42.05 -16.81 4.98
CA ALA B 338 42.91 -17.25 6.08
C ALA B 338 43.93 -16.17 6.46
N LYS B 339 44.47 -15.48 5.47
CA LYS B 339 45.37 -14.37 5.73
C LYS B 339 44.67 -13.25 6.48
N ILE B 340 43.44 -12.92 6.05
CA ILE B 340 42.66 -11.87 6.72
C ILE B 340 42.39 -12.29 8.15
N ALA B 341 41.95 -13.52 8.35
CA ALA B 341 41.66 -14.03 9.70
C ALA B 341 42.84 -13.87 10.63
N ALA B 342 44.01 -14.30 10.17
CA ALA B 342 45.22 -14.27 10.98
C ALA B 342 45.71 -12.86 11.23
N SER B 343 45.33 -11.92 10.38
CA SER B 343 45.77 -10.54 10.57
C SER B 343 44.89 -9.72 11.53
N LEU B 344 43.68 -10.20 11.87
CA LEU B 344 42.77 -9.41 12.69
C LEU B 344 43.32 -9.19 14.10
N LYS B 345 43.30 -7.94 14.56
CA LYS B 345 43.84 -7.56 15.86
C LYS B 345 42.88 -7.96 16.98
N ILE B 346 43.34 -8.84 17.85
CA ILE B 346 42.54 -9.37 18.94
C ILE B 346 42.90 -8.57 20.19
N GLY B 347 41.90 -8.09 20.91
CA GLY B 347 42.19 -7.30 22.10
C GLY B 347 40.93 -6.81 22.80
N PRO B 348 41.12 -5.97 23.85
CA PRO B 348 39.98 -5.42 24.56
C PRO B 348 39.21 -4.44 23.70
N GLY B 349 37.89 -4.46 23.82
CA GLY B 349 37.03 -3.65 22.99
C GLY B 349 37.21 -2.15 23.16
N MET B 350 37.70 -1.73 24.32
CA MET B 350 37.97 -0.31 24.52
C MET B 350 39.20 0.23 23.78
N ASP B 351 40.03 -0.65 23.24
CA ASP B 351 41.19 -0.23 22.46
C ASP B 351 40.73 0.04 21.02
N PRO B 352 40.95 1.27 20.53
CA PRO B 352 40.59 1.58 19.16
C PRO B 352 41.22 0.67 18.09
N ALA B 353 42.35 0.05 18.38
CA ALA B 353 42.98 -0.85 17.41
C ALA B 353 42.29 -2.22 17.31
N THR B 354 41.46 -2.57 18.27
CA THR B 354 40.92 -3.91 18.34
C THR B 354 39.95 -4.16 17.20
N GLN B 355 40.13 -5.26 16.48
CA GLN B 355 39.17 -5.68 15.48
C GLN B 355 38.32 -6.86 15.94
N ILE B 356 38.88 -7.69 16.80
CA ILE B 356 38.19 -8.84 17.34
C ILE B 356 38.26 -8.77 18.86
N GLY B 357 37.10 -8.59 19.51
CA GLY B 357 37.01 -8.62 20.96
C GLY B 357 36.87 -10.04 21.47
N PRO B 358 36.71 -10.21 22.79
CA PRO B 358 36.51 -11.53 23.36
C PRO B 358 35.06 -11.96 23.11
N LEU B 359 34.77 -13.22 23.38
CA LEU B 359 33.39 -13.66 23.42
C LEU B 359 32.78 -13.21 24.74
N VAL B 360 31.46 -13.34 24.86
CA VAL B 360 30.75 -12.67 25.94
C VAL B 360 30.97 -13.30 27.32
N SER B 361 31.28 -14.59 27.37
CA SER B 361 31.36 -15.31 28.65
C SER B 361 32.30 -16.52 28.55
N ALA B 362 32.69 -17.04 29.70
CA ALA B 362 33.44 -18.30 29.74
C ALA B 362 32.62 -19.45 29.15
N LYS B 363 31.33 -19.49 29.44
CA LYS B 363 30.44 -20.56 28.88
C LYS B 363 30.45 -20.49 27.36
N GLN B 364 30.40 -19.31 26.80
CA GLN B 364 30.41 -19.17 25.34
C GLN B 364 31.71 -19.62 24.77
N ARG B 365 32.81 -19.23 25.40
CA ARG B 365 34.09 -19.73 24.92
C ARG B 365 34.18 -21.25 24.99
N GLU B 366 33.69 -21.84 26.09
CA GLU B 366 33.70 -23.31 26.22
C GLU B 366 32.90 -23.93 25.07
N ARG B 367 31.71 -23.41 24.78
CA ARG B 367 30.88 -23.92 23.68
C ARG B 367 31.57 -23.81 22.32
N VAL B 368 32.11 -22.64 22.03
CA VAL B 368 32.71 -22.39 20.74
C VAL B 368 33.95 -23.28 20.56
N CYS B 369 34.83 -23.34 21.56
CA CYS B 369 35.99 -24.19 21.47
C CYS B 369 35.61 -25.67 21.37
N GLY B 370 34.52 -26.05 22.03
CA GLY B 370 34.01 -27.41 21.96
C GLY B 370 33.58 -27.76 20.55
N TYR B 371 32.98 -26.81 19.86
CA TYR B 371 32.60 -27.03 18.46
C TYR B 371 33.84 -27.17 17.58
N ILE B 372 34.82 -26.30 17.76
CA ILE B 372 36.06 -26.40 17.00
C ILE B 372 36.70 -27.77 17.18
N ASP B 373 36.81 -28.20 18.43
CA ASP B 373 37.39 -29.50 18.77
C ASP B 373 36.63 -30.63 18.09
N SER B 374 35.31 -30.51 18.12
CA SER B 374 34.44 -31.48 17.48
C SER B 374 34.75 -31.62 15.97
N GLY B 375 34.99 -30.49 15.32
CA GLY B 375 35.37 -30.46 13.92
C GLY B 375 36.66 -31.20 13.64
N PHE B 376 37.69 -30.89 14.44
CA PHE B 376 38.95 -31.61 14.35
C PHE B 376 38.70 -33.11 14.53
N GLY B 377 37.90 -33.46 15.51
CA GLY B 377 37.59 -34.87 15.79
C GLY B 377 36.94 -35.60 14.62
N GLU B 378 36.20 -34.87 13.80
CA GLU B 378 35.53 -35.49 12.66
C GLU B 378 36.32 -35.42 11.38
N GLY B 379 37.50 -34.79 11.41
CA GLY B 379 38.41 -34.78 10.25
C GLY B 379 38.61 -33.42 9.59
N ALA B 380 37.98 -32.38 10.11
CA ALA B 380 38.16 -31.03 9.58
C ALA B 380 39.55 -30.54 9.94
N ARG B 381 40.07 -29.60 9.18
CA ARG B 381 41.33 -28.96 9.56
C ARG B 381 41.26 -27.45 9.47
N ALA B 382 42.11 -26.80 10.26
CA ALA B 382 42.11 -25.36 10.37
C ALA B 382 43.02 -24.73 9.34
N ALA B 383 42.46 -23.93 8.43
CA ALA B 383 43.28 -23.10 7.54
C ALA B 383 43.72 -21.83 8.25
N ALA B 384 43.00 -21.47 9.32
CA ALA B 384 43.43 -20.40 10.21
C ALA B 384 42.83 -20.60 11.57
N GLY B 385 43.52 -20.12 12.59
CA GLY B 385 43.02 -20.14 13.95
C GLY B 385 42.96 -21.53 14.55
N GLY B 386 41.98 -21.75 15.39
CA GLY B 386 41.83 -23.01 16.06
C GLY B 386 42.40 -22.99 17.47
N ARG B 387 43.65 -22.49 17.61
CA ARG B 387 44.52 -22.59 18.81
C ARG B 387 44.07 -21.64 19.93
N ALA B 388 44.06 -22.13 21.16
CA ALA B 388 43.47 -21.40 22.31
C ALA B 388 44.22 -20.12 22.69
N ILE B 389 43.51 -19.13 23.24
CA ILE B 389 44.21 -17.92 23.72
C ILE B 389 44.31 -17.86 25.24
N ASP B 390 45.53 -17.94 25.76
CA ASP B 390 45.80 -17.86 27.19
C ASP B 390 45.52 -16.47 27.73
N GLY B 391 45.28 -16.41 29.03
CA GLY B 391 45.16 -15.15 29.73
C GLY B 391 43.75 -14.78 30.09
N PRO B 392 43.60 -13.64 30.77
CA PRO B 392 42.29 -13.29 31.23
C PRO B 392 41.39 -12.93 30.03
N GLY B 393 40.10 -13.01 30.26
CA GLY B 393 39.19 -12.67 29.19
C GLY B 393 38.83 -13.91 28.41
N PHE B 394 37.81 -13.80 27.60
CA PHE B 394 37.23 -14.95 26.94
C PHE B 394 37.49 -14.92 25.44
N PHE B 395 38.77 -14.85 25.11
CA PHE B 395 39.23 -14.64 23.73
C PHE B 395 39.38 -15.95 22.99
N VAL B 396 39.03 -15.91 21.72
CA VAL B 396 39.14 -17.05 20.79
C VAL B 396 39.64 -16.52 19.43
N GLU B 397 40.52 -17.27 18.78
CA GLU B 397 41.04 -16.90 17.48
C GLU B 397 39.99 -17.02 16.39
N PRO B 398 39.95 -16.04 15.48
CA PRO B 398 39.20 -16.24 14.25
C PRO B 398 39.65 -17.52 13.57
N THR B 399 38.70 -18.37 13.25
CA THR B 399 39.01 -19.74 12.86
C THR B 399 38.34 -20.09 11.54
N VAL B 400 39.12 -20.66 10.63
CA VAL B 400 38.59 -21.14 9.36
C VAL B 400 38.87 -22.63 9.21
N LEU B 401 37.80 -23.42 9.05
CA LEU B 401 37.87 -24.86 8.91
C LEU B 401 37.55 -25.29 7.50
N VAL B 402 38.41 -26.18 6.96
CA VAL B 402 38.24 -26.78 5.63
C VAL B 402 38.22 -28.29 5.75
N ASP B 403 37.96 -28.97 4.64
CA ASP B 403 37.81 -30.43 4.60
C ASP B 403 36.61 -30.83 5.46
N THR B 404 35.62 -29.97 5.52
CA THR B 404 34.38 -30.27 6.22
C THR B 404 33.39 -30.93 5.30
N THR B 405 32.42 -31.65 5.86
CA THR B 405 31.31 -32.21 5.08
C THR B 405 29.98 -31.83 5.73
N GLN B 406 28.89 -32.00 4.99
CA GLN B 406 27.56 -31.61 5.47
C GLN B 406 27.12 -32.41 6.70
N ALA B 407 27.69 -33.59 6.90
CA ALA B 407 27.33 -34.42 8.05
C ALA B 407 27.97 -33.95 9.37
N MET B 408 29.01 -33.11 9.32
CA MET B 408 29.72 -32.76 10.54
C MET B 408 28.92 -31.80 11.42
N ARG B 409 29.09 -31.93 12.73
CA ARG B 409 28.42 -31.00 13.68
C ARG B 409 28.72 -29.54 13.43
N VAL B 410 29.98 -29.22 13.13
CA VAL B 410 30.34 -27.82 12.84
C VAL B 410 29.62 -27.22 11.64
N VAL B 411 29.23 -28.07 10.69
CA VAL B 411 28.47 -27.59 9.54
C VAL B 411 26.97 -27.53 9.84
N ARG B 412 26.46 -28.48 10.63
CA ARG B 412 25.02 -28.60 10.87
CA ARG B 412 25.02 -28.60 10.87
C ARG B 412 24.52 -27.61 11.95
N GLU B 413 25.32 -27.38 13.00
CA GLU B 413 24.87 -26.66 14.18
C GLU B 413 25.43 -25.25 14.28
N GLU B 414 24.62 -24.37 14.85
CA GLU B 414 24.99 -22.97 15.08
C GLU B 414 26.04 -22.90 16.18
N ILE B 415 27.17 -22.30 15.85
CA ILE B 415 28.31 -22.18 16.76
C ILE B 415 28.24 -20.87 17.52
N PHE B 416 27.87 -19.80 16.82
CA PHE B 416 27.71 -18.45 17.41
C PHE B 416 29.04 -17.90 17.94
N GLY B 417 30.07 -18.05 17.10
CA GLY B 417 31.40 -17.52 17.37
C GLY B 417 32.16 -17.38 16.04
N PRO B 418 33.45 -16.99 16.11
CA PRO B 418 34.18 -16.63 14.88
C PRO B 418 34.77 -17.84 14.18
N VAL B 419 33.88 -18.73 13.74
CA VAL B 419 34.27 -20.01 13.17
C VAL B 419 33.54 -20.22 11.85
N LEU B 420 34.33 -20.31 10.78
CA LEU B 420 33.82 -20.51 9.43
C LEU B 420 34.08 -21.96 9.00
N VAL B 421 33.13 -22.54 8.28
CA VAL B 421 33.38 -23.77 7.55
C VAL B 421 33.31 -23.40 6.08
N ALA B 422 34.22 -23.93 5.26
CA ALA B 422 34.27 -23.54 3.85
C ALA B 422 34.48 -24.75 2.96
N MET B 423 33.65 -24.86 1.92
CA MET B 423 33.62 -26.00 1.04
C MET B 423 33.41 -25.56 -0.41
N PRO B 424 33.92 -26.35 -1.37
CA PRO B 424 33.80 -26.05 -2.79
C PRO B 424 32.48 -26.57 -3.39
N PHE B 425 32.09 -26.02 -4.53
CA PHE B 425 31.02 -26.60 -5.34
C PHE B 425 31.36 -26.42 -6.81
N ASP B 426 30.82 -27.30 -7.64
CA ASP B 426 31.10 -27.27 -9.06
C ASP B 426 30.04 -26.62 -9.87
N ASP B 427 28.80 -26.61 -9.41
CA ASP B 427 27.77 -25.92 -10.16
C ASP B 427 26.68 -25.36 -9.24
N VAL B 428 25.93 -24.42 -9.79
CA VAL B 428 24.99 -23.67 -8.98
CA VAL B 428 24.97 -23.67 -8.98
C VAL B 428 23.87 -24.55 -8.39
N ASP B 429 23.42 -25.56 -9.12
CA ASP B 429 22.40 -26.45 -8.54
C ASP B 429 22.89 -27.09 -7.25
N THR B 430 24.15 -27.46 -7.24
CA THR B 430 24.76 -28.05 -6.04
C THR B 430 24.90 -27.02 -4.91
N ALA B 431 25.29 -25.80 -5.25
CA ALA B 431 25.39 -24.74 -4.28
C ALA B 431 24.02 -24.51 -3.60
N VAL B 432 22.93 -24.53 -4.40
CA VAL B 432 21.60 -24.33 -3.87
C VAL B 432 21.26 -25.46 -2.90
N GLN B 433 21.51 -26.70 -3.30
CA GLN B 433 21.23 -27.84 -2.44
C GLN B 433 21.98 -27.73 -1.12
N LEU B 434 23.27 -27.40 -1.19
CA LEU B 434 24.09 -27.28 0.02
C LEU B 434 23.60 -26.13 0.90
N ALA B 435 23.32 -24.99 0.29
CA ALA B 435 22.90 -23.81 1.03
C ALA B 435 21.58 -24.03 1.79
N ASN B 436 20.62 -24.69 1.14
CA ASN B 436 19.35 -25.01 1.78
C ASN B 436 19.38 -26.26 2.68
N ASP B 437 20.50 -26.97 2.73
CA ASP B 437 20.64 -28.16 3.57
C ASP B 437 20.92 -27.79 5.05
N THR B 438 19.86 -27.29 5.69
CA THR B 438 19.93 -26.76 7.05
C THR B 438 18.50 -26.67 7.52
N PRO B 439 18.26 -26.84 8.82
CA PRO B 439 16.92 -26.56 9.32
C PRO B 439 16.62 -25.06 9.36
N TYR B 440 17.65 -24.22 9.22
CA TYR B 440 17.48 -22.78 9.42
C TYR B 440 17.15 -22.06 8.13
N GLY B 441 16.93 -20.77 8.22
CA GLY B 441 16.57 -19.98 7.04
C GLY B 441 16.54 -18.49 7.35
N LEU B 442 17.57 -18.00 8.03
CA LEU B 442 17.56 -16.62 8.51
C LEU B 442 18.17 -15.68 7.48
N GLY B 443 19.36 -16.01 6.99
CA GLY B 443 20.06 -15.18 6.03
C GLY B 443 20.87 -15.99 5.06
N ALA B 444 21.39 -15.29 4.05
CA ALA B 444 22.27 -15.86 3.08
C ALA B 444 22.88 -14.77 2.25
N SER B 445 24.05 -15.02 1.63
CA SER B 445 24.55 -14.07 0.62
C SER B 445 25.13 -14.75 -0.63
N ILE B 446 25.11 -13.98 -1.72
CA ILE B 446 25.62 -14.35 -3.01
C ILE B 446 26.66 -13.30 -3.40
N TRP B 447 27.82 -13.74 -3.87
CA TRP B 447 28.91 -12.86 -4.27
C TRP B 447 29.17 -13.08 -5.75
N SER B 448 28.84 -12.05 -6.56
CA SER B 448 28.83 -12.10 -8.03
C SER B 448 28.49 -10.74 -8.59
N ASN B 449 28.82 -10.54 -9.85
CA ASN B 449 28.38 -9.39 -10.63
C ASN B 449 27.60 -9.84 -11.85
N ASP B 450 27.19 -11.11 -11.84
CA ASP B 450 26.49 -11.76 -12.98
C ASP B 450 24.99 -11.62 -12.77
N LEU B 451 24.38 -10.67 -13.47
CA LEU B 451 22.96 -10.36 -13.28
C LEU B 451 22.08 -11.60 -13.41
N SER B 452 22.24 -12.33 -14.51
CA SER B 452 21.44 -13.52 -14.78
CA SER B 452 21.44 -13.53 -14.77
C SER B 452 21.56 -14.57 -13.67
N ALA B 453 22.78 -14.86 -13.26
CA ALA B 453 22.97 -15.87 -12.23
C ALA B 453 22.40 -15.45 -10.91
N ILE B 454 22.58 -14.19 -10.57
CA ILE B 454 22.06 -13.67 -9.31
C ILE B 454 20.52 -13.78 -9.28
N HIS B 455 19.87 -13.35 -10.34
CA HIS B 455 18.39 -13.36 -10.34
C HIS B 455 17.81 -14.76 -10.43
N LYS B 456 18.57 -15.71 -10.96
CA LYS B 456 18.13 -17.11 -10.98
CA LYS B 456 18.14 -17.11 -10.97
C LYS B 456 18.31 -17.74 -9.59
N LEU B 457 19.26 -17.22 -8.84
CA LEU B 457 19.59 -17.79 -7.52
C LEU B 457 18.75 -17.27 -6.39
N VAL B 458 18.51 -15.97 -6.37
CA VAL B 458 17.80 -15.33 -5.26
C VAL B 458 16.50 -16.07 -4.91
N PRO B 459 15.67 -16.41 -5.91
CA PRO B 459 14.42 -17.10 -5.56
C PRO B 459 14.61 -18.49 -4.96
N ARG B 460 15.78 -19.12 -5.16
CA ARG B 460 15.96 -20.53 -4.83
C ARG B 460 16.51 -20.75 -3.43
N ILE B 461 17.01 -19.68 -2.81
CA ILE B 461 17.58 -19.77 -1.48
CA ILE B 461 17.58 -19.76 -1.47
C ILE B 461 16.51 -19.49 -0.44
N ALA B 462 16.28 -20.45 0.45
CA ALA B 462 15.18 -20.30 1.43
C ALA B 462 15.65 -19.57 2.70
N ALA B 463 15.78 -18.26 2.61
CA ALA B 463 16.22 -17.47 3.71
C ALA B 463 15.41 -16.20 3.75
N GLY B 464 15.20 -15.68 4.94
CA GLY B 464 14.45 -14.46 5.13
C GLY B 464 15.08 -13.20 4.56
N THR B 465 16.41 -13.15 4.52
CA THR B 465 17.14 -12.10 3.86
C THR B 465 18.20 -12.71 2.98
N VAL B 466 18.26 -12.28 1.72
CA VAL B 466 19.35 -12.66 0.83
C VAL B 466 20.11 -11.38 0.44
N TRP B 467 21.38 -11.31 0.85
CA TRP B 467 22.26 -10.20 0.48
C TRP B 467 23.05 -10.55 -0.80
N VAL B 468 23.39 -9.53 -1.58
CA VAL B 468 24.31 -9.73 -2.71
C VAL B 468 25.49 -8.78 -2.52
N ASN B 469 26.68 -9.36 -2.50
CA ASN B 469 27.94 -8.59 -2.33
C ASN B 469 27.95 -7.83 -1.01
N CYS B 470 27.26 -8.39 -0.02
CA CYS B 470 27.34 -7.89 1.33
C CYS B 470 26.79 -8.98 2.22
N HIS B 471 26.80 -8.77 3.54
CA HIS B 471 26.22 -9.78 4.47
C HIS B 471 25.98 -9.10 5.81
N SER B 472 24.88 -9.49 6.47
CA SER B 472 24.46 -8.93 7.75
C SER B 472 24.45 -7.41 7.75
N LEU B 473 24.00 -6.80 6.67
CA LEU B 473 23.83 -5.36 6.63
C LEU B 473 22.37 -5.06 6.94
N LEU B 474 22.13 -4.06 7.79
CA LEU B 474 20.79 -3.69 8.28
C LEU B 474 20.41 -2.31 7.83
N ASP B 475 19.12 -2.09 7.65
CA ASP B 475 18.57 -0.76 7.55
C ASP B 475 17.17 -0.80 8.17
N ASN B 476 16.79 0.28 8.86
CA ASN B 476 15.51 0.36 9.53
C ASN B 476 14.29 0.23 8.63
N ALA B 477 14.45 0.54 7.34
CA ALA B 477 13.40 0.38 6.39
C ALA B 477 13.26 -1.00 5.77
N LEU B 478 14.20 -1.90 6.01
CA LEU B 478 14.16 -3.22 5.40
C LEU B 478 13.88 -4.32 6.45
N PRO B 479 12.75 -5.03 6.32
CA PRO B 479 12.43 -6.04 7.32
C PRO B 479 13.42 -7.20 7.37
N PHE B 480 13.49 -7.81 8.54
CA PHE B 480 14.45 -8.86 8.83
C PHE B 480 13.74 -9.97 9.63
N GLY B 481 13.94 -11.22 9.28
CA GLY B 481 13.44 -12.34 10.12
C GLY B 481 13.53 -13.66 9.41
N GLY B 482 13.05 -14.71 10.05
CA GLY B 482 13.40 -16.06 9.64
C GLY B 482 12.32 -16.80 8.85
N MET B 483 12.82 -17.74 8.07
CA MET B 483 12.06 -18.82 7.51
C MET B 483 12.46 -20.10 8.22
N LYS B 484 11.67 -21.14 8.00
CA LYS B 484 11.97 -22.50 8.49
C LYS B 484 12.18 -22.49 10.02
N GLN B 485 13.24 -23.12 10.54
CA GLN B 485 13.42 -23.14 11.99
C GLN B 485 14.05 -21.87 12.59
N SER B 486 14.28 -20.86 11.77
CA SER B 486 14.77 -19.58 12.26
C SER B 486 13.65 -18.67 12.78
N GLY B 487 12.40 -19.16 12.74
CA GLY B 487 11.30 -18.48 13.38
C GLY B 487 10.25 -17.99 12.41
N PHE B 488 9.47 -17.01 12.87
CA PHE B 488 8.53 -16.33 12.01
C PHE B 488 8.27 -14.94 12.58
N GLY B 489 7.75 -14.07 11.73
CA GLY B 489 7.62 -12.67 12.08
C GLY B 489 8.81 -11.90 11.55
N ARG B 490 8.68 -10.58 11.53
CA ARG B 490 9.70 -9.68 11.00
C ARG B 490 9.98 -8.50 11.94
N GLU B 491 11.25 -8.13 12.01
CA GLU B 491 11.70 -6.90 12.71
C GLU B 491 11.88 -5.83 11.61
N LEU B 492 11.76 -4.56 12.02
CA LEU B 492 12.08 -3.40 11.17
C LEU B 492 11.12 -3.19 10.01
N GLY B 493 11.20 -2.01 9.40
CA GLY B 493 10.38 -1.67 8.30
C GLY B 493 8.91 -1.43 8.61
N ARG B 494 8.13 -1.26 7.56
CA ARG B 494 6.67 -1.19 7.67
C ARG B 494 6.11 -2.49 8.28
N ALA B 495 6.76 -3.60 7.97
CA ALA B 495 6.30 -4.90 8.44
C ALA B 495 6.17 -4.97 9.95
N VAL B 496 7.18 -4.52 10.68
CA VAL B 496 7.15 -4.71 12.13
C VAL B 496 6.00 -3.91 12.71
N ILE B 497 5.77 -2.76 12.14
CA ILE B 497 4.66 -1.91 12.61
C ILE B 497 3.33 -2.62 12.56
N ASP B 498 3.05 -3.23 11.42
CA ASP B 498 1.84 -4.03 11.29
C ASP B 498 1.80 -5.17 12.29
N GLN B 499 2.96 -5.74 12.62
CA GLN B 499 3.04 -6.82 13.60
C GLN B 499 2.92 -6.41 15.08
N TYR B 500 2.89 -5.12 15.38
CA TYR B 500 2.57 -4.61 16.71
C TYR B 500 1.15 -4.00 16.77
N THR B 501 0.37 -4.22 15.71
CA THR B 501 -1.03 -3.85 15.73
C THR B 501 -1.95 -5.06 15.58
N GLU B 502 -3.20 -4.89 16.01
CA GLU B 502 -4.26 -5.90 15.86
C GLU B 502 -5.32 -5.22 15.01
N SER B 503 -5.76 -5.90 13.96
CA SER B 503 -6.70 -5.32 13.01
CA SER B 503 -6.72 -5.35 13.01
C SER B 503 -8.15 -5.61 13.47
N LYS B 504 -8.98 -4.58 13.48
CA LYS B 504 -10.38 -4.68 13.82
C LYS B 504 -11.18 -4.29 12.56
N SER B 505 -11.98 -5.20 12.04
CA SER B 505 -12.89 -4.87 10.95
C SER B 505 -14.16 -4.27 11.52
N VAL B 506 -14.70 -3.27 10.85
CA VAL B 506 -15.94 -2.61 11.25
C VAL B 506 -16.85 -2.58 10.05
N MET B 507 -18.10 -2.99 10.22
CA MET B 507 -19.03 -3.10 9.11
C MET B 507 -20.40 -2.59 9.56
N MET B 508 -20.78 -1.44 9.05
CA MET B 508 -22.00 -0.76 9.45
C MET B 508 -23.05 -0.85 8.37
N ASN B 509 -24.21 -1.38 8.71
CA ASN B 509 -25.38 -1.29 7.83
C ASN B 509 -26.16 -0.03 8.10
N TYR B 510 -26.08 0.92 7.18
CA TYR B 510 -26.67 2.22 7.41
C TYR B 510 -27.99 2.43 6.65
N ALA B 511 -28.59 1.34 6.18
CA ALA B 511 -29.79 1.42 5.38
C ALA B 511 -30.94 1.94 6.25
N THR C 16 -41.03 -36.87 -1.00
CA THR C 16 -40.72 -35.82 0.01
C THR C 16 -40.27 -34.55 -0.71
N PHE C 17 -38.98 -34.22 -0.72
CA PHE C 17 -38.45 -33.08 -1.48
C PHE C 17 -37.49 -33.60 -2.55
N ALA C 18 -37.64 -33.09 -3.75
CA ALA C 18 -36.93 -33.63 -4.92
C ALA C 18 -35.48 -33.27 -4.84
N LEU C 19 -34.63 -34.11 -5.43
CA LEU C 19 -33.22 -33.86 -5.53
C LEU C 19 -32.82 -33.91 -7.00
N LEU C 20 -31.80 -33.14 -7.37
CA LEU C 20 -31.28 -33.25 -8.72
C LEU C 20 -30.76 -34.66 -8.97
N ASP C 21 -30.82 -35.09 -10.22
CA ASP C 21 -30.18 -36.31 -10.65
C ASP C 21 -28.69 -36.33 -10.25
N ALA C 22 -27.99 -35.22 -10.45
CA ALA C 22 -26.57 -35.16 -10.15
C ALA C 22 -26.34 -35.44 -8.67
N THR C 23 -27.19 -34.87 -7.80
CA THR C 23 -27.07 -35.02 -6.36
C THR C 23 -27.23 -36.50 -6.04
N ARG C 24 -28.23 -37.12 -6.62
CA ARG C 24 -28.50 -38.55 -6.38
C ARG C 24 -27.31 -39.41 -6.83
N ALA C 25 -26.75 -39.10 -8.00
CA ALA C 25 -25.59 -39.85 -8.53
C ALA C 25 -24.39 -39.71 -7.63
N PHE C 26 -24.16 -38.50 -7.13
CA PHE C 26 -23.03 -38.29 -6.23
C PHE C 26 -23.23 -39.09 -4.94
N LEU C 27 -24.44 -39.04 -4.39
CA LEU C 27 -24.66 -39.76 -3.16
C LEU C 27 -24.50 -41.29 -3.36
N ALA C 28 -24.90 -41.81 -4.51
CA ALA C 28 -24.93 -43.25 -4.74
C ALA C 28 -23.55 -43.84 -4.96
N LYS C 29 -22.60 -43.08 -5.44
CA LYS C 29 -21.33 -43.69 -5.77
C LYS C 29 -20.32 -43.73 -4.59
N PRO C 30 -19.35 -44.64 -4.66
CA PRO C 30 -18.38 -44.78 -3.58
C PRO C 30 -17.59 -43.49 -3.38
N LYS C 31 -17.35 -43.12 -2.13
CA LYS C 31 -16.59 -41.91 -1.81
C LYS C 31 -15.18 -42.27 -1.44
N GLN C 32 -14.24 -41.45 -1.89
CA GLN C 32 -12.85 -41.64 -1.63
C GLN C 32 -12.19 -40.29 -1.32
N MET C 33 -10.99 -40.35 -0.74
CA MET C 33 -10.19 -39.18 -0.51
C MET C 33 -9.42 -38.82 -1.77
N LEU C 34 -8.99 -37.57 -1.87
CA LEU C 34 -8.16 -37.12 -2.99
C LEU C 34 -6.73 -36.98 -2.50
N ILE C 35 -5.86 -37.89 -2.92
CA ILE C 35 -4.49 -37.90 -2.46
C ILE C 35 -3.58 -37.90 -3.69
N GLY C 36 -2.99 -36.76 -3.98
CA GLY C 36 -2.20 -36.60 -5.18
C GLY C 36 -3.06 -36.86 -6.40
N ALA C 37 -2.57 -37.72 -7.28
CA ALA C 37 -3.27 -38.01 -8.52
C ALA C 37 -4.34 -39.07 -8.36
N GLU C 38 -4.55 -39.62 -7.17
CA GLU C 38 -5.48 -40.75 -6.99
C GLU C 38 -6.63 -40.42 -6.06
N TRP C 39 -7.79 -40.93 -6.38
CA TRP C 39 -8.83 -41.06 -5.41
C TRP C 39 -8.57 -42.37 -4.64
N SER C 40 -8.59 -42.31 -3.32
CA SER C 40 -8.09 -43.42 -2.51
CA SER C 40 -8.10 -43.44 -2.54
C SER C 40 -8.94 -43.73 -1.30
N ASP C 41 -8.98 -45.00 -0.90
CA ASP C 41 -9.51 -45.37 0.41
C ASP C 41 -8.42 -45.19 1.43
N ALA C 42 -8.78 -45.31 2.70
CA ALA C 42 -7.80 -45.31 3.76
C ALA C 42 -7.01 -46.61 3.73
N ALA C 43 -5.73 -46.55 4.09
CA ALA C 43 -4.86 -47.74 4.12
C ALA C 43 -5.46 -48.84 4.99
N SER C 44 -6.12 -48.43 6.08
CA SER C 44 -6.77 -49.41 6.99
C SER C 44 -8.03 -50.04 6.43
N GLY C 45 -8.59 -49.46 5.39
CA GLY C 45 -9.94 -49.81 4.97
C GLY C 45 -11.07 -49.20 5.78
N ARG C 46 -10.78 -48.50 6.89
CA ARG C 46 -11.89 -47.99 7.74
C ARG C 46 -12.69 -46.88 7.08
N GLN C 47 -13.98 -46.81 7.40
CA GLN C 47 -14.86 -45.79 6.90
C GLN C 47 -15.69 -45.23 8.02
N LEU C 48 -16.14 -44.02 7.85
CA LEU C 48 -17.15 -43.50 8.77
C LEU C 48 -18.46 -43.12 8.06
N ASP C 49 -19.56 -43.27 8.78
CA ASP C 49 -20.91 -42.92 8.25
C ASP C 49 -21.18 -41.44 8.21
N VAL C 50 -21.82 -41.02 7.13
CA VAL C 50 -22.33 -39.66 7.00
C VAL C 50 -23.84 -39.70 7.16
N VAL C 51 -24.35 -38.89 8.07
CA VAL C 51 -25.82 -38.91 8.23
C VAL C 51 -26.48 -37.59 7.90
N ASN C 52 -27.75 -37.72 7.54
CA ASN C 52 -28.64 -36.59 7.38
C ASN C 52 -29.22 -36.23 8.73
N PRO C 53 -28.85 -35.06 9.28
CA PRO C 53 -29.29 -34.72 10.63
C PRO C 53 -30.79 -34.45 10.73
N ALA C 54 -31.48 -34.33 9.62
CA ALA C 54 -32.95 -34.18 9.68
C ALA C 54 -33.63 -35.49 10.10
N ASP C 55 -33.03 -36.63 9.80
CA ASP C 55 -33.64 -37.90 10.15
C ASP C 55 -32.74 -38.97 10.74
N GLY C 56 -31.45 -38.68 10.90
CA GLY C 56 -30.52 -39.62 11.49
C GLY C 56 -30.08 -40.76 10.57
N THR C 57 -30.47 -40.73 9.29
CA THR C 57 -30.17 -41.85 8.38
C THR C 57 -28.94 -41.62 7.61
N VAL C 58 -28.32 -42.71 7.20
CA VAL C 58 -27.02 -42.66 6.56
C VAL C 58 -27.22 -42.29 5.09
N ILE C 59 -26.51 -41.25 4.61
CA ILE C 59 -26.59 -40.86 3.22
C ILE C 59 -25.29 -41.13 2.46
N ALA C 60 -24.21 -41.45 3.18
CA ALA C 60 -22.96 -41.84 2.54
C ALA C 60 -21.98 -42.37 3.55
N ARG C 61 -20.87 -42.92 3.05
CA ARG C 61 -19.74 -43.37 3.88
CA ARG C 61 -19.78 -43.38 3.88
C ARG C 61 -18.46 -42.88 3.27
N VAL C 62 -17.55 -42.39 4.11
CA VAL C 62 -16.29 -41.83 3.59
C VAL C 62 -15.12 -42.49 4.30
N PRO C 63 -13.92 -42.45 3.69
CA PRO C 63 -12.77 -42.99 4.39
C PRO C 63 -12.44 -42.33 5.71
N GLU C 64 -11.96 -43.15 6.64
CA GLU C 64 -11.51 -42.72 7.97
C GLU C 64 -9.98 -42.80 8.02
N ALA C 65 -9.35 -41.68 7.69
CA ALA C 65 -7.89 -41.66 7.45
C ALA C 65 -7.15 -41.71 8.76
N ASP C 66 -5.98 -42.34 8.76
CA ASP C 66 -5.05 -42.24 9.89
CA ASP C 66 -5.04 -42.28 9.88
C ASP C 66 -3.78 -41.55 9.44
N GLU C 67 -2.76 -41.59 10.27
CA GLU C 67 -1.51 -40.90 10.03
C GLU C 67 -0.80 -41.26 8.70
N ARG C 68 -0.88 -42.53 8.31
CA ARG C 68 -0.29 -43.00 7.06
C ARG C 68 -0.93 -42.24 5.86
N ASP C 69 -2.26 -42.08 5.87
CA ASP C 69 -2.93 -41.45 4.74
C ASP C 69 -2.61 -39.97 4.69
N VAL C 70 -2.60 -39.34 5.85
CA VAL C 70 -2.29 -37.93 5.95
C VAL C 70 -0.85 -37.71 5.46
N GLN C 71 0.09 -38.52 5.89
CA GLN C 71 1.46 -38.42 5.39
C GLN C 71 1.56 -38.53 3.85
N GLN C 72 0.81 -39.46 3.25
CA GLN C 72 0.81 -39.56 1.78
C GLN C 72 0.28 -38.25 1.12
N ALA C 73 -0.75 -37.65 1.69
CA ALA C 73 -1.30 -36.41 1.17
C ALA C 73 -0.30 -35.25 1.28
N VAL C 74 0.37 -35.18 2.42
CA VAL C 74 1.38 -34.18 2.64
C VAL C 74 2.53 -34.40 1.63
N ALA C 75 2.93 -35.65 1.42
CA ALA C 75 3.98 -35.95 0.44
C ALA C 75 3.56 -35.44 -0.95
N ALA C 76 2.30 -35.65 -1.32
CA ALA C 76 1.83 -35.20 -2.64
C ALA C 76 1.81 -33.67 -2.77
N ALA C 77 1.37 -33.00 -1.73
CA ALA C 77 1.38 -31.54 -1.71
C ALA C 77 2.80 -30.96 -1.76
N ARG C 78 3.71 -31.59 -1.04
CA ARG C 78 5.15 -31.25 -1.13
C ARG C 78 5.68 -31.39 -2.55
N ARG C 79 5.39 -32.52 -3.20
CA ARG C 79 5.87 -32.75 -4.55
C ARG C 79 5.34 -31.70 -5.50
N ALA C 80 4.04 -31.40 -5.38
CA ALA C 80 3.40 -30.46 -6.28
C ALA C 80 3.96 -29.04 -6.11
N PHE C 81 4.36 -28.67 -4.90
CA PHE C 81 4.94 -27.35 -4.65
C PHE C 81 6.43 -27.31 -5.05
N ASP C 82 7.14 -28.40 -4.76
CA ASP C 82 8.61 -28.43 -4.92
C ASP C 82 9.08 -28.68 -6.35
N ALA C 83 8.28 -29.41 -7.13
CA ALA C 83 8.69 -29.80 -8.46
C ALA C 83 7.62 -29.78 -9.54
N GLY C 84 6.34 -29.87 -9.24
CA GLY C 84 5.38 -29.92 -10.38
C GLY C 84 5.26 -28.64 -11.24
N PRO C 85 4.40 -28.68 -12.29
CA PRO C 85 4.05 -27.50 -13.06
C PRO C 85 3.47 -26.35 -12.21
N TRP C 86 2.90 -26.65 -11.05
CA TRP C 86 2.39 -25.58 -10.20
C TRP C 86 3.50 -24.65 -9.77
N ARG C 87 4.70 -25.18 -9.61
CA ARG C 87 5.83 -24.38 -9.22
C ARG C 87 6.18 -23.31 -10.24
N THR C 88 6.07 -23.60 -11.52
CA THR C 88 6.46 -22.64 -12.52
C THR C 88 5.27 -21.98 -13.22
N ALA C 89 4.07 -22.22 -12.72
CA ALA C 89 2.88 -21.60 -13.28
C ALA C 89 3.00 -20.06 -13.22
N LYS C 90 2.54 -19.41 -14.26
CA LYS C 90 2.47 -17.95 -14.27
C LYS C 90 1.37 -17.48 -13.28
N THR C 91 1.47 -16.26 -12.77
CA THR C 91 0.41 -15.64 -12.03
C THR C 91 -0.92 -15.71 -12.79
N THR C 92 -0.87 -15.45 -14.09
CA THR C 92 -2.06 -15.50 -14.93
C THR C 92 -2.60 -16.93 -15.10
N ASP C 93 -1.74 -17.96 -15.02
CA ASP C 93 -2.24 -19.37 -15.00
C ASP C 93 -3.05 -19.65 -13.74
N ARG C 94 -2.53 -19.23 -12.58
CA ARG C 94 -3.27 -19.45 -11.33
CA ARG C 94 -3.26 -19.45 -11.33
C ARG C 94 -4.61 -18.72 -11.38
N GLU C 95 -4.59 -17.47 -11.83
CA GLU C 95 -5.77 -16.63 -11.96
C GLU C 95 -6.81 -17.33 -12.83
N ARG C 96 -6.37 -17.79 -13.99
CA ARG C 96 -7.28 -18.43 -14.95
CA ARG C 96 -7.28 -18.44 -14.96
C ARG C 96 -7.96 -19.67 -14.35
N LEU C 97 -7.18 -20.54 -13.75
CA LEU C 97 -7.73 -21.76 -13.17
C LEU C 97 -8.71 -21.50 -12.05
N MET C 98 -8.39 -20.54 -11.19
CA MET C 98 -9.29 -20.18 -10.10
C MET C 98 -10.62 -19.59 -10.62
N LEU C 99 -10.57 -18.79 -11.70
CA LEU C 99 -11.75 -18.27 -12.31
C LEU C 99 -12.64 -19.38 -12.91
N VAL C 100 -11.99 -20.35 -13.55
CA VAL C 100 -12.69 -21.52 -14.10
C VAL C 100 -13.38 -22.28 -12.96
N LEU C 101 -12.68 -22.43 -11.84
CA LEU C 101 -13.27 -23.12 -10.67
C LEU C 101 -14.48 -22.35 -10.12
N ALA C 102 -14.37 -21.02 -10.01
CA ALA C 102 -15.50 -20.24 -9.52
C ALA C 102 -16.76 -20.44 -10.39
N ASP C 103 -16.56 -20.42 -11.70
CA ASP C 103 -17.66 -20.67 -12.63
C ASP C 103 -18.24 -22.08 -12.44
N LEU C 104 -17.36 -23.06 -12.31
CA LEU C 104 -17.85 -24.44 -12.12
C LEU C 104 -18.74 -24.56 -10.86
N ILE C 105 -18.35 -23.88 -9.78
CA ILE C 105 -19.13 -23.88 -8.54
C ILE C 105 -20.51 -23.30 -8.79
N GLU C 106 -20.55 -22.14 -9.45
CA GLU C 106 -21.78 -21.53 -9.83
C GLU C 106 -22.63 -22.42 -10.78
N ALA C 107 -22.00 -23.09 -11.74
CA ALA C 107 -22.69 -23.95 -12.65
C ALA C 107 -23.30 -25.16 -11.96
N ASN C 108 -22.76 -25.56 -10.83
CA ASN C 108 -23.29 -26.71 -10.10
C ASN C 108 -23.82 -26.30 -8.74
N ALA C 109 -24.36 -25.08 -8.64
CA ALA C 109 -24.71 -24.49 -7.34
C ALA C 109 -25.85 -25.18 -6.62
N ARG C 110 -26.89 -25.56 -7.36
CA ARG C 110 -28.00 -26.23 -6.71
C ARG C 110 -27.57 -27.58 -6.13
N GLU C 111 -26.81 -28.33 -6.90
CA GLU C 111 -26.33 -29.63 -6.44
C GLU C 111 -25.49 -29.46 -5.15
N LEU C 112 -24.60 -28.49 -5.15
CA LEU C 112 -23.77 -28.26 -3.98
C LEU C 112 -24.60 -27.86 -2.78
N ALA C 113 -25.63 -27.06 -3.01
CA ALA C 113 -26.56 -26.67 -1.94
C ALA C 113 -27.33 -27.85 -1.37
N GLU C 114 -27.81 -28.73 -2.24
CA GLU C 114 -28.51 -29.95 -1.80
C GLU C 114 -27.60 -30.83 -0.97
N ILE C 115 -26.37 -31.03 -1.46
CA ILE C 115 -25.42 -31.85 -0.74
C ILE C 115 -25.21 -31.24 0.64
N GLU C 116 -25.00 -29.95 0.67
CA GLU C 116 -24.73 -29.28 1.92
C GLU C 116 -25.89 -29.34 2.90
N SER C 117 -27.11 -29.15 2.39
CA SER C 117 -28.30 -29.22 3.21
C SER C 117 -28.51 -30.63 3.77
N LEU C 118 -28.31 -31.66 2.93
CA LEU C 118 -28.46 -33.04 3.39
C LEU C 118 -27.39 -33.45 4.40
N ASP C 119 -26.17 -32.93 4.26
CA ASP C 119 -25.08 -33.34 5.09
C ASP C 119 -25.02 -32.52 6.41
N ASN C 120 -25.14 -31.20 6.28
CA ASN C 120 -24.99 -30.31 7.44
C ASN C 120 -26.32 -30.04 8.15
N GLY C 121 -27.40 -29.99 7.36
CA GLY C 121 -28.76 -29.79 7.92
C GLY C 121 -29.39 -28.45 7.65
N LYS C 122 -28.58 -27.47 7.24
CA LYS C 122 -29.09 -26.12 7.07
C LYS C 122 -30.11 -26.02 5.91
N PRO C 123 -30.97 -25.00 5.94
CA PRO C 123 -31.92 -24.81 4.82
C PRO C 123 -31.21 -24.69 3.45
N VAL C 124 -31.68 -25.48 2.47
CA VAL C 124 -31.08 -25.56 1.17
C VAL C 124 -31.09 -24.18 0.51
N MET C 125 -32.11 -23.38 0.78
CA MET C 125 -32.17 -22.06 0.14
C MET C 125 -31.09 -21.11 0.67
N VAL C 126 -30.73 -21.26 1.93
CA VAL C 126 -29.65 -20.48 2.51
C VAL C 126 -28.29 -21.03 2.02
N ALA C 127 -28.13 -22.34 1.99
CA ALA C 127 -26.89 -22.94 1.45
C ALA C 127 -26.64 -22.49 0.04
N GLN C 128 -27.70 -22.36 -0.78
CA GLN C 128 -27.52 -21.99 -2.16
C GLN C 128 -27.17 -20.49 -2.26
N GLY C 129 -27.95 -19.65 -1.60
CA GLY C 129 -27.83 -18.20 -1.79
C GLY C 129 -26.70 -17.59 -1.01
N LEU C 130 -26.29 -18.24 0.07
CA LEU C 130 -25.17 -17.74 0.85
C LEU C 130 -23.93 -18.60 0.70
N ASP C 131 -23.94 -19.80 1.25
CA ASP C 131 -22.74 -20.62 1.32
C ASP C 131 -22.13 -20.85 -0.06
N VAL C 132 -22.91 -21.40 -0.98
CA VAL C 132 -22.37 -21.77 -2.29
C VAL C 132 -21.96 -20.51 -3.06
N ALA C 133 -22.85 -19.51 -3.09
CA ALA C 133 -22.58 -18.28 -3.84
C ALA C 133 -21.31 -17.63 -3.31
N MET C 134 -21.13 -17.61 -1.97
CA MET C 134 -19.97 -16.99 -1.41
C MET C 134 -18.68 -17.83 -1.52
N ALA C 135 -18.82 -19.15 -1.65
CA ALA C 135 -17.71 -19.99 -1.90
C ALA C 135 -17.17 -19.68 -3.29
N ALA C 136 -18.07 -19.60 -4.27
CA ALA C 136 -17.67 -19.26 -5.63
C ALA C 136 -17.04 -17.86 -5.68
N GLN C 137 -17.64 -16.92 -4.97
CA GLN C 137 -17.10 -15.55 -4.98
C GLN C 137 -15.74 -15.47 -4.28
N CYS C 138 -15.50 -16.30 -3.29
CA CYS C 138 -14.20 -16.35 -2.60
C CYS C 138 -13.12 -16.79 -3.60
N PHE C 139 -13.36 -17.85 -4.37
CA PHE C 139 -12.43 -18.23 -5.41
C PHE C 139 -12.25 -17.14 -6.47
N ARG C 140 -13.31 -16.48 -6.87
CA ARG C 140 -13.19 -15.40 -7.89
C ARG C 140 -12.39 -14.19 -7.35
N TYR C 141 -12.76 -13.75 -6.15
CA TYR C 141 -12.12 -12.59 -5.52
C TYR C 141 -10.61 -12.88 -5.39
N MET C 142 -10.28 -14.04 -4.84
CA MET C 142 -8.87 -14.39 -4.60
C MET C 142 -8.12 -14.61 -5.95
N ALA C 143 -8.81 -15.11 -6.96
CA ALA C 143 -8.20 -15.27 -8.29
C ALA C 143 -7.60 -13.93 -8.72
N GLY C 144 -8.32 -12.86 -8.43
CA GLY C 144 -7.86 -11.54 -8.84
C GLY C 144 -6.62 -11.13 -8.09
N TRP C 145 -6.39 -11.65 -6.88
CA TRP C 145 -5.14 -11.33 -6.16
C TRP C 145 -3.94 -12.01 -6.78
N ALA C 146 -4.16 -13.09 -7.51
CA ALA C 146 -3.03 -13.89 -7.99
C ALA C 146 -2.06 -13.08 -8.82
N THR C 147 -2.59 -12.09 -9.56
CA THR C 147 -1.73 -11.22 -10.40
C THR C 147 -1.33 -9.93 -9.76
N LYS C 148 -1.71 -9.71 -8.50
CA LYS C 148 -1.59 -8.42 -7.84
C LYS C 148 -0.86 -8.47 -6.48
N ILE C 149 -0.05 -9.51 -6.25
CA ILE C 149 0.73 -9.62 -5.03
C ILE C 149 2.01 -8.86 -5.26
N GLU C 150 2.28 -7.84 -4.45
CA GLU C 150 3.40 -6.95 -4.73
C GLU C 150 4.31 -6.85 -3.53
N GLY C 151 5.62 -6.94 -3.77
CA GLY C 151 6.59 -6.60 -2.76
C GLY C 151 6.87 -5.11 -2.78
N SER C 152 7.88 -4.69 -2.02
CA SER C 152 8.27 -3.28 -1.93
C SER C 152 9.69 -3.01 -2.38
N VAL C 153 9.92 -1.83 -2.96
CA VAL C 153 11.25 -1.37 -3.25
C VAL C 153 11.55 -0.27 -2.22
N ILE C 154 12.66 -0.45 -1.52
CA ILE C 154 13.03 0.32 -0.33
C ILE C 154 14.19 1.23 -0.68
N ASP C 155 14.15 2.48 -0.27
CA ASP C 155 15.28 3.36 -0.44
C ASP C 155 16.01 3.37 0.91
N ALA C 156 17.03 2.53 1.04
CA ALA C 156 17.71 2.39 2.34
C ALA C 156 18.62 3.55 2.68
N GLY C 157 18.43 4.16 3.84
CA GLY C 157 19.32 5.23 4.28
C GLY C 157 20.78 4.83 4.43
N MET C 158 21.01 3.62 4.97
CA MET C 158 22.33 3.13 5.27
C MET C 158 23.18 4.20 5.97
N PRO C 159 22.68 4.75 7.07
CA PRO C 159 23.31 5.94 7.65
C PRO C 159 24.75 5.76 8.13
N TYR C 160 25.10 4.54 8.50
CA TYR C 160 26.47 4.21 8.93
C TYR C 160 27.39 3.86 7.74
N LEU C 161 26.87 3.83 6.53
CA LEU C 161 27.70 3.49 5.32
C LEU C 161 27.79 4.66 4.28
N PRO C 162 28.92 5.38 4.24
CA PRO C 162 29.04 6.53 3.36
C PRO C 162 28.93 6.14 1.87
N ASP C 163 28.31 7.01 1.07
CA ASP C 163 28.24 6.79 -0.37
C ASP C 163 27.71 5.41 -0.73
N SER C 164 26.68 4.96 -0.01
CA SER C 164 26.15 3.61 -0.20
C SER C 164 25.51 3.49 -1.59
N GLU C 165 25.68 2.33 -2.20
CA GLU C 165 25.05 1.97 -3.44
C GLU C 165 24.35 0.63 -3.21
N ILE C 166 23.13 0.72 -2.64
CA ILE C 166 22.37 -0.43 -2.20
C ILE C 166 21.06 -0.41 -2.96
N PHE C 167 20.74 -1.54 -3.56
CA PHE C 167 19.41 -1.78 -4.16
C PHE C 167 18.71 -2.81 -3.27
N ALA C 168 17.55 -2.45 -2.70
CA ALA C 168 16.88 -3.28 -1.70
C ALA C 168 15.38 -3.36 -1.96
N TYR C 169 14.81 -4.55 -1.76
CA TYR C 169 13.45 -4.82 -2.02
C TYR C 169 12.98 -6.05 -1.26
N THR C 170 11.66 -6.25 -1.24
CA THR C 170 11.07 -7.48 -0.72
C THR C 170 10.35 -8.26 -1.80
N ARG C 171 10.34 -9.57 -1.65
CA ARG C 171 9.58 -10.52 -2.46
C ARG C 171 8.58 -11.18 -1.59
N LYS C 172 7.41 -11.46 -2.15
CA LYS C 172 6.46 -12.22 -1.40
C LYS C 172 6.45 -13.60 -2.04
N GLU C 173 6.79 -14.62 -1.28
CA GLU C 173 6.83 -15.96 -1.82
C GLU C 173 5.67 -16.73 -1.18
N PRO C 174 5.17 -17.77 -1.83
CA PRO C 174 4.17 -18.59 -1.17
C PRO C 174 4.73 -19.21 0.10
N VAL C 175 3.94 -19.29 1.14
CA VAL C 175 4.43 -19.85 2.40
C VAL C 175 4.82 -21.29 2.22
N GLY C 176 4.12 -22.00 1.33
CA GLY C 176 4.51 -23.36 0.93
C GLY C 176 3.34 -24.31 0.96
N VAL C 177 3.49 -25.40 1.71
CA VAL C 177 2.45 -26.39 1.85
C VAL C 177 1.56 -26.05 3.08
N VAL C 178 0.27 -25.96 2.85
CA VAL C 178 -0.66 -25.52 3.87
C VAL C 178 -1.55 -26.69 4.28
N GLY C 179 -1.53 -27.00 5.56
CA GLY C 179 -2.54 -27.87 6.15
C GLY C 179 -3.72 -27.07 6.63
N ALA C 180 -4.91 -27.48 6.24
CA ALA C 180 -6.15 -26.75 6.59
C ALA C 180 -7.14 -27.67 7.23
N ILE C 181 -7.64 -27.29 8.41
CA ILE C 181 -8.56 -28.10 9.18
C ILE C 181 -9.78 -27.24 9.47
N ILE C 182 -10.96 -27.72 9.08
CA ILE C 182 -12.16 -26.92 9.18
C ILE C 182 -13.32 -27.58 9.91
N PRO C 183 -14.23 -26.75 10.47
CA PRO C 183 -15.36 -27.22 11.18
C PRO C 183 -16.55 -27.57 10.27
N TRP C 184 -17.64 -28.00 10.90
CA TRP C 184 -18.80 -28.56 10.20
C TRP C 184 -19.94 -27.60 9.95
N ASN C 185 -19.80 -26.35 10.39
CA ASN C 185 -20.94 -25.44 10.39
C ASN C 185 -21.18 -24.71 9.05
N PHE C 186 -20.11 -24.48 8.29
CA PHE C 186 -20.15 -23.95 6.92
C PHE C 186 -19.15 -24.76 6.08
N PRO C 187 -19.49 -26.01 5.76
CA PRO C 187 -18.43 -26.89 5.25
C PRO C 187 -17.78 -26.40 3.93
N LEU C 188 -18.58 -26.16 2.91
CA LEU C 188 -18.05 -25.74 1.62
C LEU C 188 -17.41 -24.35 1.71
N LEU C 189 -18.10 -23.43 2.38
CA LEU C 189 -17.63 -22.07 2.46
C LEU C 189 -16.27 -21.99 3.17
N MET C 190 -16.11 -22.70 4.30
CA MET C 190 -14.84 -22.71 5.03
CA MET C 190 -14.86 -22.71 5.04
C MET C 190 -13.72 -23.35 4.24
N ALA C 191 -14.05 -24.38 3.47
CA ALA C 191 -13.06 -25.00 2.57
C ALA C 191 -12.56 -23.96 1.56
N ALA C 192 -13.49 -23.22 0.99
CA ALA C 192 -13.11 -22.15 0.05
C ALA C 192 -12.22 -21.08 0.71
N TRP C 193 -12.56 -20.69 1.93
CA TRP C 193 -11.77 -19.71 2.64
C TRP C 193 -10.33 -20.12 2.84
N LYS C 194 -10.09 -21.42 3.07
CA LYS C 194 -8.75 -21.90 3.32
C LYS C 194 -8.03 -22.20 2.01
N ILE C 195 -8.74 -22.76 1.04
CA ILE C 195 -8.10 -23.16 -0.20
C ILE C 195 -7.80 -21.97 -1.14
N ALA C 196 -8.73 -21.02 -1.25
CA ALA C 196 -8.59 -19.98 -2.30
C ALA C 196 -7.36 -19.10 -2.15
N PRO C 197 -7.08 -18.59 -0.94
CA PRO C 197 -5.88 -17.78 -0.80
C PRO C 197 -4.59 -18.57 -1.05
N ALA C 198 -4.61 -19.86 -0.74
CA ALA C 198 -3.49 -20.74 -1.03
C ALA C 198 -3.23 -20.85 -2.49
N LEU C 199 -4.26 -21.09 -3.26
CA LEU C 199 -4.10 -21.19 -4.69
C LEU C 199 -3.63 -19.87 -5.31
N ALA C 200 -4.15 -18.77 -4.83
CA ALA C 200 -3.83 -17.46 -5.39
C ALA C 200 -2.35 -17.12 -5.21
N THR C 201 -1.78 -17.54 -4.07
CA THR C 201 -0.38 -17.25 -3.75
C THR C 201 0.61 -18.32 -4.25
N GLY C 202 0.12 -19.44 -4.77
CA GLY C 202 0.98 -20.48 -5.27
C GLY C 202 1.34 -21.54 -4.24
N CYS C 203 0.62 -21.58 -3.14
CA CYS C 203 0.77 -22.65 -2.16
C CYS C 203 0.14 -23.95 -2.69
N THR C 204 0.36 -25.04 -1.97
CA THR C 204 -0.42 -26.26 -2.15
C THR C 204 -1.07 -26.58 -0.80
N VAL C 205 -2.07 -27.48 -0.81
CA VAL C 205 -2.97 -27.60 0.34
C VAL C 205 -3.32 -29.07 0.62
N VAL C 206 -3.34 -29.43 1.89
CA VAL C 206 -4.01 -30.66 2.35
C VAL C 206 -5.17 -30.20 3.22
N LEU C 207 -6.39 -30.49 2.78
CA LEU C 207 -7.59 -30.11 3.51
C LEU C 207 -8.17 -31.30 4.29
N LYS C 208 -8.50 -31.07 5.55
CA LYS C 208 -9.17 -32.06 6.38
C LYS C 208 -10.58 -31.52 6.74
N PRO C 209 -11.62 -31.91 5.99
CA PRO C 209 -12.98 -31.45 6.38
C PRO C 209 -13.44 -32.08 7.68
N ALA C 210 -14.49 -31.50 8.29
CA ALA C 210 -14.98 -32.00 9.55
C ALA C 210 -15.53 -33.41 9.36
N GLU C 211 -15.36 -34.27 10.37
CA GLU C 211 -15.87 -35.64 10.29
CA GLU C 211 -15.87 -35.64 10.30
C GLU C 211 -17.39 -35.65 10.09
N ASP C 212 -18.11 -34.68 10.64
CA ASP C 212 -19.60 -34.65 10.49
C ASP C 212 -20.12 -34.20 9.10
N THR C 213 -19.29 -33.53 8.30
CA THR C 213 -19.69 -32.90 7.03
C THR C 213 -18.62 -32.95 5.93
N PRO C 214 -18.35 -34.15 5.43
CA PRO C 214 -17.23 -34.30 4.47
C PRO C 214 -17.65 -34.09 3.02
N LEU C 215 -18.95 -34.11 2.73
CA LEU C 215 -19.38 -34.38 1.36
C LEU C 215 -19.13 -33.22 0.39
N SER C 216 -19.42 -32.00 0.78
CA SER C 216 -19.27 -30.90 -0.18
C SER C 216 -17.81 -30.66 -0.51
N ALA C 217 -16.90 -30.94 0.44
CA ALA C 217 -15.52 -30.86 0.15
C ALA C 217 -15.09 -31.87 -0.90
N LEU C 218 -15.58 -33.10 -0.81
CA LEU C 218 -15.27 -34.11 -1.77
C LEU C 218 -15.79 -33.70 -3.16
N ARG C 219 -17.00 -33.16 -3.25
CA ARG C 219 -17.50 -32.70 -4.54
C ARG C 219 -16.68 -31.53 -5.08
N LEU C 220 -16.25 -30.63 -4.19
CA LEU C 220 -15.36 -29.56 -4.60
C LEU C 220 -14.05 -30.13 -5.17
N GLY C 221 -13.54 -31.21 -4.59
CA GLY C 221 -12.37 -31.90 -5.14
C GLY C 221 -12.55 -32.26 -6.60
N GLU C 222 -13.72 -32.79 -6.94
CA GLU C 222 -14.02 -33.12 -8.32
C GLU C 222 -13.96 -31.87 -9.22
N LEU C 223 -14.50 -30.78 -8.73
CA LEU C 223 -14.53 -29.52 -9.49
C LEU C 223 -13.12 -28.97 -9.69
N ILE C 224 -12.29 -29.12 -8.67
CA ILE C 224 -10.92 -28.68 -8.73
C ILE C 224 -10.19 -29.45 -9.84
N GLN C 225 -10.43 -30.77 -9.90
CA GLN C 225 -9.83 -31.56 -10.97
C GLN C 225 -10.39 -31.12 -12.33
N ALA C 226 -11.69 -30.90 -12.41
CA ALA C 226 -12.32 -30.51 -13.66
C ALA C 226 -11.82 -29.14 -14.14
N ALA C 227 -11.47 -28.26 -13.20
CA ALA C 227 -10.96 -26.94 -13.55
C ALA C 227 -9.56 -27.02 -14.16
N GLY C 228 -8.84 -28.10 -13.88
CA GLY C 228 -7.51 -28.31 -14.46
C GLY C 228 -6.33 -28.09 -13.51
N PHE C 229 -6.54 -28.01 -12.21
CA PHE C 229 -5.38 -27.83 -11.32
C PHE C 229 -4.46 -29.04 -11.38
N PRO C 230 -3.14 -28.83 -11.37
CA PRO C 230 -2.25 -29.97 -11.36
C PRO C 230 -2.47 -30.89 -10.16
N ASP C 231 -2.19 -32.17 -10.34
CA ASP C 231 -2.33 -33.14 -9.26
C ASP C 231 -1.47 -32.80 -8.06
N GLY C 232 -2.07 -32.92 -6.88
CA GLY C 232 -1.38 -32.68 -5.62
C GLY C 232 -1.41 -31.25 -5.14
N VAL C 233 -1.92 -30.33 -5.96
CA VAL C 233 -2.05 -28.95 -5.53
C VAL C 233 -3.11 -28.84 -4.42
N VAL C 234 -4.19 -29.62 -4.55
CA VAL C 234 -5.19 -29.77 -3.50
C VAL C 234 -5.41 -31.26 -3.21
N ASN C 235 -5.30 -31.61 -1.95
CA ASN C 235 -5.50 -32.95 -1.46
C ASN C 235 -6.57 -32.86 -0.34
N ILE C 236 -7.45 -33.85 -0.25
CA ILE C 236 -8.57 -33.86 0.71
C ILE C 236 -8.67 -35.18 1.46
N VAL C 237 -8.49 -35.13 2.77
CA VAL C 237 -8.42 -36.32 3.62
CA VAL C 237 -8.43 -36.33 3.62
C VAL C 237 -9.56 -36.24 4.60
N THR C 238 -10.32 -37.32 4.73
CA THR C 238 -11.48 -37.34 5.60
C THR C 238 -11.16 -38.18 6.83
N GLY C 239 -11.82 -37.91 7.95
CA GLY C 239 -11.61 -38.69 9.17
C GLY C 239 -11.79 -37.84 10.41
N TYR C 240 -11.37 -38.35 11.55
CA TYR C 240 -11.62 -37.68 12.83
C TYR C 240 -10.57 -36.64 13.10
N GLY C 241 -11.01 -35.54 13.73
CA GLY C 241 -10.09 -34.49 14.21
C GLY C 241 -8.96 -35.02 15.09
N HIS C 242 -9.29 -35.91 15.99
CA HIS C 242 -8.32 -36.39 16.96
C HIS C 242 -7.27 -37.30 16.35
N THR C 243 -7.50 -37.78 15.15
CA THR C 243 -6.55 -38.66 14.50
C THR C 243 -5.98 -38.02 13.24
N ALA C 244 -6.82 -37.87 12.21
CA ALA C 244 -6.37 -37.27 10.94
C ALA C 244 -5.94 -35.83 11.12
N GLY C 245 -6.75 -35.06 11.83
CA GLY C 245 -6.43 -33.65 12.06
C GLY C 245 -5.12 -33.46 12.82
N ALA C 246 -4.98 -34.21 13.90
CA ALA C 246 -3.79 -34.17 14.71
C ALA C 246 -2.55 -34.55 13.91
N ALA C 247 -2.66 -35.59 13.12
CA ALA C 247 -1.52 -36.01 12.31
C ALA C 247 -1.07 -34.94 11.31
N LEU C 248 -2.04 -34.26 10.73
CA LEU C 248 -1.72 -33.18 9.79
C LEU C 248 -0.95 -32.07 10.54
N SER C 249 -1.43 -31.70 11.72
CA SER C 249 -0.80 -30.63 12.48
C SER C 249 0.65 -30.91 12.88
N ARG C 250 1.01 -32.17 13.09
CA ARG C 250 2.34 -32.56 13.55
C ARG C 250 3.34 -32.83 12.42
N ASP C 251 2.88 -32.78 11.18
CA ASP C 251 3.77 -33.15 10.08
C ASP C 251 4.79 -32.06 9.87
N PRO C 252 6.09 -32.39 9.92
CA PRO C 252 7.07 -31.32 9.76
C PRO C 252 7.22 -30.84 8.34
N ARG C 253 6.57 -31.51 7.39
CA ARG C 253 6.68 -31.11 5.99
C ARG C 253 5.58 -30.13 5.51
N ILE C 254 4.64 -29.77 6.36
CA ILE C 254 3.84 -28.60 6.11
C ILE C 254 4.57 -27.36 6.56
N ASP C 255 4.25 -26.23 5.95
CA ASP C 255 4.82 -24.94 6.30
C ASP C 255 3.88 -24.05 7.13
N LYS C 256 2.59 -24.30 6.99
CA LYS C 256 1.60 -23.50 7.68
C LYS C 256 0.40 -24.35 8.03
N ILE C 257 -0.13 -24.15 9.22
CA ILE C 257 -1.41 -24.80 9.61
C ILE C 257 -2.48 -23.74 9.75
N ALA C 258 -3.64 -24.00 9.13
CA ALA C 258 -4.74 -23.03 9.13
C ALA C 258 -5.91 -23.75 9.72
N PHE C 259 -6.31 -23.33 10.92
CA PHE C 259 -7.32 -24.07 11.70
C PHE C 259 -8.46 -23.18 12.18
N THR C 260 -9.69 -23.70 12.05
CA THR C 260 -10.86 -23.09 12.63
C THR C 260 -11.53 -24.14 13.50
N GLY C 261 -11.88 -23.79 14.73
CA GLY C 261 -12.49 -24.76 15.67
C GLY C 261 -12.48 -24.21 17.09
N SER C 262 -12.53 -25.07 18.08
CA SER C 262 -12.57 -24.62 19.45
C SER C 262 -11.20 -24.09 19.90
N THR C 263 -11.24 -23.20 20.89
CA THR C 263 -10.01 -22.68 21.47
C THR C 263 -9.15 -23.84 22.04
N GLN C 264 -9.81 -24.81 22.67
CA GLN C 264 -9.07 -25.89 23.27
C GLN C 264 -8.34 -26.69 22.24
N THR C 265 -9.03 -27.05 21.17
CA THR C 265 -8.39 -27.84 20.12
C THR C 265 -7.36 -27.00 19.40
N GLY C 266 -7.67 -25.72 19.24
CA GLY C 266 -6.70 -24.79 18.60
C GLY C 266 -5.35 -24.74 19.32
N LYS C 267 -5.37 -24.79 20.65
CA LYS C 267 -4.13 -24.79 21.40
C LYS C 267 -3.35 -26.04 21.12
N THR C 268 -4.05 -27.18 21.11
CA THR C 268 -3.41 -28.46 20.85
C THR C 268 -2.74 -28.47 19.48
N ILE C 269 -3.47 -27.96 18.49
CA ILE C 269 -2.97 -27.80 17.12
C ILE C 269 -1.73 -26.90 17.09
N GLY C 270 -1.82 -25.76 17.78
CA GLY C 270 -0.71 -24.82 17.80
C GLY C 270 0.54 -25.37 18.45
N HIS C 271 0.38 -26.12 19.54
CA HIS C 271 1.55 -26.70 20.18
C HIS C 271 2.25 -27.66 19.23
N ALA C 272 1.47 -28.42 18.47
CA ALA C 272 2.05 -29.35 17.51
C ALA C 272 2.79 -28.59 16.41
N ALA C 273 2.17 -27.54 15.91
CA ALA C 273 2.78 -26.67 14.90
C ALA C 273 4.08 -26.06 15.39
N LEU C 274 4.06 -25.53 16.59
CA LEU C 274 5.25 -24.88 17.13
C LEU C 274 6.45 -25.77 17.21
N ASP C 275 6.24 -27.04 17.52
CA ASP C 275 7.37 -27.96 17.62
C ASP C 275 8.12 -28.10 16.33
N ASN C 276 7.47 -27.81 15.22
CA ASN C 276 8.11 -27.81 13.90
C ASN C 276 8.34 -26.40 13.35
N MET C 277 8.08 -25.38 14.16
CA MET C 277 8.12 -23.99 13.71
C MET C 277 7.25 -23.74 12.51
N THR C 278 6.10 -24.44 12.49
CA THR C 278 5.09 -24.28 11.46
C THR C 278 4.29 -22.98 11.74
N ARG C 279 4.08 -22.15 10.72
CA ARG C 279 3.35 -20.92 10.91
C ARG C 279 1.88 -21.28 11.19
N MET C 280 1.15 -20.44 11.89
CA MET C 280 -0.21 -20.78 12.23
C MET C 280 -1.16 -19.64 12.09
N SER C 281 -2.36 -20.00 11.67
CA SER C 281 -3.51 -19.11 11.72
C SER C 281 -4.62 -19.86 12.47
N LEU C 282 -5.22 -19.21 13.47
CA LEU C 282 -6.18 -19.88 14.36
C LEU C 282 -7.44 -19.03 14.58
N GLU C 283 -8.59 -19.52 14.10
CA GLU C 283 -9.88 -18.89 14.29
C GLU C 283 -10.67 -19.78 15.22
N LEU C 284 -10.89 -19.30 16.44
CA LEU C 284 -11.26 -20.18 17.51
C LEU C 284 -12.65 -19.85 18.07
N GLY C 285 -12.84 -20.03 19.37
CA GLY C 285 -14.17 -19.87 19.95
C GLY C 285 -14.66 -18.44 20.01
N GLY C 286 -15.95 -18.29 20.30
CA GLY C 286 -16.54 -17.00 20.51
C GLY C 286 -17.72 -17.00 21.45
N LYS C 287 -17.96 -15.84 22.03
CA LYS C 287 -19.19 -15.58 22.80
C LYS C 287 -19.53 -14.12 22.56
N SER C 288 -19.92 -13.84 21.31
CA SER C 288 -20.01 -12.47 20.81
C SER C 288 -21.21 -11.71 21.41
N PRO C 289 -21.00 -10.48 21.89
CA PRO C 289 -22.08 -9.70 22.43
C PRO C 289 -22.79 -8.85 21.41
N VAL C 290 -24.06 -8.56 21.66
CA VAL C 290 -24.91 -7.73 20.85
C VAL C 290 -25.39 -6.62 21.77
N ILE C 291 -25.01 -5.38 21.49
CA ILE C 291 -25.31 -4.25 22.36
C ILE C 291 -26.37 -3.38 21.70
N VAL C 292 -27.52 -3.25 22.34
CA VAL C 292 -28.62 -2.46 21.81
C VAL C 292 -28.80 -1.17 22.59
N LEU C 293 -28.56 -0.04 21.91
CA LEU C 293 -28.71 1.28 22.54
C LEU C 293 -30.19 1.73 22.54
N PRO C 294 -30.53 2.72 23.40
CA PRO C 294 -31.97 3.00 23.61
C PRO C 294 -32.62 3.80 22.49
N ASP C 295 -31.86 4.25 21.49
CA ASP C 295 -32.43 5.03 20.39
C ASP C 295 -32.99 4.17 19.28
N VAL C 296 -32.93 2.84 19.39
CA VAL C 296 -33.29 1.97 18.27
C VAL C 296 -34.76 1.91 18.00
N ASP C 297 -35.09 1.58 16.75
CA ASP C 297 -36.41 1.10 16.40
C ASP C 297 -36.54 -0.28 17.02
N LEU C 298 -37.55 -0.49 17.83
CA LEU C 298 -37.70 -1.73 18.60
C LEU C 298 -37.84 -2.97 17.72
N ASP C 299 -38.57 -2.86 16.63
CA ASP C 299 -38.77 -4.02 15.76
C ASP C 299 -37.53 -4.36 14.97
N LYS C 300 -36.83 -3.35 14.45
CA LYS C 300 -35.55 -3.59 13.79
C LYS C 300 -34.52 -4.20 14.72
N ALA C 301 -34.46 -3.70 15.96
CA ALA C 301 -33.52 -4.22 16.93
C ALA C 301 -33.87 -5.67 17.27
N ALA C 302 -35.15 -5.96 17.46
CA ALA C 302 -35.53 -7.30 17.85
C ALA C 302 -35.22 -8.29 16.73
N GLN C 303 -35.52 -7.89 15.50
CA GLN C 303 -35.25 -8.74 14.35
C GLN C 303 -33.75 -8.97 14.24
N GLY C 304 -33.00 -7.92 14.50
CA GLY C 304 -31.54 -8.02 14.49
C GLY C 304 -30.95 -8.96 15.54
N VAL C 305 -31.45 -8.84 16.76
CA VAL C 305 -31.05 -9.71 17.87
C VAL C 305 -31.40 -11.16 17.53
N ALA C 306 -32.62 -11.39 17.06
CA ALA C 306 -33.04 -12.75 16.73
C ALA C 306 -32.17 -13.36 15.63
N ASN C 307 -31.95 -12.61 14.56
CA ASN C 307 -31.14 -13.12 13.48
C ASN C 307 -29.71 -13.41 13.95
N ALA C 308 -29.17 -12.53 14.79
CA ALA C 308 -27.78 -12.63 15.21
C ALA C 308 -27.49 -13.96 15.90
N ILE C 309 -28.49 -14.49 16.59
CA ILE C 309 -28.31 -15.74 17.31
C ILE C 309 -28.83 -16.93 16.51
N PHE C 310 -29.95 -16.80 15.82
CA PHE C 310 -30.57 -17.99 15.24
C PHE C 310 -30.11 -18.34 13.82
N PHE C 311 -29.44 -17.41 13.15
CA PHE C 311 -28.84 -17.70 11.87
C PHE C 311 -28.03 -19.02 11.96
N ASN C 312 -28.23 -19.89 10.97
CA ASN C 312 -27.54 -21.19 10.90
C ASN C 312 -27.69 -21.99 12.20
N GLN C 313 -28.89 -21.95 12.77
CA GLN C 313 -29.20 -22.61 14.04
C GLN C 313 -28.26 -22.27 15.19
N GLY C 314 -27.71 -21.07 15.16
CA GLY C 314 -26.73 -20.65 16.18
C GLY C 314 -25.37 -21.34 16.07
N GLN C 315 -25.16 -22.11 15.01
CA GLN C 315 -23.88 -22.84 14.81
C GLN C 315 -22.91 -21.96 14.00
N VAL C 316 -22.49 -20.89 14.65
CA VAL C 316 -21.72 -19.83 14.01
C VAL C 316 -20.75 -19.35 15.07
N CYS C 317 -19.48 -19.26 14.69
CA CYS C 317 -18.44 -18.88 15.64
CA CYS C 317 -18.45 -18.90 15.66
C CYS C 317 -18.71 -17.49 16.23
N THR C 318 -19.22 -16.58 15.40
CA THR C 318 -19.58 -15.23 15.85
C THR C 318 -21.04 -15.03 16.21
N ALA C 319 -21.77 -16.10 16.49
CA ALA C 319 -23.15 -15.97 16.86
C ALA C 319 -23.30 -14.92 17.96
N GLY C 320 -24.37 -14.11 17.85
CA GLY C 320 -24.65 -13.09 18.83
C GLY C 320 -25.29 -13.70 20.04
N SER C 321 -24.48 -14.37 20.84
CA SER C 321 -25.01 -15.25 21.89
C SER C 321 -25.31 -14.55 23.23
N ARG C 322 -24.82 -13.32 23.42
CA ARG C 322 -25.16 -12.51 24.59
C ARG C 322 -25.74 -11.19 24.17
N ALA C 323 -26.98 -10.90 24.54
CA ALA C 323 -27.59 -9.62 24.19
C ALA C 323 -27.63 -8.74 25.41
N TYR C 324 -27.07 -7.55 25.29
CA TYR C 324 -27.11 -6.56 26.35
C TYR C 324 -27.91 -5.39 25.83
N ILE C 325 -29.07 -5.17 26.41
CA ILE C 325 -30.06 -4.25 25.87
C ILE C 325 -30.37 -3.19 26.92
N HIS C 326 -30.31 -1.93 26.50
CA HIS C 326 -30.48 -0.86 27.43
C HIS C 326 -31.81 -1.02 28.17
N SER C 327 -31.81 -0.72 29.48
CA SER C 327 -33.00 -0.96 30.33
CA SER C 327 -32.97 -0.95 30.32
C SER C 327 -34.25 -0.23 29.85
N LYS C 328 -34.12 0.96 29.28
CA LYS C 328 -35.28 1.65 28.74
C LYS C 328 -36.01 0.80 27.68
N VAL C 329 -35.33 -0.06 26.93
CA VAL C 329 -36.00 -0.81 25.87
C VAL C 329 -35.93 -2.33 26.00
N PHE C 330 -35.38 -2.82 27.12
CA PHE C 330 -35.17 -4.25 27.32
C PHE C 330 -36.45 -5.08 27.18
N ASP C 331 -37.50 -4.67 27.87
CA ASP C 331 -38.73 -5.47 27.87
C ASP C 331 -39.38 -5.54 26.50
N GLY C 332 -39.47 -4.42 25.81
CA GLY C 332 -40.05 -4.40 24.48
C GLY C 332 -39.24 -5.21 23.47
N VAL C 333 -37.92 -5.10 23.54
CA VAL C 333 -37.08 -5.84 22.61
C VAL C 333 -37.21 -7.35 22.87
N ILE C 334 -37.07 -7.76 24.13
CA ILE C 334 -37.09 -9.18 24.44
C ILE C 334 -38.45 -9.81 24.18
N GLU C 335 -39.52 -9.09 24.48
CA GLU C 335 -40.87 -9.54 24.11
C GLU C 335 -40.86 -9.90 22.65
N ARG C 336 -40.39 -8.96 21.83
CA ARG C 336 -40.39 -9.14 20.39
C ARG C 336 -39.47 -10.27 19.92
N VAL C 337 -38.29 -10.41 20.54
CA VAL C 337 -37.38 -11.48 20.20
C VAL C 337 -37.97 -12.87 20.53
N ALA C 338 -38.61 -12.98 21.68
CA ALA C 338 -39.27 -14.25 22.04
C ALA C 338 -40.39 -14.63 21.03
N LYS C 339 -41.16 -13.65 20.56
CA LYS C 339 -42.21 -13.90 19.58
C LYS C 339 -41.59 -14.40 18.29
N ILE C 340 -40.50 -13.77 17.87
CA ILE C 340 -39.79 -14.19 16.64
C ILE C 340 -39.26 -15.61 16.79
N ALA C 341 -38.60 -15.89 17.92
CA ALA C 341 -38.10 -17.23 18.21
C ALA C 341 -39.17 -18.32 18.09
N ALA C 342 -40.31 -18.10 18.74
CA ALA C 342 -41.41 -19.04 18.75
C ALA C 342 -42.06 -19.17 17.41
N SER C 343 -41.96 -18.16 16.55
CA SER C 343 -42.55 -18.23 15.21
C SER C 343 -41.68 -18.94 14.15
N LEU C 344 -40.41 -19.17 14.42
CA LEU C 344 -39.54 -19.75 13.38
C LEU C 344 -39.94 -21.19 13.03
N LYS C 345 -40.05 -21.47 11.73
CA LYS C 345 -40.42 -22.78 11.24
C LYS C 345 -39.25 -23.79 11.33
N ILE C 346 -39.45 -24.84 12.14
CA ILE C 346 -38.44 -25.83 12.37
C ILE C 346 -38.74 -27.02 11.47
N GLY C 347 -37.74 -27.51 10.74
CA GLY C 347 -37.98 -28.62 9.84
C GLY C 347 -36.74 -29.05 9.07
N PRO C 348 -36.92 -29.97 8.12
CA PRO C 348 -35.81 -30.42 7.30
C PRO C 348 -35.33 -29.31 6.37
N GLY C 349 -34.03 -29.25 6.20
CA GLY C 349 -33.42 -28.19 5.38
C GLY C 349 -33.84 -28.19 3.93
N MET C 350 -34.24 -29.35 3.41
CA MET C 350 -34.66 -29.40 2.02
C MET C 350 -36.04 -28.82 1.79
N ASP C 351 -36.81 -28.55 2.85
CA ASP C 351 -38.10 -27.90 2.72
C ASP C 351 -37.90 -26.39 2.61
N PRO C 352 -38.43 -25.75 1.55
CA PRO C 352 -38.22 -24.32 1.38
C PRO C 352 -38.87 -23.51 2.50
N ALA C 353 -39.83 -24.06 3.23
CA ALA C 353 -40.44 -23.36 4.35
C ALA C 353 -39.56 -23.32 5.61
N THR C 354 -38.56 -24.15 5.67
CA THR C 354 -37.79 -24.30 6.91
C THR C 354 -36.96 -23.06 7.18
N GLN C 355 -37.04 -22.53 8.39
CA GLN C 355 -36.15 -21.46 8.83
C GLN C 355 -35.06 -21.94 9.79
N ILE C 356 -35.34 -22.97 10.54
CA ILE C 356 -34.44 -23.52 11.53
C ILE C 356 -34.34 -25.02 11.26
N GLY C 357 -33.14 -25.46 10.84
CA GLY C 357 -32.88 -26.87 10.63
C GLY C 357 -32.49 -27.55 11.92
N PRO C 358 -32.13 -28.84 11.85
CA PRO C 358 -31.66 -29.54 13.04
C PRO C 358 -30.23 -29.17 13.31
N LEU C 359 -29.73 -29.53 14.49
CA LEU C 359 -28.29 -29.43 14.77
C LEU C 359 -27.57 -30.60 14.12
N VAL C 360 -26.25 -30.56 14.07
CA VAL C 360 -25.51 -31.39 13.14
C VAL C 360 -25.43 -32.86 13.55
N SER C 361 -25.56 -33.15 14.85
CA SER C 361 -25.38 -34.49 15.38
C SER C 361 -26.08 -34.65 16.71
N ALA C 362 -26.27 -35.90 17.10
CA ALA C 362 -26.83 -36.19 18.41
C ALA C 362 -25.96 -35.66 19.53
N LYS C 363 -24.63 -35.78 19.40
CA LYS C 363 -23.72 -35.26 20.43
C LYS C 363 -23.94 -33.73 20.55
N GLN C 364 -24.15 -33.02 19.45
CA GLN C 364 -24.34 -31.57 19.53
C GLN C 364 -25.60 -31.23 20.23
N ARG C 365 -26.67 -31.95 19.88
CA ARG C 365 -27.91 -31.71 20.58
C ARG C 365 -27.74 -31.97 22.09
N GLU C 366 -27.03 -33.02 22.44
CA GLU C 366 -26.82 -33.34 23.86
C GLU C 366 -26.10 -32.19 24.55
N ARG C 367 -25.04 -31.68 23.93
CA ARG C 367 -24.28 -30.53 24.49
C ARG C 367 -25.14 -29.29 24.67
N VAL C 368 -25.87 -28.94 23.61
CA VAL C 368 -26.67 -27.73 23.61
C VAL C 368 -27.77 -27.85 24.68
N CYS C 369 -28.47 -28.98 24.73
CA CYS C 369 -29.51 -29.16 25.75
C CYS C 369 -28.94 -29.19 27.16
N GLY C 370 -27.74 -29.72 27.30
CA GLY C 370 -27.05 -29.73 28.57
C GLY C 370 -26.77 -28.33 29.04
N TYR C 371 -26.41 -27.45 28.13
CA TYR C 371 -26.18 -26.06 28.51
C TYR C 371 -27.46 -25.38 28.95
N ILE C 372 -28.54 -25.60 28.20
CA ILE C 372 -29.81 -25.04 28.56
C ILE C 372 -30.24 -25.49 29.96
N ASP C 373 -30.13 -26.79 30.21
CA ASP C 373 -30.46 -27.35 31.54
C ASP C 373 -29.61 -26.72 32.63
N SER C 374 -28.33 -26.52 32.33
CA SER C 374 -27.41 -25.88 33.25
C SER C 374 -27.88 -24.47 33.64
N GLY C 375 -28.37 -23.73 32.66
CA GLY C 375 -28.94 -22.42 32.88
C GLY C 375 -30.14 -22.44 33.85
N PHE C 376 -31.08 -23.36 33.59
CA PHE C 376 -32.22 -23.53 34.45
C PHE C 376 -31.73 -23.83 35.87
N GLY C 377 -30.77 -24.73 35.97
CA GLY C 377 -30.19 -25.13 37.24
C GLY C 377 -29.60 -23.99 38.01
N GLU C 378 -29.11 -22.97 37.32
CA GLU C 378 -28.52 -21.82 38.01
C GLU C 378 -29.50 -20.66 38.24
N GLY C 379 -30.73 -20.79 37.77
CA GLY C 379 -31.75 -19.76 38.03
C GLY C 379 -32.22 -18.97 36.81
N ALA C 380 -31.68 -19.26 35.65
CA ALA C 380 -32.16 -18.63 34.42
C ALA C 380 -33.55 -19.14 34.08
N ARG C 381 -34.31 -18.37 33.33
CA ARG C 381 -35.59 -18.86 32.79
C ARG C 381 -35.75 -18.60 31.30
N ALA C 382 -36.56 -19.41 30.67
CA ALA C 382 -36.74 -19.34 29.23
C ALA C 382 -37.87 -18.39 28.87
N ALA C 383 -37.57 -17.32 28.15
CA ALA C 383 -38.61 -16.47 27.58
C ALA C 383 -39.15 -17.11 26.31
N ALA C 384 -38.36 -17.98 25.71
CA ALA C 384 -38.83 -18.78 24.58
C ALA C 384 -38.03 -20.04 24.48
N GLY C 385 -38.66 -21.09 23.96
CA GLY C 385 -37.99 -22.35 23.74
C GLY C 385 -37.65 -23.13 24.99
N GLY C 386 -36.52 -23.82 24.96
CA GLY C 386 -36.08 -24.61 26.09
C GLY C 386 -36.45 -26.08 25.93
N ARG C 387 -37.74 -26.33 25.57
CA ARG C 387 -38.44 -27.65 25.62
C ARG C 387 -38.00 -28.56 24.48
N ALA C 388 -37.79 -29.84 24.78
CA ALA C 388 -37.19 -30.81 23.82
C ALA C 388 -38.06 -31.10 22.60
N ILE C 389 -37.42 -31.40 21.46
CA ILE C 389 -38.20 -31.83 20.27
C ILE C 389 -38.10 -33.34 19.97
N ASP C 390 -39.22 -34.04 20.12
CA ASP C 390 -39.28 -35.47 19.87
C ASP C 390 -39.09 -35.81 18.41
N GLY C 391 -38.73 -37.06 18.16
CA GLY C 391 -38.72 -37.57 16.80
C GLY C 391 -37.35 -37.69 16.19
N PRO C 392 -37.31 -38.18 14.95
CA PRO C 392 -36.01 -38.37 14.34
C PRO C 392 -35.33 -37.02 14.06
N GLY C 393 -34.03 -37.04 13.92
CA GLY C 393 -33.32 -35.81 13.63
C GLY C 393 -32.89 -35.16 14.92
N PHE C 394 -32.03 -34.17 14.82
CA PHE C 394 -31.39 -33.60 15.99
C PHE C 394 -31.88 -32.16 16.24
N PHE C 395 -33.19 -32.02 16.38
CA PHE C 395 -33.83 -30.73 16.43
C PHE C 395 -33.90 -30.19 17.87
N VAL C 396 -33.72 -28.87 17.97
CA VAL C 396 -33.78 -28.12 19.22
C VAL C 396 -34.51 -26.81 18.95
N GLU C 397 -35.33 -26.39 19.90
CA GLU C 397 -36.07 -25.15 19.80
C GLU C 397 -35.16 -23.93 19.93
N PRO C 398 -35.44 -22.89 19.13
CA PRO C 398 -34.80 -21.61 19.38
C PRO C 398 -35.13 -21.17 20.79
N THR C 399 -34.10 -20.84 21.55
CA THR C 399 -34.23 -20.64 22.97
C THR C 399 -33.68 -19.28 23.42
N VAL C 400 -34.48 -18.55 24.20
CA VAL C 400 -34.07 -17.28 24.77
C VAL C 400 -34.14 -17.37 26.28
N LEU C 401 -33.00 -17.18 26.94
CA LEU C 401 -32.88 -17.22 28.39
C LEU C 401 -32.71 -15.81 28.96
N VAL C 402 -33.47 -15.53 30.02
CA VAL C 402 -33.37 -14.28 30.77
C VAL C 402 -33.14 -14.57 32.25
N ASP C 403 -32.96 -13.52 33.05
CA ASP C 403 -32.59 -13.64 34.45
C ASP C 403 -31.24 -14.35 34.59
N THR C 404 -30.38 -14.15 33.62
CA THR C 404 -29.04 -14.70 33.66
C THR C 404 -28.10 -13.71 34.31
N THR C 405 -26.94 -14.19 34.76
CA THR C 405 -25.86 -13.33 35.28
C THR C 405 -24.54 -13.74 34.64
N GLN C 406 -23.53 -12.87 34.78
CA GLN C 406 -22.23 -13.10 34.19
C GLN C 406 -21.51 -14.31 34.74
N ALA C 407 -21.89 -14.76 35.94
CA ALA C 407 -21.28 -15.94 36.54
C ALA C 407 -21.79 -17.26 35.97
N MET C 408 -22.92 -17.26 35.28
CA MET C 408 -23.52 -18.53 34.88
C MET C 408 -22.78 -19.16 33.69
N ARG C 409 -22.75 -20.49 33.64
CA ARG C 409 -22.10 -21.19 32.53
C ARG C 409 -22.63 -20.82 31.18
N VAL C 410 -23.95 -20.67 31.06
CA VAL C 410 -24.55 -20.30 29.79
C VAL C 410 -24.09 -18.95 29.28
N VAL C 411 -23.72 -18.07 30.18
CA VAL C 411 -23.18 -16.76 29.79
C VAL C 411 -21.69 -16.82 29.49
N ARG C 412 -20.94 -17.62 30.23
CA ARG C 412 -19.48 -17.67 30.11
CA ARG C 412 -19.47 -17.67 30.08
C ARG C 412 -18.97 -18.54 28.95
N GLU C 413 -19.66 -19.64 28.69
CA GLU C 413 -19.18 -20.66 27.78
C GLU C 413 -19.92 -20.66 26.44
N GLU C 414 -19.18 -20.97 25.38
CA GLU C 414 -19.74 -21.09 24.03
C GLU C 414 -20.63 -22.31 23.94
N ILE C 415 -21.89 -22.11 23.55
CA ILE C 415 -22.89 -23.15 23.44
C ILE C 415 -22.91 -23.74 22.02
N PHE C 416 -22.82 -22.87 21.01
CA PHE C 416 -22.80 -23.26 19.60
C PHE C 416 -24.11 -23.90 19.17
N GLY C 417 -25.19 -23.26 19.57
CA GLY C 417 -26.55 -23.64 19.18
C GLY C 417 -27.48 -22.45 19.35
N PRO C 418 -28.81 -22.67 19.09
CA PRO C 418 -29.72 -21.54 19.01
C PRO C 418 -30.19 -21.11 20.39
N VAL C 419 -29.25 -20.64 21.21
CA VAL C 419 -29.51 -20.27 22.59
C VAL C 419 -28.95 -18.90 22.89
N LEU C 420 -29.85 -17.96 23.21
CA LEU C 420 -29.50 -16.58 23.54
C LEU C 420 -29.59 -16.37 25.04
N VAL C 421 -28.67 -15.58 25.59
CA VAL C 421 -28.82 -15.05 26.95
C VAL C 421 -28.95 -13.53 26.81
N ALA C 422 -29.91 -12.94 27.57
CA ALA C 422 -30.21 -11.52 27.38
C ALA C 422 -30.33 -10.84 28.70
N MET C 423 -29.64 -9.72 28.83
CA MET C 423 -29.59 -8.96 30.08
C MET C 423 -29.65 -7.46 29.82
N PRO C 424 -30.16 -6.69 30.80
CA PRO C 424 -30.23 -5.25 30.70
C PRO C 424 -28.95 -4.52 31.13
N PHE C 425 -28.80 -3.26 30.71
CA PHE C 425 -27.78 -2.40 31.24
C PHE C 425 -28.33 -0.98 31.30
N ASP C 426 -27.76 -0.18 32.20
CA ASP C 426 -28.21 1.20 32.40
C ASP C 426 -27.38 2.24 31.74
N ASP C 427 -26.09 1.97 31.52
CA ASP C 427 -25.28 2.95 30.81
C ASP C 427 -24.18 2.26 29.99
N VAL C 428 -23.66 3.01 29.04
CA VAL C 428 -22.72 2.45 28.05
CA VAL C 428 -22.74 2.44 28.05
C VAL C 428 -21.44 1.93 28.69
N ASP C 429 -20.93 2.60 29.72
CA ASP C 429 -19.73 2.06 30.37
C ASP C 429 -19.99 0.63 30.89
N THR C 430 -21.16 0.41 31.44
CA THR C 430 -21.49 -0.92 31.94
C THR C 430 -21.63 -1.92 30.77
N ALA C 431 -22.25 -1.50 29.68
CA ALA C 431 -22.38 -2.35 28.51
C ALA C 431 -21.01 -2.78 28.02
N VAL C 432 -20.04 -1.85 28.02
CA VAL C 432 -18.68 -2.17 27.57
C VAL C 432 -18.04 -3.21 28.51
N GLN C 433 -18.17 -3.00 29.82
CA GLN C 433 -17.61 -3.94 30.78
C GLN C 433 -18.20 -5.33 30.60
N LEU C 434 -19.51 -5.40 30.43
CA LEU C 434 -20.18 -6.70 30.23
C LEU C 434 -19.75 -7.38 28.93
N ALA C 435 -19.71 -6.59 27.86
CA ALA C 435 -19.39 -7.11 26.55
C ALA C 435 -17.96 -7.67 26.49
N ASN C 436 -17.02 -6.99 27.12
CA ASN C 436 -15.62 -7.46 27.18
C ASN C 436 -15.39 -8.50 28.26
N ASP C 437 -16.36 -8.80 29.10
CA ASP C 437 -16.21 -9.79 30.19
C ASP C 437 -16.36 -11.22 29.62
N THR C 438 -15.34 -11.62 28.86
CA THR C 438 -15.30 -12.92 28.20
C THR C 438 -13.83 -13.16 27.88
N PRO C 439 -13.41 -14.42 27.83
CA PRO C 439 -12.07 -14.67 27.32
C PRO C 439 -11.98 -14.47 25.81
N TYR C 440 -13.13 -14.40 25.15
CA TYR C 440 -13.18 -14.39 23.69
C TYR C 440 -13.14 -13.00 23.12
N GLY C 441 -13.07 -12.91 21.78
CA GLY C 441 -13.00 -11.62 21.12
C GLY C 441 -13.13 -11.73 19.63
N LEU C 442 -14.11 -12.50 19.17
CA LEU C 442 -14.25 -12.78 17.75
C LEU C 442 -15.12 -11.74 17.06
N GLY C 443 -16.30 -11.48 17.63
CA GLY C 443 -17.22 -10.55 17.02
C GLY C 443 -18.02 -9.81 18.05
N ALA C 444 -18.77 -8.82 17.57
CA ALA C 444 -19.70 -8.05 18.39
C ALA C 444 -20.53 -7.19 17.50
N SER C 445 -21.70 -6.78 17.96
CA SER C 445 -22.46 -5.76 17.26
C SER C 445 -23.07 -4.72 18.16
N ILE C 446 -23.34 -3.58 17.56
CA ILE C 446 -23.96 -2.44 18.15
C ILE C 446 -25.18 -2.09 17.31
N TRP C 447 -26.31 -1.83 17.98
CA TRP C 447 -27.58 -1.48 17.31
C TRP C 447 -28.00 -0.08 17.77
N SER C 448 -27.98 0.86 16.83
CA SER C 448 -28.16 2.29 17.11
C SER C 448 -28.08 3.05 15.79
N ASN C 449 -28.58 4.28 15.81
CA ASN C 449 -28.39 5.23 14.72
C ASN C 449 -27.67 6.50 15.18
N ASP C 450 -27.07 6.41 16.38
CA ASP C 450 -26.45 7.54 17.09
C ASP C 450 -24.96 7.57 16.75
N LEU C 451 -24.58 8.47 15.83
CA LEU C 451 -23.25 8.52 15.29
C LEU C 451 -22.23 8.64 16.41
N SER C 452 -22.46 9.61 17.31
CA SER C 452 -21.53 9.87 18.41
CA SER C 452 -21.53 9.87 18.42
C SER C 452 -21.35 8.64 19.31
N ALA C 453 -22.46 8.04 19.72
CA ALA C 453 -22.38 6.85 20.58
C ALA C 453 -21.69 5.66 19.90
N ILE C 454 -21.98 5.48 18.61
CA ILE C 454 -21.40 4.39 17.86
C ILE C 454 -19.87 4.56 17.79
N HIS C 455 -19.42 5.75 17.43
CA HIS C 455 -17.99 5.96 17.27
C HIS C 455 -17.22 5.96 18.59
N LYS C 456 -17.88 6.30 19.69
CA LYS C 456 -17.25 6.19 21.01
CA LYS C 456 -17.26 6.20 21.01
C LYS C 456 -17.17 4.74 21.45
N LEU C 457 -18.12 3.91 20.99
CA LEU C 457 -18.16 2.52 21.39
C LEU C 457 -17.24 1.58 20.61
N VAL C 458 -17.19 1.74 19.31
CA VAL C 458 -16.48 0.83 18.43
C VAL C 458 -15.03 0.59 18.91
N PRO C 459 -14.30 1.64 19.30
CA PRO C 459 -12.93 1.39 19.81
C PRO C 459 -12.86 0.62 21.11
N ARG C 460 -13.92 0.64 21.91
CA ARG C 460 -13.87 0.09 23.27
C ARG C 460 -14.18 -1.41 23.34
N ILE C 461 -14.74 -1.97 22.27
CA ILE C 461 -15.12 -3.38 22.25
CA ILE C 461 -15.12 -3.38 22.25
C ILE C 461 -13.95 -4.19 21.70
N ALA C 462 -13.48 -5.15 22.49
CA ALA C 462 -12.30 -5.94 22.08
C ALA C 462 -12.74 -7.13 21.27
N ALA C 463 -13.07 -6.90 20.00
CA ALA C 463 -13.45 -7.98 19.10
C ALA C 463 -12.82 -7.74 17.73
N GLY C 464 -12.57 -8.82 17.00
CA GLY C 464 -11.93 -8.74 15.70
C GLY C 464 -12.79 -8.12 14.64
N THR C 465 -14.11 -8.26 14.75
CA THR C 465 -15.08 -7.60 13.89
C THR C 465 -16.15 -6.95 14.78
N VAL C 466 -16.43 -5.68 14.55
CA VAL C 466 -17.58 -5.02 15.18
C VAL C 466 -18.57 -4.62 14.10
N TRP C 467 -19.76 -5.20 14.13
CA TRP C 467 -20.82 -4.85 13.19
C TRP C 467 -21.70 -3.75 13.78
N VAL C 468 -22.32 -2.94 12.93
CA VAL C 468 -23.33 -1.99 13.41
C VAL C 468 -24.61 -2.17 12.62
N ASN C 469 -25.70 -2.42 13.33
CA ASN C 469 -26.99 -2.73 12.72
C ASN C 469 -26.95 -3.93 11.78
N CYS C 470 -26.06 -4.88 12.10
CA CYS C 470 -26.05 -6.16 11.44
C CYS C 470 -25.21 -7.08 12.32
N HIS C 471 -25.05 -8.34 11.92
CA HIS C 471 -24.23 -9.30 12.70
C HIS C 471 -23.93 -10.51 11.84
N SER C 472 -22.72 -11.05 11.99
CA SER C 472 -22.23 -12.16 11.19
C SER C 472 -22.47 -11.95 9.67
N LEU C 473 -22.23 -10.75 9.16
CA LEU C 473 -22.26 -10.51 7.73
C LEU C 473 -20.86 -10.57 7.19
N LEU C 474 -20.65 -11.25 6.07
CA LEU C 474 -19.34 -11.55 5.46
C LEU C 474 -19.21 -10.86 4.11
N ASP C 475 -18.02 -10.45 3.78
CA ASP C 475 -17.68 -10.08 2.42
C ASP C 475 -16.24 -10.46 2.19
N ASN C 476 -15.93 -10.92 0.98
CA ASN C 476 -14.60 -11.41 0.64
C ASN C 476 -13.51 -10.35 0.75
N ALA C 477 -13.88 -9.09 0.68
CA ALA C 477 -12.93 -8.01 0.80
C ALA C 477 -12.65 -7.58 2.25
N LEU C 478 -13.40 -8.09 3.24
CA LEU C 478 -13.30 -7.61 4.63
C LEU C 478 -12.76 -8.71 5.54
N PRO C 479 -11.55 -8.50 6.09
CA PRO C 479 -10.93 -9.56 6.87
C PRO C 479 -11.71 -9.89 8.13
N PHE C 480 -11.55 -11.14 8.57
CA PHE C 480 -12.31 -11.70 9.67
C PHE C 480 -11.33 -12.50 10.55
N GLY C 481 -11.43 -12.36 11.87
CA GLY C 481 -10.66 -13.22 12.77
C GLY C 481 -10.66 -12.71 14.20
N GLY C 482 -9.93 -13.38 15.07
CA GLY C 482 -10.10 -13.18 16.50
C GLY C 482 -9.05 -12.32 17.19
N MET C 483 -9.52 -11.73 18.29
CA MET C 483 -8.68 -11.19 19.35
C MET C 483 -8.76 -12.14 20.55
N LYS C 484 -7.84 -11.96 21.51
CA LYS C 484 -7.88 -12.63 22.80
C LYS C 484 -7.87 -14.16 22.61
N GLN C 485 -8.73 -14.91 23.31
CA GLN C 485 -8.71 -16.35 23.16
C GLN C 485 -9.42 -16.87 21.90
N SER C 486 -9.91 -15.97 21.05
CA SER C 486 -10.56 -16.37 19.81
C SER C 486 -9.53 -16.58 18.70
N GLY C 487 -8.24 -16.46 19.06
CA GLY C 487 -7.17 -16.85 18.15
C GLY C 487 -6.39 -15.66 17.60
N PHE C 488 -5.70 -15.87 16.47
CA PHE C 488 -4.98 -14.80 15.79
C PHE C 488 -4.84 -15.15 14.32
N GLY C 489 -4.57 -14.14 13.51
CA GLY C 489 -4.60 -14.32 12.07
C GLY C 489 -5.97 -13.89 11.54
N ARG C 490 -6.02 -13.68 10.24
CA ARG C 490 -7.22 -13.22 9.55
C ARG C 490 -7.56 -14.07 8.32
N GLU C 491 -8.86 -14.24 8.09
CA GLU C 491 -9.38 -14.82 6.87
C GLU C 491 -9.84 -13.66 5.99
N LEU C 492 -9.87 -13.89 4.67
CA LEU C 492 -10.45 -12.97 3.69
C LEU C 492 -9.70 -11.68 3.50
N GLY C 493 -10.06 -10.95 2.46
CA GLY C 493 -9.45 -9.68 2.18
C GLY C 493 -8.00 -9.76 1.67
N ARG C 494 -7.40 -8.59 1.54
CA ARG C 494 -6.00 -8.48 1.29
C ARG C 494 -5.19 -9.15 2.40
N ALA C 495 -5.68 -9.08 3.62
CA ALA C 495 -4.95 -9.61 4.78
C ALA C 495 -4.62 -11.07 4.65
N VAL C 496 -5.56 -11.89 4.22
CA VAL C 496 -5.32 -13.31 4.20
C VAL C 496 -4.24 -13.62 3.17
N ILE C 497 -4.24 -12.88 2.07
CA ILE C 497 -3.24 -13.09 1.02
C ILE C 497 -1.85 -12.92 1.61
N ASP C 498 -1.64 -11.82 2.33
CA ASP C 498 -0.36 -11.60 2.96
C ASP C 498 -0.01 -12.69 3.97
N GLN C 499 -1.01 -13.26 4.63
CA GLN C 499 -0.78 -14.36 5.54
C GLN C 499 -0.49 -15.74 4.90
N TYR C 500 -0.62 -15.87 3.58
CA TYR C 500 -0.22 -17.08 2.88
C TYR C 500 1.09 -16.86 2.11
N THR C 501 1.75 -15.72 2.34
CA THR C 501 3.03 -15.48 1.80
C THR C 501 4.08 -15.36 2.90
N GLU C 502 5.31 -15.59 2.52
CA GLU C 502 6.48 -15.40 3.38
C GLU C 502 7.34 -14.31 2.72
N SER C 503 7.72 -13.29 3.47
CA SER C 503 8.46 -12.16 2.91
CA SER C 503 8.44 -12.17 2.88
C SER C 503 9.96 -12.47 2.89
N LYS C 504 10.59 -12.24 1.74
CA LYS C 504 12.07 -12.33 1.63
C LYS C 504 12.63 -10.94 1.29
N SER C 505 13.49 -10.42 2.15
CA SER C 505 14.20 -9.17 1.85
C SER C 505 15.42 -9.47 1.00
N VAL C 506 15.71 -8.60 0.04
CA VAL C 506 16.87 -8.75 -0.83
C VAL C 506 17.64 -7.43 -0.82
N MET C 507 18.95 -7.47 -0.60
CA MET C 507 19.73 -6.26 -0.47
C MET C 507 21.05 -6.43 -1.20
N MET C 508 21.20 -5.69 -2.29
CA MET C 508 22.35 -5.86 -3.19
C MET C 508 23.25 -4.65 -3.12
N ASN C 509 24.51 -4.87 -2.78
CA ASN C 509 25.51 -3.84 -2.86
C ASN C 509 26.10 -3.87 -4.26
N TYR C 510 25.76 -2.87 -5.05
CA TYR C 510 26.20 -2.85 -6.45
C TYR C 510 27.39 -1.91 -6.71
N ALA C 511 28.07 -1.54 -5.64
CA ALA C 511 29.17 -0.58 -5.74
C ALA C 511 30.33 -1.21 -6.54
N THR D 16 -0.45 50.23 20.88
CA THR D 16 0.46 49.56 21.86
C THR D 16 -0.03 48.17 22.22
N PHE D 17 0.24 47.22 21.33
CA PHE D 17 0.39 45.81 21.71
C PHE D 17 1.86 45.51 21.54
N ALA D 18 2.44 44.85 22.53
CA ALA D 18 3.89 44.64 22.55
C ALA D 18 4.31 43.66 21.48
N LEU D 19 5.54 43.81 20.98
CA LEU D 19 6.11 42.88 20.03
C LEU D 19 7.39 42.36 20.61
N LEU D 20 7.73 41.12 20.26
CA LEU D 20 9.05 40.61 20.63
C LEU D 20 10.16 41.47 20.02
N ASP D 21 11.29 41.57 20.73
CA ASP D 21 12.47 42.18 20.19
C ASP D 21 12.85 41.59 18.85
N ALA D 22 12.77 40.26 18.73
CA ALA D 22 13.14 39.59 17.47
C ALA D 22 12.24 40.04 16.31
N THR D 23 10.94 40.20 16.58
CA THR D 23 9.98 40.64 15.57
C THR D 23 10.37 42.06 15.12
N ARG D 24 10.66 42.93 16.07
CA ARG D 24 11.05 44.31 15.76
CA ARG D 24 11.04 44.30 15.76
C ARG D 24 12.33 44.36 14.91
N ALA D 25 13.32 43.54 15.27
CA ALA D 25 14.58 43.48 14.52
C ALA D 25 14.36 42.96 13.11
N PHE D 26 13.50 41.98 12.95
CA PHE D 26 13.20 41.48 11.64
C PHE D 26 12.53 42.56 10.81
N LEU D 27 11.54 43.25 11.39
CA LEU D 27 10.87 44.30 10.65
C LEU D 27 11.79 45.45 10.26
N ALA D 28 12.73 45.80 11.13
CA ALA D 28 13.60 46.93 10.87
C ALA D 28 14.63 46.67 9.78
N LYS D 29 15.08 45.45 9.62
CA LYS D 29 16.24 45.26 8.73
C LYS D 29 15.83 45.09 7.25
N PRO D 30 16.76 45.34 6.33
CA PRO D 30 16.46 45.20 4.91
C PRO D 30 16.03 43.80 4.58
N LYS D 31 15.01 43.64 3.76
CA LYS D 31 14.53 42.33 3.37
C LYS D 31 15.11 41.98 2.02
N GLN D 32 15.47 40.70 1.83
CA GLN D 32 16.02 40.23 0.57
C GLN D 32 15.44 38.88 0.20
N MET D 33 15.56 38.52 -1.08
CA MET D 33 15.11 37.24 -1.58
C MET D 33 16.17 36.24 -1.34
N LEU D 34 15.80 34.97 -1.33
CA LEU D 34 16.81 33.89 -1.20
C LEU D 34 16.99 33.21 -2.55
N ILE D 35 18.13 33.44 -3.18
CA ILE D 35 18.39 32.94 -4.49
C ILE D 35 19.70 32.17 -4.48
N GLY D 36 19.59 30.85 -4.49
CA GLY D 36 20.76 30.02 -4.37
C GLY D 36 21.47 30.33 -3.07
N ALA D 37 22.79 30.48 -3.16
CA ALA D 37 23.64 30.75 -2.02
C ALA D 37 23.62 32.24 -1.57
N GLU D 38 22.80 33.10 -2.19
CA GLU D 38 22.80 34.52 -1.84
C GLU D 38 21.46 35.00 -1.40
N TRP D 39 21.46 35.85 -0.41
CA TRP D 39 20.33 36.73 -0.20
C TRP D 39 20.53 37.92 -1.19
N SER D 40 19.49 38.32 -1.91
CA SER D 40 19.66 39.32 -2.97
C SER D 40 18.50 40.26 -3.13
N ASP D 41 18.77 41.49 -3.55
CA ASP D 41 17.71 42.39 -3.98
C ASP D 41 17.43 42.09 -5.47
N ALA D 42 16.43 42.72 -6.06
CA ALA D 42 16.04 42.46 -7.45
C ALA D 42 17.02 43.16 -8.38
N ALA D 43 17.26 42.57 -9.54
CA ALA D 43 18.13 43.18 -10.54
C ALA D 43 17.67 44.56 -10.95
N SER D 44 16.35 44.78 -10.96
CA SER D 44 15.80 46.09 -11.28
C SER D 44 15.96 47.17 -10.20
N GLY D 45 16.29 46.76 -8.97
CA GLY D 45 16.22 47.66 -7.85
C GLY D 45 14.81 47.95 -7.33
N ARG D 46 13.77 47.43 -7.97
CA ARG D 46 12.43 47.73 -7.50
C ARG D 46 12.08 46.98 -6.20
N GLN D 47 11.22 47.62 -5.41
CA GLN D 47 10.70 47.05 -4.19
C GLN D 47 9.19 47.26 -4.12
N LEU D 48 8.53 46.40 -3.38
CA LEU D 48 7.13 46.66 -3.10
C LEU D 48 6.85 46.78 -1.61
N ASP D 49 5.84 47.59 -1.30
CA ASP D 49 5.44 47.86 0.08
C ASP D 49 4.72 46.71 0.72
N VAL D 50 5.02 46.49 1.99
CA VAL D 50 4.26 45.59 2.83
C VAL D 50 3.44 46.42 3.79
N VAL D 51 2.12 46.18 3.78
CA VAL D 51 1.16 46.99 4.49
C VAL D 51 0.52 46.18 5.62
N ASN D 52 0.33 46.82 6.77
CA ASN D 52 -0.35 46.22 7.89
C ASN D 52 -1.82 46.54 7.70
N PRO D 53 -2.62 45.51 7.49
CA PRO D 53 -4.03 45.76 7.12
C PRO D 53 -4.91 46.28 8.27
N ALA D 54 -4.40 46.24 9.50
CA ALA D 54 -5.13 46.81 10.62
C ALA D 54 -5.11 48.34 10.58
N ASP D 55 -4.10 48.93 9.98
CA ASP D 55 -4.05 50.37 9.90
C ASP D 55 -3.62 51.00 8.61
N GLY D 56 -3.37 50.19 7.59
CA GLY D 56 -3.01 50.71 6.27
C GLY D 56 -1.59 51.29 6.15
N THR D 57 -0.75 51.12 7.18
CA THR D 57 0.60 51.70 7.13
C THR D 57 1.62 50.70 6.57
N VAL D 58 2.68 51.25 6.00
CA VAL D 58 3.77 50.43 5.46
C VAL D 58 4.66 49.97 6.61
N ILE D 59 4.88 48.68 6.75
CA ILE D 59 5.72 48.13 7.82
C ILE D 59 7.06 47.59 7.31
N ALA D 60 7.18 47.40 5.99
CA ALA D 60 8.39 46.84 5.41
C ALA D 60 8.33 47.05 3.92
N ARG D 61 9.44 46.74 3.26
CA ARG D 61 9.52 46.67 1.82
C ARG D 61 10.33 45.41 1.41
N VAL D 62 9.91 44.76 0.33
CA VAL D 62 10.61 43.58 -0.15
C VAL D 62 10.92 43.74 -1.63
N PRO D 63 11.88 42.96 -2.13
CA PRO D 63 12.19 43.06 -3.55
C PRO D 63 11.02 42.70 -4.45
N GLU D 64 10.95 43.41 -5.57
CA GLU D 64 9.94 43.14 -6.59
C GLU D 64 10.63 42.45 -7.75
N ALA D 65 10.61 41.12 -7.75
CA ALA D 65 11.38 40.34 -8.73
C ALA D 65 10.76 40.43 -10.11
N ASP D 66 11.59 40.41 -11.15
CA ASP D 66 11.10 40.21 -12.51
C ASP D 66 11.63 38.88 -13.02
N GLU D 67 11.51 38.67 -14.32
CA GLU D 67 11.90 37.35 -14.92
C GLU D 67 13.37 36.99 -14.66
N ARG D 68 14.22 38.00 -14.65
CA ARG D 68 15.67 37.78 -14.47
C ARG D 68 15.93 37.14 -13.11
N ASP D 69 15.28 37.66 -12.08
CA ASP D 69 15.45 37.10 -10.72
C ASP D 69 14.82 35.71 -10.57
N VAL D 70 13.69 35.51 -11.19
CA VAL D 70 13.07 34.17 -11.20
C VAL D 70 13.97 33.15 -11.94
N GLN D 71 14.45 33.51 -13.11
CA GLN D 71 15.35 32.62 -13.86
C GLN D 71 16.58 32.23 -13.02
N GLN D 72 17.14 33.19 -12.27
CA GLN D 72 18.31 32.92 -11.41
C GLN D 72 17.96 31.92 -10.32
N ALA D 73 16.76 32.04 -9.74
CA ALA D 73 16.31 31.13 -8.69
C ALA D 73 16.09 29.70 -9.25
N VAL D 74 15.48 29.64 -10.44
CA VAL D 74 15.27 28.36 -11.11
C VAL D 74 16.61 27.70 -11.45
N ALA D 75 17.54 28.50 -11.96
CA ALA D 75 18.89 27.98 -12.26
C ALA D 75 19.54 27.38 -10.98
N ALA D 76 19.39 28.04 -9.85
CA ALA D 76 19.95 27.56 -8.62
C ALA D 76 19.30 26.25 -8.17
N ALA D 77 17.98 26.20 -8.27
CA ALA D 77 17.26 25.01 -7.88
C ALA D 77 17.65 23.84 -8.76
N ARG D 78 17.77 24.09 -10.05
CA ARG D 78 18.29 23.08 -11.01
C ARG D 78 19.65 22.55 -10.66
N ARG D 79 20.59 23.47 -10.38
CA ARG D 79 21.94 23.06 -9.98
CA ARG D 79 21.95 23.06 -10.00
C ARG D 79 21.90 22.22 -8.71
N ALA D 80 21.09 22.63 -7.72
CA ALA D 80 21.01 21.92 -6.43
C ALA D 80 20.42 20.52 -6.56
N PHE D 81 19.53 20.32 -7.52
CA PHE D 81 18.97 19.00 -7.78
C PHE D 81 19.87 18.14 -8.65
N ASP D 82 20.48 18.75 -9.65
CA ASP D 82 21.27 18.03 -10.66
C ASP D 82 22.68 17.66 -10.21
N ALA D 83 23.28 18.46 -9.35
CA ALA D 83 24.68 18.24 -8.98
C ALA D 83 25.02 18.49 -7.51
N GLY D 84 24.27 19.23 -6.74
CA GLY D 84 24.75 19.46 -5.35
C GLY D 84 24.71 18.25 -4.41
N PRO D 85 25.12 18.45 -3.13
CA PRO D 85 25.00 17.42 -2.11
C PRO D 85 23.58 16.94 -1.88
N TRP D 86 22.60 17.76 -2.19
CA TRP D 86 21.22 17.32 -2.04
C TRP D 86 20.92 16.12 -2.91
N ARG D 87 21.52 16.07 -4.09
CA ARG D 87 21.34 14.93 -4.98
C ARG D 87 21.75 13.60 -4.34
N THR D 88 22.82 13.58 -3.58
CA THR D 88 23.33 12.33 -3.01
C THR D 88 23.03 12.19 -1.50
N ALA D 89 22.24 13.10 -0.94
CA ALA D 89 21.82 12.99 0.44
C ALA D 89 21.08 11.69 0.68
N LYS D 90 21.32 11.08 1.83
CA LYS D 90 20.60 9.89 2.23
C LYS D 90 19.15 10.28 2.66
N THR D 91 18.22 9.33 2.58
CA THR D 91 16.87 9.53 3.09
C THR D 91 16.89 10.02 4.53
N THR D 92 17.81 9.46 5.33
CA THR D 92 17.99 9.85 6.71
C THR D 92 18.55 11.27 6.88
N ASP D 93 19.32 11.76 5.90
CA ASP D 93 19.80 13.17 5.92
C ASP D 93 18.61 14.10 5.72
N ARG D 94 17.76 13.81 4.75
CA ARG D 94 16.60 14.66 4.49
C ARG D 94 15.66 14.67 5.71
N GLU D 95 15.41 13.48 6.27
CA GLU D 95 14.64 13.35 7.51
C GLU D 95 15.17 14.22 8.64
N ARG D 96 16.49 14.11 8.90
CA ARG D 96 17.12 14.81 10.01
C ARG D 96 16.99 16.33 9.87
N LEU D 97 17.26 16.84 8.68
CA LEU D 97 17.20 18.28 8.44
C LEU D 97 15.77 18.82 8.59
N MET D 98 14.80 18.07 8.11
CA MET D 98 13.41 18.48 8.23
C MET D 98 12.93 18.50 9.69
N LEU D 99 13.36 17.53 10.49
CA LEU D 99 13.04 17.53 11.89
C LEU D 99 13.66 18.73 12.64
N VAL D 100 14.91 19.06 12.31
CA VAL D 100 15.55 20.25 12.85
C VAL D 100 14.72 21.49 12.50
N LEU D 101 14.26 21.58 11.25
CA LEU D 101 13.49 22.75 10.82
C LEU D 101 12.17 22.85 11.60
N ALA D 102 11.51 21.72 11.83
CA ALA D 102 10.28 21.75 12.57
C ALA D 102 10.49 22.28 14.00
N ASP D 103 11.55 21.84 14.64
CA ASP D 103 11.88 22.35 15.97
C ASP D 103 12.20 23.88 15.95
N LEU D 104 12.96 24.32 14.94
CA LEU D 104 13.26 25.76 14.80
C LEU D 104 11.99 26.61 14.64
N ILE D 105 11.01 26.11 13.90
CA ILE D 105 9.74 26.83 13.74
C ILE D 105 9.05 26.96 15.08
N GLU D 106 8.94 25.84 15.79
CA GLU D 106 8.40 25.87 17.13
C GLU D 106 9.18 26.77 18.11
N ALA D 107 10.49 26.78 18.03
CA ALA D 107 11.31 27.63 18.90
C ALA D 107 11.09 29.10 18.61
N ASN D 108 10.65 29.47 17.42
CA ASN D 108 10.42 30.86 17.07
C ASN D 108 8.97 31.15 16.77
N ALA D 109 8.08 30.43 17.45
CA ALA D 109 6.67 30.43 17.06
C ALA D 109 5.97 31.76 17.32
N ARG D 110 6.21 32.37 18.46
CA ARG D 110 5.60 33.62 18.74
C ARG D 110 6.02 34.70 17.71
N GLU D 111 7.33 34.77 17.41
CA GLU D 111 7.78 35.76 16.43
C GLU D 111 7.12 35.53 15.06
N LEU D 112 7.07 34.28 14.62
CA LEU D 112 6.42 33.98 13.34
C LEU D 112 4.94 34.36 13.36
N ALA D 113 4.27 34.12 14.46
CA ALA D 113 2.87 34.53 14.64
C ALA D 113 2.65 36.05 14.58
N GLU D 114 3.51 36.80 15.25
CA GLU D 114 3.47 38.26 15.20
C GLU D 114 3.70 38.79 13.77
N ILE D 115 4.67 38.23 13.08
CA ILE D 115 4.93 38.61 11.69
C ILE D 115 3.70 38.33 10.85
N GLU D 116 3.13 37.15 11.03
CA GLU D 116 2.02 36.76 10.22
C GLU D 116 0.79 37.67 10.53
N SER D 117 0.58 37.97 11.79
CA SER D 117 -0.55 38.83 12.17
C SER D 117 -0.38 40.25 11.61
N LEU D 118 0.83 40.79 11.66
CA LEU D 118 1.08 42.12 11.15
C LEU D 118 0.94 42.21 9.63
N ASP D 119 1.34 41.16 8.94
CA ASP D 119 1.43 41.17 7.49
C ASP D 119 0.08 40.78 6.89
N ASN D 120 -0.54 39.74 7.43
CA ASN D 120 -1.78 39.16 6.88
C ASN D 120 -3.05 39.77 7.54
N GLY D 121 -2.97 40.07 8.84
CA GLY D 121 -4.06 40.70 9.58
C GLY D 121 -4.80 39.79 10.58
N LYS D 122 -4.62 38.47 10.47
CA LYS D 122 -5.33 37.54 11.30
C LYS D 122 -4.92 37.62 12.77
N PRO D 123 -5.81 37.14 13.66
CA PRO D 123 -5.50 37.22 15.10
C PRO D 123 -4.21 36.48 15.41
N VAL D 124 -3.32 37.12 16.16
CA VAL D 124 -2.04 36.57 16.47
C VAL D 124 -2.18 35.25 17.23
N MET D 125 -3.19 35.13 18.07
CA MET D 125 -3.40 33.88 18.83
C MET D 125 -3.75 32.72 17.92
N VAL D 126 -4.51 32.98 16.85
CA VAL D 126 -4.84 31.96 15.88
C VAL D 126 -3.62 31.62 15.01
N ALA D 127 -2.87 32.63 14.57
CA ALA D 127 -1.65 32.43 13.83
C ALA D 127 -0.69 31.54 14.61
N GLN D 128 -0.60 31.74 15.92
CA GLN D 128 0.34 30.99 16.71
C GLN D 128 -0.14 29.55 16.93
N GLY D 129 -1.40 29.40 17.36
CA GLY D 129 -1.95 28.09 17.74
C GLY D 129 -2.38 27.22 16.62
N LEU D 130 -2.65 27.82 15.46
CA LEU D 130 -2.99 27.04 14.27
C LEU D 130 -1.92 27.12 13.20
N ASP D 131 -1.76 28.28 12.56
CA ASP D 131 -0.88 28.39 11.39
C ASP D 131 0.53 27.94 11.70
N VAL D 132 1.13 28.54 12.71
CA VAL D 132 2.56 28.25 12.98
C VAL D 132 2.71 26.81 13.49
N ALA D 133 1.87 26.40 14.44
CA ALA D 133 1.95 25.05 14.99
C ALA D 133 1.80 24.02 13.85
N MET D 134 0.84 24.24 12.94
CA MET D 134 0.61 23.28 11.88
C MET D 134 1.65 23.34 10.77
N ALA D 135 2.33 24.48 10.63
CA ALA D 135 3.46 24.57 9.69
C ALA D 135 4.61 23.71 10.18
N ALA D 136 4.93 23.86 11.47
CA ALA D 136 5.91 23.01 12.09
C ALA D 136 5.55 21.51 11.99
N GLN D 137 4.31 21.19 12.26
CA GLN D 137 3.91 19.77 12.22
C GLN D 137 3.94 19.22 10.80
N CYS D 138 3.68 20.07 9.81
CA CYS D 138 3.76 19.62 8.43
C CYS D 138 5.20 19.18 8.13
N PHE D 139 6.17 19.99 8.50
CA PHE D 139 7.59 19.59 8.26
C PHE D 139 7.93 18.32 9.05
N ARG D 140 7.44 18.20 10.27
CA ARG D 140 7.74 16.99 11.06
C ARG D 140 7.08 15.72 10.48
N TYR D 141 5.79 15.83 10.13
CA TYR D 141 5.07 14.72 9.53
C TYR D 141 5.76 14.27 8.23
N MET D 142 6.03 15.21 7.34
CA MET D 142 6.63 14.87 6.07
C MET D 142 8.07 14.38 6.23
N ALA D 143 8.78 14.85 7.24
CA ALA D 143 10.11 14.32 7.54
C ALA D 143 10.07 12.79 7.68
N GLY D 144 9.03 12.31 8.34
CA GLY D 144 8.91 10.88 8.54
C GLY D 144 8.63 10.10 7.26
N TRP D 145 8.06 10.74 6.23
CA TRP D 145 7.95 10.09 4.92
C TRP D 145 9.27 9.93 4.21
N ALA D 146 10.26 10.75 4.55
CA ALA D 146 11.50 10.74 3.77
C ALA D 146 12.18 9.36 3.72
N THR D 147 12.03 8.59 4.80
CA THR D 147 12.62 7.27 4.89
C THR D 147 11.67 6.14 4.52
N LYS D 148 10.45 6.47 4.10
CA LYS D 148 9.38 5.50 3.92
C LYS D 148 8.68 5.58 2.55
N ILE D 149 9.37 6.10 1.54
CA ILE D 149 8.81 6.14 0.18
C ILE D 149 9.17 4.82 -0.48
N GLU D 150 8.19 4.05 -0.90
CA GLU D 150 8.44 2.70 -1.41
C GLU D 150 7.89 2.51 -2.82
N GLY D 151 8.67 1.87 -3.71
CA GLY D 151 8.17 1.40 -4.96
C GLY D 151 7.60 -0.01 -4.79
N SER D 152 7.23 -0.65 -5.89
CA SER D 152 6.62 -1.98 -5.88
CA SER D 152 6.65 -1.99 -5.84
C SER D 152 7.43 -2.98 -6.64
N VAL D 153 7.41 -4.23 -6.17
CA VAL D 153 7.98 -5.32 -6.88
C VAL D 153 6.82 -6.14 -7.44
N ILE D 154 6.84 -6.34 -8.77
CA ILE D 154 5.72 -6.86 -9.55
C ILE D 154 6.05 -8.27 -10.00
N ASP D 155 5.12 -9.20 -9.86
CA ASP D 155 5.35 -10.54 -10.39
C ASP D 155 4.62 -10.57 -11.73
N ALA D 156 5.36 -10.34 -12.81
CA ALA D 156 4.73 -10.19 -14.12
C ALA D 156 4.29 -11.54 -14.69
N GLY D 157 3.02 -11.64 -15.07
CA GLY D 157 2.55 -12.86 -15.75
C GLY D 157 3.30 -13.16 -17.05
N MET D 158 3.50 -12.12 -17.87
CA MET D 158 4.05 -12.30 -19.19
C MET D 158 3.37 -13.43 -19.94
N PRO D 159 2.06 -13.35 -20.10
CA PRO D 159 1.32 -14.52 -20.60
C PRO D 159 1.65 -14.94 -22.03
N TYR D 160 2.09 -13.98 -22.85
CA TYR D 160 2.52 -14.25 -24.22
C TYR D 160 3.98 -14.79 -24.33
N LEU D 161 4.72 -14.88 -23.22
CA LEU D 161 6.13 -15.25 -23.25
C LEU D 161 6.41 -16.50 -22.39
N PRO D 162 6.59 -17.66 -23.03
CA PRO D 162 6.74 -18.88 -22.28
C PRO D 162 8.04 -18.89 -21.45
N ASP D 163 7.99 -19.51 -20.27
CA ASP D 163 9.16 -19.63 -19.42
C ASP D 163 9.88 -18.30 -19.19
N SER D 164 9.11 -17.26 -18.94
CA SER D 164 9.68 -15.93 -18.80
C SER D 164 10.54 -15.87 -17.55
N GLU D 165 11.62 -15.10 -17.64
CA GLU D 165 12.47 -14.79 -16.49
C GLU D 165 12.65 -13.27 -16.43
N ILE D 166 11.64 -12.62 -15.86
CA ILE D 166 11.53 -11.19 -15.82
C ILE D 166 11.50 -10.75 -14.36
N PHE D 167 12.35 -9.79 -14.04
CA PHE D 167 12.36 -9.13 -12.76
C PHE D 167 11.89 -7.71 -12.99
N ALA D 168 10.78 -7.32 -12.35
CA ALA D 168 10.13 -6.05 -12.63
C ALA D 168 9.72 -5.33 -11.34
N TYR D 169 9.90 -4.01 -11.34
CA TYR D 169 9.63 -3.18 -10.18
C TYR D 169 9.44 -1.74 -10.56
N THR D 170 8.99 -0.90 -9.61
CA THR D 170 8.92 0.52 -9.80
C THR D 170 9.81 1.23 -8.79
N ARG D 171 10.37 2.34 -9.25
CA ARG D 171 11.10 3.28 -8.42
C ARG D 171 10.32 4.52 -8.31
N LYS D 172 10.37 5.15 -7.16
CA LYS D 172 9.76 6.47 -7.04
C LYS D 172 10.92 7.46 -7.00
N GLU D 173 10.98 8.35 -7.97
CA GLU D 173 12.06 9.32 -8.04
C GLU D 173 11.45 10.67 -7.70
N PRO D 174 12.26 11.60 -7.18
CA PRO D 174 11.72 12.95 -7.02
C PRO D 174 11.30 13.52 -8.38
N VAL D 175 10.21 14.26 -8.41
CA VAL D 175 9.75 14.81 -9.67
C VAL D 175 10.74 15.81 -10.22
N GLY D 176 11.48 16.47 -9.33
CA GLY D 176 12.59 17.35 -9.73
C GLY D 176 12.56 18.71 -9.11
N VAL D 177 12.60 19.74 -9.96
CA VAL D 177 12.51 21.10 -9.50
C VAL D 177 11.03 21.52 -9.46
N VAL D 178 10.59 22.03 -8.32
CA VAL D 178 9.18 22.41 -8.12
C VAL D 178 9.02 23.93 -7.99
N GLY D 179 8.18 24.52 -8.83
CA GLY D 179 7.77 25.90 -8.67
C GLY D 179 6.48 25.95 -7.86
N ALA D 180 6.47 26.75 -6.80
CA ALA D 180 5.37 26.79 -5.86
C ALA D 180 4.91 28.21 -5.74
N ILE D 181 3.61 28.44 -6.02
CA ILE D 181 3.04 29.75 -5.97
C ILE D 181 1.85 29.70 -5.01
N ILE D 182 1.84 30.60 -4.04
CA ILE D 182 0.89 30.52 -2.96
C ILE D 182 0.17 31.82 -2.66
N PRO D 183 -1.03 31.70 -2.08
CA PRO D 183 -1.89 32.82 -1.78
C PRO D 183 -1.55 33.45 -0.43
N TRP D 184 -2.31 34.48 -0.10
CA TRP D 184 -2.00 35.36 1.01
C TRP D 184 -2.74 35.02 2.29
N ASN D 185 -3.61 34.02 2.24
CA ASN D 185 -4.58 33.85 3.35
C ASN D 185 -4.03 33.03 4.51
N PHE D 186 -3.08 32.12 4.21
CA PHE D 186 -2.33 31.35 5.22
C PHE D 186 -0.87 31.30 4.75
N PRO D 187 -0.18 32.45 4.84
CA PRO D 187 1.12 32.53 4.12
C PRO D 187 2.14 31.48 4.58
N LEU D 188 2.43 31.39 5.88
CA LEU D 188 3.45 30.45 6.36
C LEU D 188 2.99 28.99 6.20
N LEU D 189 1.73 28.74 6.51
CA LEU D 189 1.19 27.39 6.47
C LEU D 189 1.21 26.84 5.01
N MET D 190 0.78 27.66 4.04
CA MET D 190 0.81 27.23 2.65
CA MET D 190 0.78 27.27 2.63
C MET D 190 2.21 27.03 2.10
N ALA D 191 3.14 27.85 2.56
CA ALA D 191 4.56 27.63 2.22
C ALA D 191 5.03 26.27 2.69
N ALA D 192 4.69 25.92 3.93
CA ALA D 192 5.04 24.64 4.47
C ALA D 192 4.43 23.50 3.69
N TRP D 193 3.14 23.65 3.34
CA TRP D 193 2.50 22.62 2.57
C TRP D 193 3.22 22.32 1.24
N LYS D 194 3.76 23.33 0.58
CA LYS D 194 4.37 23.13 -0.74
C LYS D 194 5.82 22.72 -0.58
N ILE D 195 6.50 23.26 0.39
CA ILE D 195 7.91 22.97 0.56
C ILE D 195 8.15 21.59 1.22
N ALA D 196 7.41 21.25 2.26
CA ALA D 196 7.74 20.03 3.03
C ALA D 196 7.73 18.73 2.21
N PRO D 197 6.72 18.50 1.39
CA PRO D 197 6.71 17.26 0.62
C PRO D 197 7.83 17.21 -0.42
N ALA D 198 8.22 18.38 -0.91
CA ALA D 198 9.34 18.49 -1.80
C ALA D 198 10.68 18.09 -1.13
N LEU D 199 10.93 18.57 0.07
CA LEU D 199 12.09 18.22 0.77
C LEU D 199 12.13 16.70 1.12
N ALA D 200 11.00 16.16 1.50
CA ALA D 200 10.92 14.77 1.92
C ALA D 200 11.24 13.83 0.75
N THR D 201 10.87 14.20 -0.48
CA THR D 201 11.07 13.38 -1.65
C THR D 201 12.39 13.65 -2.37
N GLY D 202 13.09 14.71 -1.99
CA GLY D 202 14.38 15.03 -2.62
C GLY D 202 14.25 16.04 -3.76
N CYS D 203 13.09 16.69 -3.88
CA CYS D 203 12.94 17.78 -4.86
C CYS D 203 13.71 19.02 -4.36
N THR D 204 13.84 19.99 -5.26
CA THR D 204 14.23 21.36 -4.90
C THR D 204 13.07 22.28 -5.27
N VAL D 205 13.08 23.50 -4.73
CA VAL D 205 11.86 24.35 -4.80
C VAL D 205 12.21 25.81 -5.04
N VAL D 206 11.45 26.45 -5.90
CA VAL D 206 11.40 27.93 -6.01
C VAL D 206 10.00 28.37 -5.52
N LEU D 207 9.96 29.08 -4.42
CA LEU D 207 8.72 29.54 -3.84
C LEU D 207 8.47 31.00 -4.16
N LYS D 208 7.24 31.31 -4.58
CA LYS D 208 6.84 32.67 -4.83
C LYS D 208 5.66 33.00 -3.87
N PRO D 209 5.94 33.66 -2.74
CA PRO D 209 4.86 34.02 -1.84
C PRO D 209 3.97 35.11 -2.42
N ALA D 210 2.76 35.27 -1.87
CA ALA D 210 1.82 36.23 -2.40
C ALA D 210 2.42 37.64 -2.24
N GLU D 211 2.14 38.53 -3.19
CA GLU D 211 2.67 39.90 -3.10
C GLU D 211 2.15 40.59 -1.85
N ASP D 212 0.93 40.26 -1.41
CA ASP D 212 0.39 40.88 -0.18
C ASP D 212 0.98 40.39 1.15
N THR D 213 1.63 39.23 1.16
CA THR D 213 2.11 38.63 2.41
C THR D 213 3.47 37.89 2.21
N PRO D 214 4.52 38.64 1.97
CA PRO D 214 5.85 38.04 1.78
C PRO D 214 6.67 37.71 3.02
N LEU D 215 6.31 38.26 4.17
CA LEU D 215 7.25 38.31 5.27
C LEU D 215 7.53 37.00 5.99
N SER D 216 6.51 36.22 6.29
CA SER D 216 6.78 34.97 7.01
C SER D 216 7.62 33.98 6.17
N ALA D 217 7.44 34.03 4.84
CA ALA D 217 8.20 33.17 3.95
C ALA D 217 9.67 33.53 3.99
N LEU D 218 9.97 34.82 4.01
CA LEU D 218 11.35 35.24 4.12
C LEU D 218 11.96 34.81 5.46
N ARG D 219 11.22 34.93 6.57
CA ARG D 219 11.75 34.48 7.84
C ARG D 219 11.95 32.94 7.82
N LEU D 220 11.04 32.22 7.18
CA LEU D 220 11.20 30.75 7.05
C LEU D 220 12.50 30.42 6.29
N GLY D 221 12.84 31.21 5.27
CA GLY D 221 14.06 31.06 4.58
C GLY D 221 15.25 31.05 5.51
N GLU D 222 15.25 31.95 6.48
CA GLU D 222 16.34 32.06 7.46
C GLU D 222 16.40 30.75 8.28
N LEU D 223 15.24 30.24 8.67
CA LEU D 223 15.17 28.99 9.47
C LEU D 223 15.63 27.78 8.66
N ILE D 224 15.32 27.78 7.37
CA ILE D 224 15.77 26.72 6.46
C ILE D 224 17.32 26.71 6.41
N GLN D 225 17.93 27.89 6.28
CA GLN D 225 19.36 27.97 6.27
C GLN D 225 19.92 27.50 7.61
N ALA D 226 19.30 27.94 8.70
CA ALA D 226 19.78 27.61 10.01
C ALA D 226 19.67 26.11 10.25
N ALA D 227 18.70 25.46 9.62
CA ALA D 227 18.54 24.01 9.77
C ALA D 227 19.64 23.22 9.04
N GLY D 228 20.25 23.82 8.04
CA GLY D 228 21.43 23.23 7.35
C GLY D 228 21.13 22.73 5.95
N PHE D 229 19.99 23.09 5.37
CA PHE D 229 19.72 22.64 4.00
C PHE D 229 20.78 23.19 3.04
N PRO D 230 21.25 22.40 2.09
CA PRO D 230 22.17 22.93 1.11
C PRO D 230 21.61 24.11 0.30
N ASP D 231 22.50 24.98 -0.12
CA ASP D 231 22.10 26.16 -0.90
C ASP D 231 21.38 25.73 -2.17
N GLY D 232 20.30 26.44 -2.48
CA GLY D 232 19.56 26.23 -3.70
C GLY D 232 18.46 25.19 -3.61
N VAL D 233 18.40 24.48 -2.49
CA VAL D 233 17.34 23.49 -2.30
C VAL D 233 15.98 24.18 -2.11
N VAL D 234 15.98 25.31 -1.41
CA VAL D 234 14.84 26.21 -1.34
C VAL D 234 15.27 27.63 -1.72
N ASN D 235 14.52 28.21 -2.65
CA ASN D 235 14.73 29.58 -3.12
C ASN D 235 13.42 30.30 -2.97
N ILE D 236 13.47 31.58 -2.59
CA ILE D 236 12.26 32.39 -2.32
C ILE D 236 12.31 33.76 -3.02
N VAL D 237 11.39 33.99 -3.94
CA VAL D 237 11.36 35.17 -4.79
CA VAL D 237 11.38 35.20 -4.76
C VAL D 237 10.06 35.92 -4.52
N THR D 238 10.15 37.21 -4.22
CA THR D 238 9.02 38.03 -3.90
C THR D 238 8.68 38.91 -5.10
N GLY D 239 7.41 39.25 -5.23
CA GLY D 239 6.97 40.09 -6.33
C GLY D 239 5.54 39.78 -6.74
N TYR D 240 5.12 40.33 -7.88
CA TYR D 240 3.73 40.22 -8.31
C TYR D 240 3.48 38.90 -9.03
N GLY D 241 2.27 38.38 -8.82
CA GLY D 241 1.77 37.22 -9.57
C GLY D 241 1.86 37.35 -11.08
N HIS D 242 1.53 38.52 -11.60
CA HIS D 242 1.51 38.71 -13.04
C HIS D 242 2.89 38.77 -13.69
N THR D 243 3.92 38.95 -12.89
CA THR D 243 5.25 39.05 -13.43
C THR D 243 6.13 37.92 -12.94
N ALA D 244 6.46 37.93 -11.64
CA ALA D 244 7.26 36.88 -11.05
C ALA D 244 6.59 35.51 -11.12
N GLY D 245 5.33 35.45 -10.72
CA GLY D 245 4.57 34.19 -10.77
C GLY D 245 4.49 33.61 -12.15
N ALA D 246 4.18 34.47 -13.11
CA ALA D 246 3.97 34.04 -14.49
C ALA D 246 5.28 33.54 -15.04
N ALA D 247 6.36 34.25 -14.75
CA ALA D 247 7.70 33.80 -15.20
C ALA D 247 8.09 32.44 -14.66
N LEU D 248 7.75 32.18 -13.41
CA LEU D 248 8.05 30.88 -12.82
C LEU D 248 7.27 29.79 -13.57
N SER D 249 5.97 30.02 -13.78
CA SER D 249 5.14 29.02 -14.44
C SER D 249 5.59 28.61 -15.84
N ARG D 250 6.18 29.54 -16.60
CA ARG D 250 6.58 29.27 -17.97
C ARG D 250 8.01 28.75 -18.11
N ASP D 251 8.75 28.64 -17.00
CA ASP D 251 10.15 28.30 -17.12
C ASP D 251 10.22 26.82 -17.48
N PRO D 252 10.87 26.48 -18.60
CA PRO D 252 10.88 25.04 -18.95
C PRO D 252 11.80 24.20 -18.09
N ARG D 253 12.60 24.83 -17.22
CA ARG D 253 13.49 24.09 -16.38
C ARG D 253 12.88 23.63 -15.07
N ILE D 254 11.65 24.03 -14.75
CA ILE D 254 10.93 23.41 -13.65
C ILE D 254 10.28 22.12 -14.17
N ASP D 255 10.05 21.19 -13.26
CA ASP D 255 9.44 19.89 -13.61
C ASP D 255 7.98 19.83 -13.15
N LYS D 256 7.66 20.62 -12.14
CA LYS D 256 6.30 20.63 -11.61
C LYS D 256 5.94 22.02 -11.15
N ILE D 257 4.67 22.41 -11.36
CA ILE D 257 4.12 23.65 -10.78
C ILE D 257 3.05 23.28 -9.75
N ALA D 258 3.13 23.92 -8.58
CA ALA D 258 2.22 23.66 -7.49
C ALA D 258 1.62 24.98 -7.11
N PHE D 259 0.31 25.12 -7.38
CA PHE D 259 -0.34 26.41 -7.32
C PHE D 259 -1.62 26.32 -6.49
N THR D 260 -1.79 27.32 -5.62
CA THR D 260 -3.01 27.54 -4.91
C THR D 260 -3.49 28.99 -5.16
N GLY D 261 -4.77 29.18 -5.51
CA GLY D 261 -5.27 30.49 -5.88
C GLY D 261 -6.61 30.39 -6.58
N SER D 262 -6.98 31.41 -7.35
CA SER D 262 -8.28 31.41 -8.02
C SER D 262 -8.30 30.43 -9.19
N THR D 263 -9.49 29.94 -9.52
CA THR D 263 -9.63 29.06 -10.70
C THR D 263 -9.15 29.76 -11.95
N GLN D 264 -9.44 31.05 -12.08
CA GLN D 264 -9.06 31.79 -13.27
C GLN D 264 -7.55 31.83 -13.42
N THR D 265 -6.85 32.18 -12.36
CA THR D 265 -5.38 32.27 -12.42
C THR D 265 -4.79 30.87 -12.58
N GLY D 266 -5.41 29.88 -11.95
CA GLY D 266 -4.99 28.49 -12.07
C GLY D 266 -4.97 28.01 -13.49
N LYS D 267 -5.97 28.40 -14.25
CA LYS D 267 -5.99 28.00 -15.67
C LYS D 267 -4.84 28.63 -16.42
N THR D 268 -4.58 29.91 -16.18
CA THR D 268 -3.48 30.61 -16.84
C THR D 268 -2.13 29.93 -16.56
N ILE D 269 -1.92 29.60 -15.29
CA ILE D 269 -0.76 28.89 -14.83
C ILE D 269 -0.65 27.53 -15.51
N GLY D 270 -1.75 26.80 -15.54
CA GLY D 270 -1.77 25.48 -16.17
C GLY D 270 -1.48 25.52 -17.64
N HIS D 271 -2.01 26.53 -18.38
CA HIS D 271 -1.70 26.60 -19.80
C HIS D 271 -0.21 26.82 -20.02
N ALA D 272 0.42 27.64 -19.17
CA ALA D 272 1.86 27.87 -19.29
C ALA D 272 2.64 26.60 -18.99
N ALA D 273 2.23 25.90 -17.94
CA ALA D 273 2.82 24.62 -17.62
C ALA D 273 2.74 23.60 -18.75
N LEU D 274 1.55 23.45 -19.29
CA LEU D 274 1.30 22.46 -20.31
C LEU D 274 2.18 22.65 -21.52
N ASP D 275 2.45 23.88 -21.90
CA ASP D 275 3.30 24.10 -23.06
C ASP D 275 4.70 23.51 -22.90
N ASN D 276 5.14 23.32 -21.66
CA ASN D 276 6.42 22.65 -21.38
C ASN D 276 6.23 21.21 -20.86
N MET D 277 5.00 20.72 -20.90
CA MET D 277 4.65 19.42 -20.26
C MET D 277 5.16 19.34 -18.83
N THR D 278 5.06 20.47 -18.14
CA THR D 278 5.29 20.55 -16.70
C THR D 278 4.08 19.91 -15.93
N ARG D 279 4.37 19.08 -14.93
CA ARG D 279 3.31 18.45 -14.14
C ARG D 279 2.67 19.53 -13.30
N MET D 280 1.40 19.36 -12.95
CA MET D 280 0.74 20.41 -12.21
C MET D 280 -0.14 19.88 -11.11
N SER D 281 -0.17 20.62 -10.01
CA SER D 281 -1.13 20.43 -8.95
C SER D 281 -1.81 21.77 -8.72
N LEU D 282 -3.15 21.79 -8.69
CA LEU D 282 -3.91 23.03 -8.66
C LEU D 282 -5.02 22.97 -7.61
N GLU D 283 -4.92 23.85 -6.61
CA GLU D 283 -5.90 23.98 -5.56
C GLU D 283 -6.54 25.33 -5.75
N LEU D 284 -7.79 25.34 -6.20
CA LEU D 284 -8.37 26.53 -6.77
C LEU D 284 -9.52 27.10 -5.95
N GLY D 285 -10.52 27.65 -6.63
CA GLY D 285 -11.62 28.28 -5.92
C GLY D 285 -12.60 27.32 -5.25
N GLY D 286 -13.44 27.89 -4.39
CA GLY D 286 -14.49 27.13 -3.73
C GLY D 286 -15.71 27.96 -3.42
N LYS D 287 -16.81 27.25 -3.25
CA LYS D 287 -18.05 27.80 -2.75
C LYS D 287 -18.71 26.67 -1.96
N SER D 288 -18.06 26.30 -0.87
CA SER D 288 -18.40 25.09 -0.12
C SER D 288 -19.74 25.20 0.62
N PRO D 289 -20.59 24.17 0.52
CA PRO D 289 -21.86 24.17 1.20
C PRO D 289 -21.78 23.55 2.60
N VAL D 290 -22.65 24.01 3.47
CA VAL D 290 -22.82 23.52 4.82
C VAL D 290 -24.27 23.04 4.89
N ILE D 291 -24.49 21.75 5.09
CA ILE D 291 -25.81 21.19 5.12
C ILE D 291 -26.18 20.83 6.54
N VAL D 292 -27.28 21.42 7.03
CA VAL D 292 -27.72 21.16 8.39
C VAL D 292 -29.02 20.36 8.41
N LEU D 293 -28.96 19.16 8.99
CA LEU D 293 -30.12 18.27 9.05
C LEU D 293 -30.99 18.60 10.28
N PRO D 294 -32.27 18.17 10.29
CA PRO D 294 -33.19 18.66 11.29
C PRO D 294 -33.04 18.03 12.66
N ASP D 295 -32.16 17.04 12.82
CA ASP D 295 -31.95 16.41 14.10
C ASP D 295 -30.94 17.12 14.96
N VAL D 296 -30.35 18.22 14.50
CA VAL D 296 -29.22 18.84 15.25
C VAL D 296 -29.59 19.57 16.49
N ASP D 297 -28.62 19.70 17.39
CA ASP D 297 -28.70 20.65 18.47
C ASP D 297 -28.57 22.04 17.83
N LEU D 298 -29.54 22.92 18.06
CA LEU D 298 -29.59 24.21 17.37
C LEU D 298 -28.37 25.10 17.68
N ASP D 299 -27.93 25.13 18.95
CA ASP D 299 -26.78 25.96 19.29
C ASP D 299 -25.48 25.42 18.71
N LYS D 300 -25.29 24.12 18.77
CA LYS D 300 -24.13 23.51 18.17
C LYS D 300 -24.06 23.77 16.63
N ALA D 301 -25.20 23.62 15.98
CA ALA D 301 -25.26 23.83 14.53
C ALA D 301 -24.97 25.28 14.22
N ALA D 302 -25.52 26.20 14.99
CA ALA D 302 -25.35 27.61 14.69
C ALA D 302 -23.90 28.00 14.87
N GLN D 303 -23.29 27.50 15.92
CA GLN D 303 -21.92 27.83 16.21
C GLN D 303 -21.07 27.24 15.08
N GLY D 304 -21.43 26.05 14.62
CA GLY D 304 -20.73 25.41 13.49
C GLY D 304 -20.84 26.15 12.18
N VAL D 305 -22.05 26.62 11.85
CA VAL D 305 -22.28 27.42 10.65
C VAL D 305 -21.50 28.73 10.73
N ALA D 306 -21.58 29.43 11.86
CA ALA D 306 -20.83 30.68 12.02
C ALA D 306 -19.29 30.47 11.87
N ASN D 307 -18.72 29.46 12.54
CA ASN D 307 -17.26 29.17 12.44
CA ASN D 307 -17.30 29.23 12.47
C ASN D 307 -16.88 28.85 11.03
N ALA D 308 -17.73 28.07 10.35
CA ALA D 308 -17.43 27.59 9.01
C ALA D 308 -17.24 28.74 8.03
N ILE D 309 -17.94 29.83 8.24
CA ILE D 309 -17.79 31.00 7.35
C ILE D 309 -16.88 32.09 7.90
N PHE D 310 -16.88 32.35 9.19
CA PHE D 310 -16.13 33.53 9.70
C PHE D 310 -14.69 33.23 10.12
N PHE D 311 -14.35 31.96 10.27
CA PHE D 311 -12.94 31.57 10.46
C PHE D 311 -12.02 32.30 9.44
N ASN D 312 -10.93 32.85 9.95
CA ASN D 312 -9.97 33.61 9.15
C ASN D 312 -10.62 34.68 8.28
N GLN D 313 -11.62 35.36 8.84
CA GLN D 313 -12.40 36.37 8.16
C GLN D 313 -13.03 35.92 6.85
N GLY D 314 -13.33 34.64 6.74
CA GLY D 314 -13.85 34.08 5.50
C GLY D 314 -12.84 33.93 4.38
N GLN D 315 -11.56 34.20 4.65
CA GLN D 315 -10.52 34.12 3.66
C GLN D 315 -9.89 32.72 3.64
N VAL D 316 -10.70 31.78 3.21
CA VAL D 316 -10.40 30.40 3.27
C VAL D 316 -11.02 29.77 2.02
N CYS D 317 -10.23 28.97 1.32
CA CYS D 317 -10.71 28.38 0.08
CA CYS D 317 -10.71 28.40 0.09
C CYS D 317 -11.93 27.50 0.31
N THR D 318 -11.95 26.77 1.42
CA THR D 318 -13.09 25.95 1.78
C THR D 318 -14.12 26.60 2.72
N ALA D 319 -14.14 27.91 2.83
CA ALA D 319 -15.08 28.57 3.68
C ALA D 319 -16.49 28.05 3.41
N GLY D 320 -17.24 27.82 4.48
CA GLY D 320 -18.61 27.37 4.38
C GLY D 320 -19.49 28.52 4.01
N SER D 321 -19.47 28.88 2.74
CA SER D 321 -20.05 30.11 2.28
C SER D 321 -21.55 30.03 1.88
N ARG D 322 -22.06 28.82 1.70
CA ARG D 322 -23.47 28.59 1.45
C ARG D 322 -24.01 27.66 2.53
N ALA D 323 -24.98 28.10 3.30
CA ALA D 323 -25.61 27.23 4.30
C ALA D 323 -27.00 26.80 3.84
N TYR D 324 -27.23 25.50 3.82
CA TYR D 324 -28.52 24.96 3.46
C TYR D 324 -29.03 24.25 4.70
N ILE D 325 -30.08 24.80 5.28
CA ILE D 325 -30.58 24.35 6.58
C ILE D 325 -32.02 23.88 6.44
N HIS D 326 -32.31 22.70 6.99
CA HIS D 326 -33.59 22.11 6.88
C HIS D 326 -34.65 23.06 7.43
N SER D 327 -35.79 23.15 6.73
CA SER D 327 -36.82 24.15 7.01
C SER D 327 -37.39 24.05 8.41
N LYS D 328 -37.49 22.85 8.98
CA LYS D 328 -37.86 22.69 10.37
C LYS D 328 -36.97 23.46 11.36
N VAL D 329 -35.68 23.64 11.07
CA VAL D 329 -34.81 24.36 12.01
C VAL D 329 -34.14 25.64 11.44
N PHE D 330 -34.49 26.03 10.20
CA PHE D 330 -33.86 27.18 9.56
C PHE D 330 -33.93 28.45 10.41
N ASP D 331 -35.12 28.79 10.90
CA ASP D 331 -35.27 30.06 11.60
C ASP D 331 -34.43 30.08 12.87
N GLY D 332 -34.47 29.03 13.64
CA GLY D 332 -33.73 28.99 14.91
C GLY D 332 -32.22 28.98 14.69
N VAL D 333 -31.76 28.25 13.69
CA VAL D 333 -30.33 28.26 13.40
C VAL D 333 -29.86 29.65 12.90
N ILE D 334 -30.58 30.25 11.96
CA ILE D 334 -30.16 31.55 11.42
C ILE D 334 -30.27 32.70 12.42
N GLU D 335 -31.32 32.70 13.25
CA GLU D 335 -31.43 33.63 14.38
CA GLU D 335 -31.42 33.66 14.34
C GLU D 335 -30.14 33.59 15.17
N ARG D 336 -29.73 32.39 15.53
CA ARG D 336 -28.56 32.20 16.35
C ARG D 336 -27.29 32.60 15.63
N VAL D 337 -27.19 32.27 14.36
CA VAL D 337 -26.00 32.63 13.57
C VAL D 337 -25.83 34.14 13.48
N ALA D 338 -26.92 34.85 13.26
CA ALA D 338 -26.90 36.31 13.15
C ALA D 338 -26.45 36.93 14.47
N LYS D 339 -26.90 36.37 15.58
CA LYS D 339 -26.49 36.87 16.90
C LYS D 339 -24.98 36.63 17.06
N ILE D 340 -24.49 35.47 16.65
CA ILE D 340 -23.03 35.16 16.75
C ILE D 340 -22.25 36.16 15.90
N ALA D 341 -22.72 36.38 14.68
CA ALA D 341 -22.05 37.30 13.78
C ALA D 341 -21.89 38.72 14.34
N ALA D 342 -23.00 39.25 14.85
CA ALA D 342 -23.03 40.58 15.43
C ALA D 342 -22.23 40.68 16.73
N SER D 343 -22.01 39.57 17.41
CA SER D 343 -21.24 39.58 18.66
C SER D 343 -19.71 39.48 18.44
N LEU D 344 -19.24 39.09 17.26
CA LEU D 344 -17.80 38.86 17.09
C LEU D 344 -16.98 40.16 17.22
N LYS D 345 -15.90 40.10 18.00
CA LYS D 345 -15.05 41.28 18.26
C LYS D 345 -14.14 41.60 17.10
N ILE D 346 -14.32 42.77 16.52
CA ILE D 346 -13.59 43.18 15.31
C ILE D 346 -12.47 44.07 15.78
N GLY D 347 -11.24 43.81 15.35
CA GLY D 347 -10.13 44.61 15.77
C GLY D 347 -8.81 44.19 15.18
N PRO D 348 -7.75 44.90 15.58
CA PRO D 348 -6.41 44.48 15.15
C PRO D 348 -6.03 43.08 15.62
N GLY D 349 -5.35 42.35 14.74
CA GLY D 349 -4.97 40.96 15.03
C GLY D 349 -4.06 40.81 16.26
N MET D 350 -3.29 41.84 16.58
CA MET D 350 -2.38 41.73 17.70
C MET D 350 -3.09 41.83 19.06
N ASP D 351 -4.36 42.24 19.05
CA ASP D 351 -5.13 42.31 20.30
C ASP D 351 -5.68 40.92 20.59
N PRO D 352 -5.34 40.35 21.76
CA PRO D 352 -5.86 39.04 22.09
C PRO D 352 -7.40 38.96 22.15
N ALA D 353 -8.11 40.06 22.29
CA ALA D 353 -9.56 40.04 22.29
C ALA D 353 -10.17 39.92 20.89
N THR D 354 -9.38 40.13 19.86
CA THR D 354 -9.89 40.15 18.51
C THR D 354 -10.33 38.77 18.04
N GLN D 355 -11.57 38.69 17.53
CA GLN D 355 -12.07 37.47 16.85
C GLN D 355 -12.12 37.59 15.33
N ILE D 356 -12.30 38.80 14.82
CA ILE D 356 -12.33 39.08 13.40
C ILE D 356 -11.33 40.19 13.12
N GLY D 357 -10.25 39.88 12.40
CA GLY D 357 -9.32 40.90 11.92
C GLY D 357 -9.82 41.60 10.66
N PRO D 358 -9.00 42.50 10.10
CA PRO D 358 -9.35 43.13 8.83
C PRO D 358 -9.12 42.17 7.68
N LEU D 359 -9.60 42.51 6.49
CA LEU D 359 -9.22 41.80 5.27
C LEU D 359 -7.81 42.27 4.86
N VAL D 360 -7.21 41.56 3.91
CA VAL D 360 -5.81 41.70 3.67
C VAL D 360 -5.40 42.99 3.01
N SER D 361 -6.30 43.60 2.27
CA SER D 361 -5.97 44.78 1.47
C SER D 361 -7.20 45.61 1.18
N ALA D 362 -6.98 46.83 0.73
CA ALA D 362 -8.05 47.66 0.25
C ALA D 362 -8.75 47.05 -0.94
N LYS D 363 -8.01 46.46 -1.88
CA LYS D 363 -8.61 45.84 -3.06
C LYS D 363 -9.53 44.68 -2.63
N GLN D 364 -9.12 43.92 -1.63
CA GLN D 364 -10.01 42.87 -1.13
C GLN D 364 -11.29 43.38 -0.50
N ARG D 365 -11.17 44.42 0.33
CA ARG D 365 -12.34 45.00 0.87
C ARG D 365 -13.26 45.51 -0.22
N GLU D 366 -12.71 46.17 -1.23
CA GLU D 366 -13.53 46.68 -2.33
CA GLU D 366 -13.52 46.71 -2.34
C GLU D 366 -14.30 45.53 -3.00
N ARG D 367 -13.62 44.41 -3.28
CA ARG D 367 -14.25 43.24 -3.89
C ARG D 367 -15.36 42.65 -3.01
N VAL D 368 -15.07 42.46 -1.73
CA VAL D 368 -16.02 41.85 -0.82
C VAL D 368 -17.26 42.74 -0.64
N CYS D 369 -17.05 44.04 -0.45
CA CYS D 369 -18.19 44.97 -0.35
C CYS D 369 -18.99 45.05 -1.65
N GLY D 370 -18.32 44.93 -2.78
CA GLY D 370 -18.99 44.91 -4.08
C GLY D 370 -19.90 43.70 -4.26
N TYR D 371 -19.46 42.53 -3.74
CA TYR D 371 -20.33 41.39 -3.72
C TYR D 371 -21.54 41.60 -2.83
N ILE D 372 -21.33 42.13 -1.63
CA ILE D 372 -22.44 42.37 -0.75
C ILE D 372 -23.47 43.28 -1.43
N ASP D 373 -22.96 44.35 -2.05
CA ASP D 373 -23.82 45.32 -2.74
C ASP D 373 -24.61 44.67 -3.85
N SER D 374 -23.93 43.79 -4.56
CA SER D 374 -24.54 43.03 -5.61
C SER D 374 -25.74 42.17 -5.12
N GLY D 375 -25.57 41.53 -3.97
CA GLY D 375 -26.62 40.78 -3.32
C GLY D 375 -27.84 41.63 -3.01
N PHE D 376 -27.61 42.79 -2.40
CA PHE D 376 -28.69 43.74 -2.10
C PHE D 376 -29.38 44.10 -3.40
N GLY D 377 -28.60 44.37 -4.43
CA GLY D 377 -29.16 44.73 -5.75
C GLY D 377 -30.05 43.66 -6.36
N GLU D 378 -29.80 42.40 -6.03
CA GLU D 378 -30.59 41.32 -6.58
C GLU D 378 -31.70 40.85 -5.67
N GLY D 379 -31.82 41.44 -4.48
CA GLY D 379 -33.00 41.18 -3.61
C GLY D 379 -32.67 40.45 -2.32
N ALA D 380 -31.39 40.14 -2.09
CA ALA D 380 -30.97 39.51 -0.83
C ALA D 380 -31.04 40.52 0.30
N ARG D 381 -31.25 40.05 1.53
CA ARG D 381 -31.29 40.95 2.68
C ARG D 381 -30.34 40.46 3.74
N ALA D 382 -29.81 41.41 4.50
CA ALA D 382 -28.83 41.09 5.56
C ALA D 382 -29.55 40.77 6.86
N ALA D 383 -29.37 39.57 7.37
CA ALA D 383 -29.79 39.24 8.72
C ALA D 383 -28.78 39.74 9.72
N ALA D 384 -27.56 39.98 9.28
CA ALA D 384 -26.51 40.57 10.11
C ALA D 384 -25.48 41.22 9.23
N GLY D 385 -24.86 42.27 9.74
CA GLY D 385 -23.75 42.92 9.06
C GLY D 385 -24.16 43.74 7.86
N GLY D 386 -23.31 43.75 6.84
CA GLY D 386 -23.61 44.44 5.61
C GLY D 386 -22.98 45.81 5.60
N ARG D 387 -23.08 46.52 6.74
CA ARG D 387 -22.73 47.97 6.90
C ARG D 387 -21.23 48.23 6.93
N ALA D 388 -20.77 49.30 6.29
CA ALA D 388 -19.33 49.63 6.19
C ALA D 388 -18.65 50.00 7.52
N ILE D 389 -17.35 49.67 7.65
CA ILE D 389 -16.60 50.09 8.84
C ILE D 389 -15.62 51.23 8.54
N ASP D 390 -15.89 52.40 9.14
CA ASP D 390 -15.03 53.57 9.00
C ASP D 390 -13.68 53.40 9.65
N GLY D 391 -12.73 54.19 9.22
CA GLY D 391 -11.45 54.26 9.90
C GLY D 391 -10.31 53.52 9.19
N PRO D 392 -9.12 53.59 9.78
CA PRO D 392 -7.99 52.98 9.12
C PRO D 392 -8.12 51.44 9.12
N GLY D 393 -7.46 50.81 8.20
CA GLY D 393 -7.55 49.35 8.15
C GLY D 393 -8.68 48.91 7.23
N PHE D 394 -8.67 47.64 6.86
CA PHE D 394 -9.54 47.13 5.81
C PHE D 394 -10.61 46.21 6.39
N PHE D 395 -11.34 46.77 7.34
CA PHE D 395 -12.29 46.01 8.11
C PHE D 395 -13.66 45.94 7.43
N VAL D 396 -14.28 44.77 7.54
CA VAL D 396 -15.61 44.49 7.04
C VAL D 396 -16.37 43.70 8.11
N GLU D 397 -17.65 44.01 8.29
CA GLU D 397 -18.50 43.27 9.22
C GLU D 397 -18.81 41.86 8.77
N PRO D 398 -18.80 40.92 9.71
CA PRO D 398 -19.35 39.59 9.43
C PRO D 398 -20.81 39.75 8.95
N THR D 399 -21.12 39.16 7.80
CA THR D 399 -22.35 39.44 7.13
C THR D 399 -23.11 38.14 6.80
N VAL D 400 -24.39 38.12 7.12
CA VAL D 400 -25.27 36.99 6.80
C VAL D 400 -26.41 37.47 5.91
N LEU D 401 -26.49 36.90 4.71
CA LEU D 401 -27.51 37.22 3.73
C LEU D 401 -28.53 36.11 3.62
N VAL D 402 -29.83 36.50 3.63
CA VAL D 402 -30.94 35.58 3.44
C VAL D 402 -31.79 36.04 2.27
N ASP D 403 -32.81 35.26 1.93
CA ASP D 403 -33.68 35.54 0.77
C ASP D 403 -32.85 35.51 -0.50
N THR D 404 -31.81 34.70 -0.51
CA THR D 404 -31.01 34.54 -1.70
C THR D 404 -31.57 33.43 -2.56
N THR D 405 -31.20 33.39 -3.82
CA THR D 405 -31.53 32.30 -4.70
C THR D 405 -30.27 31.81 -5.44
N GLN D 406 -30.36 30.63 -6.03
CA GLN D 406 -29.21 30.03 -6.69
C GLN D 406 -28.72 30.84 -7.88
N ALA D 407 -29.58 31.67 -8.48
CA ALA D 407 -29.16 32.51 -9.61
C ALA D 407 -28.35 33.72 -9.22
N MET D 408 -28.33 34.12 -7.94
CA MET D 408 -27.66 35.37 -7.59
C MET D 408 -26.14 35.23 -7.61
N ARG D 409 -25.44 36.30 -7.97
CA ARG D 409 -23.97 36.30 -7.94
C ARG D 409 -23.37 35.90 -6.60
N VAL D 410 -23.92 36.42 -5.50
CA VAL D 410 -23.40 36.08 -4.18
C VAL D 410 -23.48 34.60 -3.88
N VAL D 411 -24.47 33.90 -4.45
CA VAL D 411 -24.56 32.46 -4.25
C VAL D 411 -23.61 31.70 -5.23
N ARG D 412 -23.46 32.17 -6.47
CA ARG D 412 -22.71 31.46 -7.49
CA ARG D 412 -22.69 31.43 -7.46
C ARG D 412 -21.19 31.67 -7.37
N GLU D 413 -20.76 32.88 -6.97
CA GLU D 413 -19.38 33.27 -7.05
C GLU D 413 -18.69 33.30 -5.71
N GLU D 414 -17.40 32.96 -5.71
CA GLU D 414 -16.55 32.99 -4.52
C GLU D 414 -16.28 34.44 -4.12
N ILE D 415 -16.61 34.77 -2.87
CA ILE D 415 -16.50 36.12 -2.33
C ILE D 415 -15.18 36.26 -1.59
N PHE D 416 -14.81 35.23 -0.84
CA PHE D 416 -13.49 35.19 -0.12
C PHE D 416 -13.41 36.27 0.94
N GLY D 417 -14.52 36.39 1.68
CA GLY D 417 -14.63 37.26 2.82
C GLY D 417 -15.71 36.73 3.74
N PRO D 418 -16.02 37.47 4.81
CA PRO D 418 -16.88 36.95 5.85
C PRO D 418 -18.36 37.17 5.50
N VAL D 419 -18.80 36.52 4.44
CA VAL D 419 -20.13 36.71 3.90
C VAL D 419 -20.76 35.34 3.66
N LEU D 420 -21.87 35.10 4.37
CA LEU D 420 -22.63 33.85 4.29
C LEU D 420 -23.90 34.10 3.50
N VAL D 421 -24.29 33.13 2.69
CA VAL D 421 -25.66 33.10 2.17
C VAL D 421 -26.34 31.86 2.76
N ALA D 422 -27.61 32.00 3.18
CA ALA D 422 -28.29 30.92 3.89
C ALA D 422 -29.70 30.72 3.39
N MET D 423 -30.02 29.48 3.08
CA MET D 423 -31.28 29.13 2.45
C MET D 423 -31.83 27.85 3.06
N PRO D 424 -33.19 27.72 3.09
CA PRO D 424 -33.84 26.52 3.58
C PRO D 424 -33.92 25.41 2.53
N PHE D 425 -34.14 24.18 2.98
CA PHE D 425 -34.53 23.08 2.13
C PHE D 425 -35.50 22.17 2.86
N ASP D 426 -36.36 21.51 2.12
CA ASP D 426 -37.36 20.62 2.70
C ASP D 426 -36.98 19.16 2.74
N ASP D 427 -36.12 18.71 1.85
CA ASP D 427 -35.69 17.32 1.89
C ASP D 427 -34.28 17.13 1.39
N VAL D 428 -33.70 16.00 1.75
CA VAL D 428 -32.28 15.77 1.48
CA VAL D 428 -32.27 15.78 1.49
C VAL D 428 -31.95 15.72 0.00
N ASP D 429 -32.85 15.21 -0.84
CA ASP D 429 -32.57 15.23 -2.27
C ASP D 429 -32.35 16.67 -2.77
N THR D 430 -33.19 17.57 -2.29
CA THR D 430 -33.05 18.97 -2.64
C THR D 430 -31.74 19.55 -2.10
N ALA D 431 -31.38 19.22 -0.87
CA ALA D 431 -30.14 19.71 -0.30
C ALA D 431 -28.95 19.27 -1.15
N VAL D 432 -28.98 18.04 -1.65
CA VAL D 432 -27.93 17.52 -2.52
C VAL D 432 -27.86 18.29 -3.85
N GLN D 433 -29.02 18.53 -4.48
CA GLN D 433 -29.06 19.29 -5.71
C GLN D 433 -28.48 20.68 -5.49
N LEU D 434 -28.88 21.34 -4.40
CA LEU D 434 -28.45 22.69 -4.15
C LEU D 434 -26.96 22.72 -3.85
N ALA D 435 -26.49 21.78 -3.04
CA ALA D 435 -25.11 21.73 -2.63
C ALA D 435 -24.16 21.53 -3.81
N ASN D 436 -24.57 20.66 -4.74
CA ASN D 436 -23.77 20.41 -5.93
C ASN D 436 -23.96 21.42 -7.05
N ASP D 437 -24.90 22.34 -6.90
CA ASP D 437 -25.18 23.37 -7.93
C ASP D 437 -24.13 24.50 -7.85
N THR D 438 -22.92 24.15 -8.30
CA THR D 438 -21.75 25.04 -8.26
C THR D 438 -20.75 24.44 -9.24
N PRO D 439 -19.94 25.28 -9.88
CA PRO D 439 -18.84 24.73 -10.64
C PRO D 439 -17.73 24.16 -9.75
N TYR D 440 -17.76 24.48 -8.44
CA TYR D 440 -16.65 24.13 -7.54
C TYR D 440 -16.87 22.79 -6.86
N GLY D 441 -15.91 22.36 -6.08
CA GLY D 441 -16.00 21.06 -5.39
C GLY D 441 -14.85 20.85 -4.44
N LEU D 442 -14.57 21.87 -3.62
CA LEU D 442 -13.39 21.81 -2.76
C LEU D 442 -13.73 21.18 -1.39
N GLY D 443 -14.82 21.66 -0.76
CA GLY D 443 -15.20 21.19 0.53
C GLY D 443 -16.70 21.26 0.74
N ALA D 444 -17.13 20.67 1.86
CA ALA D 444 -18.53 20.64 2.25
C ALA D 444 -18.63 20.12 3.67
N SER D 445 -19.69 20.48 4.40
CA SER D 445 -19.99 19.81 5.65
C SER D 445 -21.47 19.47 5.85
N ILE D 446 -21.66 18.48 6.72
CA ILE D 446 -22.94 17.96 7.10
C ILE D 446 -23.00 18.04 8.62
N TRP D 447 -24.11 18.54 9.15
CA TRP D 447 -24.34 18.71 10.60
C TRP D 447 -25.53 17.90 11.02
N SER D 448 -25.26 16.85 11.80
CA SER D 448 -26.21 15.80 12.13
C SER D 448 -25.55 14.76 13.03
N ASN D 449 -26.38 14.00 13.74
CA ASN D 449 -25.92 12.83 14.50
C ASN D 449 -26.58 11.55 14.01
N ASP D 450 -27.21 11.65 12.84
CA ASP D 450 -28.04 10.58 12.24
C ASP D 450 -27.15 9.73 11.33
N LEU D 451 -26.72 8.57 11.82
CA LEU D 451 -25.76 7.74 11.10
C LEU D 451 -26.23 7.44 9.67
N SER D 452 -27.47 6.97 9.54
CA SER D 452 -28.02 6.59 8.26
CA SER D 452 -28.03 6.59 8.25
C SER D 452 -28.01 7.75 7.27
N ALA D 453 -28.51 8.90 7.71
CA ALA D 453 -28.56 10.08 6.83
C ALA D 453 -27.20 10.54 6.42
N ILE D 454 -26.25 10.53 7.35
CA ILE D 454 -24.90 10.95 7.06
C ILE D 454 -24.28 10.04 6.00
N HIS D 455 -24.37 8.74 6.19
CA HIS D 455 -23.73 7.82 5.27
C HIS D 455 -24.38 7.77 3.91
N LYS D 456 -25.67 8.09 3.84
CA LYS D 456 -26.35 8.20 2.55
CA LYS D 456 -26.36 8.21 2.56
C LYS D 456 -25.94 9.49 1.82
N LEU D 457 -25.58 10.51 2.58
CA LEU D 457 -25.25 11.82 2.01
C LEU D 457 -23.83 12.02 1.59
N VAL D 458 -22.88 11.53 2.39
CA VAL D 458 -21.47 11.69 2.08
C VAL D 458 -21.12 11.31 0.64
N PRO D 459 -21.59 10.16 0.14
CA PRO D 459 -21.26 9.84 -1.25
C PRO D 459 -21.83 10.76 -2.29
N ARG D 460 -22.91 11.49 -1.97
CA ARG D 460 -23.65 12.24 -2.97
C ARG D 460 -23.11 13.65 -3.18
N ILE D 461 -22.28 14.11 -2.27
CA ILE D 461 -21.74 15.47 -2.33
CA ILE D 461 -21.74 15.47 -2.35
C ILE D 461 -20.40 15.48 -3.09
N ALA D 462 -20.32 16.24 -4.17
CA ALA D 462 -19.13 16.21 -4.99
C ALA D 462 -18.13 17.24 -4.48
N ALA D 463 -17.42 16.89 -3.42
CA ALA D 463 -16.40 17.73 -2.88
C ALA D 463 -15.18 16.87 -2.48
N GLY D 464 -14.02 17.47 -2.54
CA GLY D 464 -12.77 16.77 -2.22
C GLY D 464 -12.63 16.42 -0.74
N THR D 465 -13.28 17.20 0.13
CA THR D 465 -13.37 16.88 1.55
C THR D 465 -14.77 17.10 2.01
N VAL D 466 -15.34 16.12 2.72
CA VAL D 466 -16.62 16.28 3.36
C VAL D 466 -16.41 16.13 4.86
N TRP D 467 -16.65 17.20 5.60
CA TRP D 467 -16.61 17.20 7.05
C TRP D 467 -17.99 16.91 7.66
N VAL D 468 -18.02 16.31 8.85
CA VAL D 468 -19.26 16.07 9.56
C VAL D 468 -19.12 16.67 10.95
N ASN D 469 -20.00 17.61 11.27
CA ASN D 469 -19.96 18.34 12.56
C ASN D 469 -18.66 19.09 12.79
N CYS D 470 -18.07 19.54 11.69
CA CYS D 470 -16.96 20.44 11.75
C CYS D 470 -16.82 21.02 10.33
N HIS D 471 -15.82 21.87 10.12
CA HIS D 471 -15.58 22.47 8.77
C HIS D 471 -14.19 23.09 8.75
N SER D 472 -13.52 22.98 7.61
CA SER D 472 -12.18 23.49 7.40
C SER D 472 -11.23 23.07 8.53
N LEU D 473 -11.32 21.83 8.97
CA LEU D 473 -10.40 21.28 9.93
C LEU D 473 -9.36 20.48 9.17
N LEU D 474 -8.11 20.65 9.52
CA LEU D 474 -6.98 20.08 8.81
C LEU D 474 -6.20 19.11 9.69
N ASP D 475 -5.60 18.11 9.06
CA ASP D 475 -4.59 17.31 9.71
C ASP D 475 -3.58 16.88 8.65
N ASN D 476 -2.31 16.85 9.01
CA ASN D 476 -1.26 16.51 8.05
C ASN D 476 -1.38 15.12 7.44
N ALA D 477 -2.07 14.22 8.12
CA ALA D 477 -2.27 12.88 7.59
C ALA D 477 -3.48 12.74 6.65
N LEU D 478 -4.30 13.77 6.52
CA LEU D 478 -5.53 13.69 5.71
C LEU D 478 -5.45 14.57 4.48
N PRO D 479 -5.35 13.96 3.28
CA PRO D 479 -5.24 14.78 2.07
C PRO D 479 -6.42 15.74 1.85
N PHE D 480 -6.10 16.81 1.13
CA PHE D 480 -6.99 17.94 0.88
C PHE D 480 -6.82 18.38 -0.59
N GLY D 481 -7.92 18.63 -1.30
CA GLY D 481 -7.84 19.21 -2.63
C GLY D 481 -9.19 19.13 -3.33
N GLY D 482 -9.23 19.59 -4.56
CA GLY D 482 -10.47 19.81 -5.24
C GLY D 482 -10.95 18.76 -6.20
N MET D 483 -12.28 18.77 -6.37
CA MET D 483 -12.97 18.19 -7.48
C MET D 483 -13.47 19.31 -8.37
N LYS D 484 -13.88 18.94 -9.58
CA LYS D 484 -14.53 19.85 -10.51
C LYS D 484 -13.67 21.11 -10.76
N GLN D 485 -14.22 22.32 -10.75
CA GLN D 485 -13.39 23.52 -11.06
C GLN D 485 -12.51 24.01 -9.89
N SER D 486 -12.53 23.27 -8.80
CA SER D 486 -11.66 23.58 -7.66
C SER D 486 -10.26 22.98 -7.83
N GLY D 487 -10.00 22.34 -8.96
CA GLY D 487 -8.67 21.93 -9.35
C GLY D 487 -8.51 20.43 -9.34
N PHE D 488 -7.27 20.00 -9.27
CA PHE D 488 -6.97 18.58 -9.15
C PHE D 488 -5.59 18.43 -8.48
N GLY D 489 -5.35 17.25 -7.94
CA GLY D 489 -4.19 17.04 -7.08
C GLY D 489 -4.59 17.20 -5.62
N ARG D 490 -3.72 16.72 -4.73
CA ARG D 490 -3.95 16.73 -3.30
C ARG D 490 -2.75 17.27 -2.53
N GLU D 491 -3.06 18.01 -1.46
CA GLU D 491 -2.07 18.42 -0.48
C GLU D 491 -2.16 17.46 0.70
N LEU D 492 -1.09 17.31 1.45
CA LEU D 492 -1.02 16.56 2.71
C LEU D 492 -1.21 15.07 2.57
N GLY D 493 -0.90 14.36 3.64
CA GLY D 493 -1.02 12.91 3.68
C GLY D 493 0.04 12.17 2.89
N ARG D 494 -0.15 10.87 2.79
CA ARG D 494 0.60 10.03 1.88
C ARG D 494 0.41 10.48 0.42
N ALA D 495 -0.77 10.98 0.09
CA ALA D 495 -1.11 11.39 -1.29
C ALA D 495 -0.17 12.44 -1.84
N VAL D 496 0.16 13.46 -1.06
CA VAL D 496 0.97 14.52 -1.61
C VAL D 496 2.40 13.99 -1.88
N ILE D 497 2.87 13.08 -1.06
CA ILE D 497 4.20 12.51 -1.26
C ILE D 497 4.29 11.84 -2.62
N ASP D 498 3.31 11.01 -2.93
CA ASP D 498 3.27 10.37 -4.25
C ASP D 498 3.20 11.40 -5.38
N GLN D 499 2.53 12.52 -5.14
CA GLN D 499 2.46 13.58 -6.14
C GLN D 499 3.70 14.42 -6.33
N TYR D 500 4.70 14.25 -5.48
CA TYR D 500 6.02 14.88 -5.67
C TYR D 500 7.06 13.88 -6.15
N THR D 501 6.61 12.68 -6.51
CA THR D 501 7.51 11.69 -7.15
C THR D 501 7.03 11.39 -8.56
N GLU D 502 7.96 10.86 -9.33
CA GLU D 502 7.69 10.38 -10.69
C GLU D 502 8.02 8.90 -10.65
N SER D 503 7.12 8.06 -11.15
CA SER D 503 7.31 6.62 -11.09
CA SER D 503 7.32 6.62 -11.08
C SER D 503 8.10 6.13 -12.32
N LYS D 504 9.13 5.35 -12.11
CA LYS D 504 9.91 4.73 -13.20
C LYS D 504 9.74 3.21 -13.09
N SER D 505 9.17 2.59 -14.10
CA SER D 505 9.09 1.11 -14.13
C SER D 505 10.40 0.55 -14.69
N VAL D 506 10.86 -0.53 -14.12
CA VAL D 506 12.08 -1.21 -14.55
C VAL D 506 11.74 -2.66 -14.79
N MET D 507 12.15 -3.18 -15.95
CA MET D 507 11.83 -4.55 -16.30
C MET D 507 13.08 -5.19 -16.90
N MET D 508 13.62 -6.16 -16.19
CA MET D 508 14.83 -6.85 -16.57
C MET D 508 14.56 -8.27 -17.03
N ASN D 509 15.00 -8.60 -18.23
CA ASN D 509 14.99 -9.97 -18.68
C ASN D 509 16.33 -10.60 -18.33
N TYR D 510 16.32 -11.49 -17.33
CA TYR D 510 17.53 -12.05 -16.84
C TYR D 510 17.76 -13.47 -17.33
N ALA D 511 17.09 -13.84 -18.41
CA ALA D 511 17.16 -15.19 -18.92
C ALA D 511 18.58 -15.49 -19.44
C1 GOL E . -18.96 -15.61 -14.66
O1 GOL E . -20.23 -15.20 -15.26
C2 GOL E . -17.70 -15.04 -15.37
O2 GOL E . -17.74 -13.60 -15.25
C3 GOL E . -16.36 -15.52 -14.78
O3 GOL E . -15.46 -16.19 -15.68
C1 GOL F . -10.28 8.56 17.96
O1 GOL F . -10.88 8.63 16.64
C2 GOL F . -9.84 9.93 18.51
O2 GOL F . -8.79 9.73 19.49
C3 GOL F . -9.30 10.87 17.42
O3 GOL F . -9.47 12.28 17.64
C1 EDO G . -7.76 15.56 -31.25
O1 EDO G . -7.72 16.51 -32.32
C2 EDO G . -7.92 14.08 -31.63
O2 EDO G . -6.71 13.31 -31.91
C1 EDO H . -12.55 -17.97 -17.13
O1 EDO H . -13.11 -16.65 -16.95
C2 EDO H . -11.10 -17.96 -17.63
O2 EDO H . -10.88 -18.58 -18.95
NA NA I . -7.21 1.27 -41.77
C1 GOL J . 19.54 10.72 32.06
O1 GOL J . 18.86 11.38 33.16
C2 GOL J . 20.34 11.51 30.99
O2 GOL J . 19.66 12.59 30.29
C3 GOL J . 21.66 12.07 31.53
O3 GOL J . 22.50 12.33 30.40
NA NA K . 28.51 -8.62 30.47
C1 GOL L . -14.60 -41.12 -6.21
O1 GOL L . -13.71 -42.16 -6.65
C2 GOL L . -14.93 -40.05 -7.28
O2 GOL L . -14.86 -38.76 -6.64
C3 GOL L . -14.06 -40.05 -8.54
O3 GOL L . -14.28 -38.86 -9.36
NA NA M . -23.63 -35.06 7.99
C1 GOL N . 17.87 31.87 12.30
O1 GOL N . 18.33 33.19 11.93
C2 GOL N . 17.09 31.80 13.60
O2 GOL N . 17.49 30.61 14.35
C3 GOL N . 17.25 33.04 14.47
O3 GOL N . 16.38 32.93 15.62
C1 GOL O . -16.26 32.98 14.83
O1 GOL O . -17.46 32.14 14.62
C2 GOL O . -14.90 32.69 14.13
O2 GOL O . -14.03 33.86 13.96
C3 GOL O . -14.04 31.70 14.89
O3 GOL O . -13.25 30.93 13.95
NA NA P . 0.60 42.42 4.06
#